data_4O4Z
# 
_entry.id   4O4Z 
# 
_audit_conform.dict_name       mmcif_pdbx.dic 
_audit_conform.dict_version    5.381 
_audit_conform.dict_location   http://mmcif.pdb.org/dictionaries/ascii/mmcif_pdbx.dic 
# 
loop_
_database_2.database_id 
_database_2.database_code 
_database_2.pdbx_database_accession 
_database_2.pdbx_DOI 
PDB   4O4Z         pdb_00004o4z 10.2210/pdb4o4z/pdb 
RCSB  RCSB084048   ?            ?                   
WWPDB D_1000084048 ?            ?                   
# 
loop_
_pdbx_database_related.db_name 
_pdbx_database_related.db_id 
_pdbx_database_related.details 
_pdbx_database_related.content_type 
PDB 4O4T 'Murine neuroglobin under 30 bar xenon pressure' unspecified 
PDB 4NWE .                                                unspecified 
PDB 4NWH .                                                unspecified 
PDB 4NXA .                                                unspecified 
PDB 4NXC .                                                unspecified 
# 
_pdbx_database_status.status_code                     REL 
_pdbx_database_status.entry_id                        4O4Z 
_pdbx_database_status.recvd_initial_deposition_date   2013-12-19 
_pdbx_database_status.deposit_site                    RCSB 
_pdbx_database_status.process_site                    PDBJ 
_pdbx_database_status.methods_development_category    ? 
_pdbx_database_status.status_code_sf                  REL 
_pdbx_database_status.status_code_mr                  ? 
_pdbx_database_status.SG_entry                        ? 
_pdbx_database_status.status_code_cs                  ? 
_pdbx_database_status.pdb_format_compatible           Y 
_pdbx_database_status.status_code_nmr_data            ? 
# 
loop_
_audit_author.name 
_audit_author.pdbx_ordinal 
;Colloc'h, N.
;
1 
'Prange, T.'   2 
'Vallone, B.'  3 
# 
_citation.id                        primary 
_citation.title                     
;Crystallographic Studies with Xenon and Nitrous Oxide Provide Evidence for Protein-dependent Processes in the Mechanisms of General Anesthesia
;
_citation.journal_abbrev            Anesthesiology 
_citation.journal_volume            121 
_citation.page_first                1018 
_citation.page_last                 1027 
_citation.year                      2014 
_citation.journal_id_ASTM           ? 
_citation.country                   US 
_citation.journal_id_ISSN           0003-3022 
_citation.journal_id_CSD            ? 
_citation.book_publisher            ? 
_citation.pdbx_database_id_PubMed   25211169 
_citation.pdbx_database_id_DOI      10.1097/ALN.0000000000000435 
# 
loop_
_citation_author.citation_id 
_citation_author.name 
_citation_author.ordinal 
_citation_author.identifier_ORCID 
primary 'Abraini, J.H.' 1 ? 
primary 'Marassio, G.'  2 ? 
primary 'David, H.N.'   3 ? 
primary 'Vallone, B.'   4 ? 
primary 'Prange, T.'    5 ? 
primary 
;Colloc'h, N.
;
6 ? 
# 
_cell.entry_id           4O4Z 
_cell.length_a           89.275 
_cell.length_b           89.275 
_cell.length_c           114.765 
_cell.angle_alpha        90.00 
_cell.angle_beta         90.00 
_cell.angle_gamma        120.00 
_cell.Z_PDB              18 
_cell.pdbx_unique_axis   ? 
_cell.length_a_esd       ? 
_cell.length_b_esd       ? 
_cell.length_c_esd       ? 
_cell.angle_alpha_esd    ? 
_cell.angle_beta_esd     ? 
_cell.angle_gamma_esd    ? 
# 
_symmetry.entry_id                         4O4Z 
_symmetry.space_group_name_H-M             'H 3 2' 
_symmetry.pdbx_full_space_group_name_H-M   ? 
_symmetry.cell_setting                     ? 
_symmetry.Int_Tables_number                155 
_symmetry.space_group_name_Hall            ? 
# 
loop_
_entity.id 
_entity.type 
_entity.src_method 
_entity.pdbx_description 
_entity.formula_weight 
_entity.pdbx_number_of_molecules 
_entity.pdbx_ec 
_entity.pdbx_mutation 
_entity.pdbx_fragment 
_entity.details 
1 polymer     man Neuroglobin                       17306.572 1  ? 'C55S, C120S' ? ? 
2 non-polymer syn 'PROTOPORPHYRIN IX CONTAINING FE' 616.487   1  ? ?             ? ? 
3 non-polymer syn 'SULFATE ION'                     96.063    1  ? ?             ? ? 
4 non-polymer syn 'NITROUS OXIDE'                   44.013    5  ? ?             ? ? 
5 water       nat water                             18.015    62 ? ?             ? ? 
# 
_entity_poly.entity_id                      1 
_entity_poly.type                           'polypeptide(L)' 
_entity_poly.nstd_linkage                   no 
_entity_poly.nstd_monomer                   no 
_entity_poly.pdbx_seq_one_letter_code       
;GSHMERPESELIRQSWRVVSRSPLEHGTVLFARLFALEPSLLPLFQYNGRQFSSPEDSLSSPEFLDHIRKVMLVIDAAVT
NVEDLSSLEEYLTSLGRKHRAVGVRLSSFSTVGESLLYMLEKSLGPDFTPATRTAWSRLYGAVVQAMSRGWDGE
;
_entity_poly.pdbx_seq_one_letter_code_can   
;GSHMERPESELIRQSWRVVSRSPLEHGTVLFARLFALEPSLLPLFQYNGRQFSSPEDSLSSPEFLDHIRKVMLVIDAAVT
NVEDLSSLEEYLTSLGRKHRAVGVRLSSFSTVGESLLYMLEKSLGPDFTPATRTAWSRLYGAVVQAMSRGWDGE
;
_entity_poly.pdbx_strand_id                 A 
_entity_poly.pdbx_target_identifier         ? 
# 
loop_
_entity_poly_seq.entity_id 
_entity_poly_seq.num 
_entity_poly_seq.mon_id 
_entity_poly_seq.hetero 
1 1   GLY n 
1 2   SER n 
1 3   HIS n 
1 4   MET n 
1 5   GLU n 
1 6   ARG n 
1 7   PRO n 
1 8   GLU n 
1 9   SER n 
1 10  GLU n 
1 11  LEU n 
1 12  ILE n 
1 13  ARG n 
1 14  GLN n 
1 15  SER n 
1 16  TRP n 
1 17  ARG n 
1 18  VAL n 
1 19  VAL n 
1 20  SER n 
1 21  ARG n 
1 22  SER n 
1 23  PRO n 
1 24  LEU n 
1 25  GLU n 
1 26  HIS n 
1 27  GLY n 
1 28  THR n 
1 29  VAL n 
1 30  LEU n 
1 31  PHE n 
1 32  ALA n 
1 33  ARG n 
1 34  LEU n 
1 35  PHE n 
1 36  ALA n 
1 37  LEU n 
1 38  GLU n 
1 39  PRO n 
1 40  SER n 
1 41  LEU n 
1 42  LEU n 
1 43  PRO n 
1 44  LEU n 
1 45  PHE n 
1 46  GLN n 
1 47  TYR n 
1 48  ASN n 
1 49  GLY n 
1 50  ARG n 
1 51  GLN n 
1 52  PHE n 
1 53  SER n 
1 54  SER n 
1 55  PRO n 
1 56  GLU n 
1 57  ASP n 
1 58  SER n 
1 59  LEU n 
1 60  SER n 
1 61  SER n 
1 62  PRO n 
1 63  GLU n 
1 64  PHE n 
1 65  LEU n 
1 66  ASP n 
1 67  HIS n 
1 68  ILE n 
1 69  ARG n 
1 70  LYS n 
1 71  VAL n 
1 72  MET n 
1 73  LEU n 
1 74  VAL n 
1 75  ILE n 
1 76  ASP n 
1 77  ALA n 
1 78  ALA n 
1 79  VAL n 
1 80  THR n 
1 81  ASN n 
1 82  VAL n 
1 83  GLU n 
1 84  ASP n 
1 85  LEU n 
1 86  SER n 
1 87  SER n 
1 88  LEU n 
1 89  GLU n 
1 90  GLU n 
1 91  TYR n 
1 92  LEU n 
1 93  THR n 
1 94  SER n 
1 95  LEU n 
1 96  GLY n 
1 97  ARG n 
1 98  LYS n 
1 99  HIS n 
1 100 ARG n 
1 101 ALA n 
1 102 VAL n 
1 103 GLY n 
1 104 VAL n 
1 105 ARG n 
1 106 LEU n 
1 107 SER n 
1 108 SER n 
1 109 PHE n 
1 110 SER n 
1 111 THR n 
1 112 VAL n 
1 113 GLY n 
1 114 GLU n 
1 115 SER n 
1 116 LEU n 
1 117 LEU n 
1 118 TYR n 
1 119 MET n 
1 120 LEU n 
1 121 GLU n 
1 122 LYS n 
1 123 SER n 
1 124 LEU n 
1 125 GLY n 
1 126 PRO n 
1 127 ASP n 
1 128 PHE n 
1 129 THR n 
1 130 PRO n 
1 131 ALA n 
1 132 THR n 
1 133 ARG n 
1 134 THR n 
1 135 ALA n 
1 136 TRP n 
1 137 SER n 
1 138 ARG n 
1 139 LEU n 
1 140 TYR n 
1 141 GLY n 
1 142 ALA n 
1 143 VAL n 
1 144 VAL n 
1 145 GLN n 
1 146 ALA n 
1 147 MET n 
1 148 SER n 
1 149 ARG n 
1 150 GLY n 
1 151 TRP n 
1 152 ASP n 
1 153 GLY n 
1 154 GLU n 
# 
_entity_src_gen.entity_id                          1 
_entity_src_gen.pdbx_src_id                        1 
_entity_src_gen.pdbx_alt_source_flag               sample 
_entity_src_gen.pdbx_seq_type                      ? 
_entity_src_gen.pdbx_beg_seq_num                   ? 
_entity_src_gen.pdbx_end_seq_num                   ? 
_entity_src_gen.gene_src_common_name               mouse 
_entity_src_gen.gene_src_genus                     ? 
_entity_src_gen.pdbx_gene_src_gene                 Ngb 
_entity_src_gen.gene_src_species                   ? 
_entity_src_gen.gene_src_strain                    ? 
_entity_src_gen.gene_src_tissue                    ? 
_entity_src_gen.gene_src_tissue_fraction           ? 
_entity_src_gen.gene_src_details                   ? 
_entity_src_gen.pdbx_gene_src_fragment             ? 
_entity_src_gen.pdbx_gene_src_scientific_name      'Mus musculus' 
_entity_src_gen.pdbx_gene_src_ncbi_taxonomy_id     10090 
_entity_src_gen.pdbx_gene_src_variant              ? 
_entity_src_gen.pdbx_gene_src_cell_line            ? 
_entity_src_gen.pdbx_gene_src_atcc                 ? 
_entity_src_gen.pdbx_gene_src_organ                ? 
_entity_src_gen.pdbx_gene_src_organelle            ? 
_entity_src_gen.pdbx_gene_src_cell                 ? 
_entity_src_gen.pdbx_gene_src_cellular_location    ? 
_entity_src_gen.host_org_common_name               ? 
_entity_src_gen.pdbx_host_org_scientific_name      'Escherichia coli' 
_entity_src_gen.pdbx_host_org_ncbi_taxonomy_id     562 
_entity_src_gen.host_org_genus                     ? 
_entity_src_gen.pdbx_host_org_gene                 ? 
_entity_src_gen.pdbx_host_org_organ                ? 
_entity_src_gen.host_org_species                   ? 
_entity_src_gen.pdbx_host_org_tissue               ? 
_entity_src_gen.pdbx_host_org_tissue_fraction      ? 
_entity_src_gen.pdbx_host_org_strain               ? 
_entity_src_gen.pdbx_host_org_variant              ? 
_entity_src_gen.pdbx_host_org_cell_line            ? 
_entity_src_gen.pdbx_host_org_atcc                 ? 
_entity_src_gen.pdbx_host_org_culture_collection   ? 
_entity_src_gen.pdbx_host_org_cell                 ? 
_entity_src_gen.pdbx_host_org_organelle            ? 
_entity_src_gen.pdbx_host_org_cellular_location    ? 
_entity_src_gen.pdbx_host_org_vector_type          ? 
_entity_src_gen.pdbx_host_org_vector               ? 
_entity_src_gen.host_org_details                   ? 
_entity_src_gen.expression_system_id               ? 
_entity_src_gen.plasmid_name                       ? 
_entity_src_gen.plasmid_details                    ? 
_entity_src_gen.pdbx_description                   ? 
# 
_struct_ref.id                         1 
_struct_ref.db_name                    UNP 
_struct_ref.db_code                    NGB_MOUSE 
_struct_ref.pdbx_db_accession          Q9ER97 
_struct_ref.entity_id                  1 
_struct_ref.pdbx_seq_one_letter_code   
;MERPESELIRQSWRVVSRSPLEHGTVLFARLFALEPSLLPLFQYNGRQFSSPEDCLSSPEFLDHIRKVMLVIDAAVTNVE
DLSSLEEYLTSLGRKHRAVGVRLSSFSTVGESLLYMLEKCLGPDFTPATRTAWSRLYGAVVQAMSRGWDGE
;
_struct_ref.pdbx_align_begin           1 
_struct_ref.pdbx_db_isoform            ? 
# 
_struct_ref_seq.align_id                      1 
_struct_ref_seq.ref_id                        1 
_struct_ref_seq.pdbx_PDB_id_code              4O4Z 
_struct_ref_seq.pdbx_strand_id                A 
_struct_ref_seq.seq_align_beg                 4 
_struct_ref_seq.pdbx_seq_align_beg_ins_code   ? 
_struct_ref_seq.seq_align_end                 154 
_struct_ref_seq.pdbx_seq_align_end_ins_code   ? 
_struct_ref_seq.pdbx_db_accession             Q9ER97 
_struct_ref_seq.db_align_beg                  1 
_struct_ref_seq.pdbx_db_align_beg_ins_code    ? 
_struct_ref_seq.db_align_end                  151 
_struct_ref_seq.pdbx_db_align_end_ins_code    ? 
_struct_ref_seq.pdbx_auth_seq_align_beg       1 
_struct_ref_seq.pdbx_auth_seq_align_end       151 
# 
loop_
_struct_ref_seq_dif.align_id 
_struct_ref_seq_dif.pdbx_pdb_id_code 
_struct_ref_seq_dif.mon_id 
_struct_ref_seq_dif.pdbx_pdb_strand_id 
_struct_ref_seq_dif.seq_num 
_struct_ref_seq_dif.pdbx_pdb_ins_code 
_struct_ref_seq_dif.pdbx_seq_db_name 
_struct_ref_seq_dif.pdbx_seq_db_accession_code 
_struct_ref_seq_dif.db_mon_id 
_struct_ref_seq_dif.pdbx_seq_db_seq_num 
_struct_ref_seq_dif.details 
_struct_ref_seq_dif.pdbx_auth_seq_num 
_struct_ref_seq_dif.pdbx_ordinal 
1 4O4Z SER A 58  ? UNP Q9ER97 CYS 55  'engineered mutation' 55  1 
1 4O4Z SER A 123 ? UNP Q9ER97 CYS 120 'engineered mutation' 120 2 
# 
loop_
_chem_comp.id 
_chem_comp.type 
_chem_comp.mon_nstd_flag 
_chem_comp.name 
_chem_comp.pdbx_synonyms 
_chem_comp.formula 
_chem_comp.formula_weight 
ALA 'L-peptide linking' y ALANINE                           ?                'C3 H7 N O2'       89.093  
ARG 'L-peptide linking' y ARGININE                          ?                'C6 H15 N4 O2 1'   175.209 
ASN 'L-peptide linking' y ASPARAGINE                        ?                'C4 H8 N2 O3'      132.118 
ASP 'L-peptide linking' y 'ASPARTIC ACID'                   ?                'C4 H7 N O4'       133.103 
CYS 'L-peptide linking' y CYSTEINE                          ?                'C3 H7 N O2 S'     121.158 
GLN 'L-peptide linking' y GLUTAMINE                         ?                'C5 H10 N2 O3'     146.144 
GLU 'L-peptide linking' y 'GLUTAMIC ACID'                   ?                'C5 H9 N O4'       147.129 
GLY 'peptide linking'   y GLYCINE                           ?                'C2 H5 N O2'       75.067  
HEM non-polymer         . 'PROTOPORPHYRIN IX CONTAINING FE' HEME             'C34 H32 Fe N4 O4' 616.487 
HIS 'L-peptide linking' y HISTIDINE                         ?                'C6 H10 N3 O2 1'   156.162 
HOH non-polymer         . WATER                             ?                'H2 O'             18.015  
ILE 'L-peptide linking' y ISOLEUCINE                        ?                'C6 H13 N O2'      131.173 
LEU 'L-peptide linking' y LEUCINE                           ?                'C6 H13 N O2'      131.173 
LYS 'L-peptide linking' y LYSINE                            ?                'C6 H15 N2 O2 1'   147.195 
MET 'L-peptide linking' y METHIONINE                        ?                'C5 H11 N O2 S'    149.211 
N2O non-polymer         . 'NITROUS OXIDE'                   'NITROGEN OXIDE' 'N2 O'             44.013  
PHE 'L-peptide linking' y PHENYLALANINE                     ?                'C9 H11 N O2'      165.189 
PRO 'L-peptide linking' y PROLINE                           ?                'C5 H9 N O2'       115.130 
SER 'L-peptide linking' y SERINE                            ?                'C3 H7 N O3'       105.093 
SO4 non-polymer         . 'SULFATE ION'                     ?                'O4 S -2'          96.063  
THR 'L-peptide linking' y THREONINE                         ?                'C4 H9 N O3'       119.119 
TRP 'L-peptide linking' y TRYPTOPHAN                        ?                'C11 H12 N2 O2'    204.225 
TYR 'L-peptide linking' y TYROSINE                          ?                'C9 H11 N O3'      181.189 
VAL 'L-peptide linking' y VALINE                            ?                'C5 H11 N O2'      117.146 
# 
_exptl.entry_id          4O4Z 
_exptl.method            'X-RAY DIFFRACTION' 
_exptl.crystals_number   1 
# 
_exptl_crystal.id                    1 
_exptl_crystal.density_meas          ? 
_exptl_crystal.density_Matthews      2.58 
_exptl_crystal.density_percent_sol   52.42 
_exptl_crystal.description           ? 
_exptl_crystal.F_000                 ? 
_exptl_crystal.preparation           ? 
# 
_exptl_crystal_grow.crystal_id      1 
_exptl_crystal_grow.method          'VAPOR DIFFUSION, HANGING DROP' 
_exptl_crystal_grow.temp            291 
_exptl_crystal_grow.temp_details    ? 
_exptl_crystal_grow.pH              6.5 
_exptl_crystal_grow.pdbx_details    '1.6M ammonium sulphate, 0.1M MES, pH 6.5, VAPOR DIFFUSION, HANGING DROP, temperature 291K' 
_exptl_crystal_grow.pdbx_pH_range   . 
# 
_diffrn.id                     1 
_diffrn.ambient_temp           291 
_diffrn.ambient_temp_details   ? 
_diffrn.crystal_id             1 
# 
_diffrn_detector.diffrn_id              1 
_diffrn_detector.detector               CCD 
_diffrn_detector.type                   'ADSC QUANTUM 210r' 
_diffrn_detector.pdbx_collection_date   2009-10-22 
_diffrn_detector.details                mirrors 
# 
_diffrn_radiation.diffrn_id                        1 
_diffrn_radiation.wavelength_id                    1 
_diffrn_radiation.pdbx_monochromatic_or_laue_m_l   M 
_diffrn_radiation.monochromator                    'Si 111 Channel' 
_diffrn_radiation.pdbx_diffrn_protocol             'SINGLE WAVELENGTH' 
_diffrn_radiation.pdbx_scattering_type             x-ray 
# 
_diffrn_radiation_wavelength.id           1 
_diffrn_radiation_wavelength.wavelength   0.979 
_diffrn_radiation_wavelength.wt           1.0 
# 
_diffrn_source.diffrn_id                   1 
_diffrn_source.source                      SYNCHROTRON 
_diffrn_source.type                        'ESRF BEAMLINE BM16' 
_diffrn_source.pdbx_synchrotron_site       ESRF 
_diffrn_source.pdbx_synchrotron_beamline   BM16 
_diffrn_source.pdbx_wavelength             ? 
_diffrn_source.pdbx_wavelength_list        0.979 
# 
_reflns.entry_id                     4O4Z 
_reflns.observed_criterion_sigma_I   4 
_reflns.observed_criterion_sigma_F   2 
_reflns.d_resolution_low             50 
_reflns.d_resolution_high            1.7 
_reflns.number_obs                   19567 
_reflns.number_all                   ? 
_reflns.percent_possible_obs         99.9 
_reflns.pdbx_Rmerge_I_obs            ? 
_reflns.pdbx_Rsym_value              0.041 
_reflns.pdbx_netI_over_sigmaI        26.1 
_reflns.B_iso_Wilson_estimate        22.1 
_reflns.pdbx_redundancy              7.3 
_reflns.R_free_details               ? 
_reflns.limit_h_max                  ? 
_reflns.limit_h_min                  ? 
_reflns.limit_k_max                  ? 
_reflns.limit_k_min                  ? 
_reflns.limit_l_max                  ? 
_reflns.limit_l_min                  ? 
_reflns.observed_criterion_F_max     ? 
_reflns.observed_criterion_F_min     ? 
_reflns.pdbx_chi_squared             ? 
_reflns.pdbx_scaling_rejects         ? 
_reflns.pdbx_ordinal                 1 
_reflns.pdbx_diffrn_id               1 
# 
_reflns_shell.d_res_high                  1.7 
_reflns_shell.d_res_low                   1.74 
_reflns_shell.percent_possible_all        99.9 
_reflns_shell.Rmerge_I_obs                ? 
_reflns_shell.pdbx_Rsym_value             0.298 
_reflns_shell.meanI_over_sigI_obs         6.4 
_reflns_shell.pdbx_redundancy             7.3 
_reflns_shell.percent_possible_obs        ? 
_reflns_shell.number_unique_all           2835 
_reflns_shell.number_measured_all         ? 
_reflns_shell.number_measured_obs         ? 
_reflns_shell.number_unique_obs           ? 
_reflns_shell.pdbx_chi_squared            ? 
_reflns_shell.pdbx_rejects                ? 
_reflns_shell.pdbx_netI_over_sigmaI_obs   ? 
_reflns_shell.number_possible             ? 
_reflns_shell.Rmerge_F_all                ? 
_reflns_shell.Rmerge_F_obs                ? 
_reflns_shell.Rmerge_I_all                ? 
_reflns_shell.meanI_over_sigI_all         ? 
_reflns_shell.pdbx_Rrim_I_all             ? 
_reflns_shell.pdbx_Rpim_I_all             ? 
_reflns_shell.pdbx_ordinal                1 
_reflns_shell.pdbx_diffrn_id              1 
# 
_refine.entry_id                                 4O4Z 
_refine.ls_number_reflns_obs                     18566 
_refine.ls_number_reflns_all                     ? 
_refine.pdbx_ls_sigma_I                          ? 
_refine.pdbx_ls_sigma_F                          ? 
_refine.pdbx_data_cutoff_high_absF               ? 
_refine.pdbx_data_cutoff_low_absF                ? 
_refine.pdbx_data_cutoff_high_rms_absF           ? 
_refine.ls_d_res_low                             20.00 
_refine.ls_d_res_high                            1.70 
_refine.ls_percent_reflns_obs                    99.82 
_refine.ls_R_factor_obs                          0.17303 
_refine.ls_R_factor_all                          ? 
_refine.ls_R_factor_R_work                       0.17231 
_refine.ls_R_factor_R_free                       0.18768 
_refine.ls_R_factor_R_free_error                 ? 
_refine.ls_R_factor_R_free_error_details         ? 
_refine.ls_percent_reflns_R_free                 5.1 
_refine.ls_number_reflns_R_free                  1001 
_refine.ls_number_parameters                     ? 
_refine.ls_number_restraints                     ? 
_refine.occupancy_min                            ? 
_refine.occupancy_max                            ? 
_refine.correlation_coeff_Fo_to_Fc               0.967 
_refine.correlation_coeff_Fo_to_Fc_free          0.963 
_refine.B_iso_mean                               28.564 
_refine.aniso_B[1][1]                            0.09 
_refine.aniso_B[2][2]                            0.09 
_refine.aniso_B[3][3]                            -0.13 
_refine.aniso_B[1][2]                            0.04 
_refine.aniso_B[1][3]                            0.00 
_refine.aniso_B[2][3]                            0.00 
_refine.solvent_model_details                    MASK 
_refine.solvent_model_param_ksol                 ? 
_refine.solvent_model_param_bsol                 ? 
_refine.pdbx_solvent_vdw_probe_radii             1.20 
_refine.pdbx_solvent_ion_probe_radii             0.80 
_refine.pdbx_solvent_shrinkage_radii             0.80 
_refine.pdbx_ls_cross_valid_method               THROUGHOUT 
_refine.details                                  'HYDROGENS HAVE BEEN USED IF PRESENT IN THE INPUT' 
_refine.pdbx_starting_model                      3GKT 
_refine.pdbx_method_to_determine_struct          'MOLECULAR REPLACEMENT' 
_refine.pdbx_isotropic_thermal_model             ? 
_refine.pdbx_stereochemistry_target_values       'MAXIMUM LIKELIHOOD' 
_refine.pdbx_stereochem_target_val_spec_case     ? 
_refine.pdbx_R_Free_selection_details            RANDOM 
_refine.pdbx_overall_ESU_R                       0.094 
_refine.pdbx_overall_ESU_R_Free                  0.087 
_refine.overall_SU_ML                            0.054 
_refine.pdbx_overall_phase_error                 ? 
_refine.overall_SU_B                             1.603 
_refine.overall_SU_R_Cruickshank_DPI             ? 
_refine.ls_redundancy_reflns_obs                 ? 
_refine.B_iso_min                                ? 
_refine.B_iso_max                                ? 
_refine.overall_SU_R_free                        ? 
_refine.ls_wR_factor_R_free                      ? 
_refine.ls_wR_factor_R_work                      ? 
_refine.overall_FOM_free_R_set                   ? 
_refine.overall_FOM_work_R_set                   ? 
_refine.pdbx_diffrn_id                           1 
_refine.pdbx_refine_id                           'X-RAY DIFFRACTION' 
_refine.pdbx_TLS_residual_ADP_flag               ? 
_refine.pdbx_overall_SU_R_free_Cruickshank_DPI   ? 
_refine.pdbx_overall_SU_R_Blow_DPI               ? 
_refine.pdbx_overall_SU_R_free_Blow_DPI          ? 
# 
_refine_hist.pdbx_refine_id                   'X-RAY DIFFRACTION' 
_refine_hist.cycle_id                         LAST 
_refine_hist.pdbx_number_atoms_protein        1172 
_refine_hist.pdbx_number_atoms_nucleic_acid   0 
_refine_hist.pdbx_number_atoms_ligand         63 
_refine_hist.number_atoms_solvent             62 
_refine_hist.number_atoms_total               1297 
_refine_hist.d_res_high                       1.70 
_refine_hist.d_res_low                        20.00 
# 
loop_
_refine_ls_restr.type 
_refine_ls_restr.dev_ideal 
_refine_ls_restr.dev_ideal_target 
_refine_ls_restr.weight 
_refine_ls_restr.number 
_refine_ls_restr.pdbx_restraint_function 
_refine_ls_restr.pdbx_refine_id 
r_bond_refined_d             0.011  0.019  ? 1286 ? 'X-RAY DIFFRACTION' 
r_bond_other_d               ?      ?      ? ?    ? 'X-RAY DIFFRACTION' 
r_angle_refined_deg          3.022  2.028  ? 1748 ? 'X-RAY DIFFRACTION' 
r_angle_other_deg            ?      ?      ? ?    ? 'X-RAY DIFFRACTION' 
r_dihedral_angle_1_deg       4.040  5.000  ? 149  ? 'X-RAY DIFFRACTION' 
r_dihedral_angle_2_deg       28.717 21.964 ? 56   ? 'X-RAY DIFFRACTION' 
r_dihedral_angle_3_deg       13.183 15.000 ? 215  ? 'X-RAY DIFFRACTION' 
r_dihedral_angle_4_deg       16.932 15.000 ? 14   ? 'X-RAY DIFFRACTION' 
r_chiral_restr               0.091  0.200  ? 184  ? 'X-RAY DIFFRACTION' 
r_gen_planes_refined         0.008  0.021  ? 969  ? 'X-RAY DIFFRACTION' 
r_gen_planes_other           ?      ?      ? ?    ? 'X-RAY DIFFRACTION' 
r_nbd_refined                ?      ?      ? ?    ? 'X-RAY DIFFRACTION' 
r_nbd_other                  ?      ?      ? ?    ? 'X-RAY DIFFRACTION' 
r_nbtor_refined              ?      ?      ? ?    ? 'X-RAY DIFFRACTION' 
r_nbtor_other                ?      ?      ? ?    ? 'X-RAY DIFFRACTION' 
r_xyhbond_nbd_refined        ?      ?      ? ?    ? 'X-RAY DIFFRACTION' 
r_xyhbond_nbd_other          ?      ?      ? ?    ? 'X-RAY DIFFRACTION' 
r_metal_ion_refined          ?      ?      ? ?    ? 'X-RAY DIFFRACTION' 
r_metal_ion_other            ?      ?      ? ?    ? 'X-RAY DIFFRACTION' 
r_symmetry_vdw_refined       ?      ?      ? ?    ? 'X-RAY DIFFRACTION' 
r_symmetry_vdw_other         ?      ?      ? ?    ? 'X-RAY DIFFRACTION' 
r_symmetry_hbond_refined     ?      ?      ? ?    ? 'X-RAY DIFFRACTION' 
r_symmetry_hbond_other       ?      ?      ? ?    ? 'X-RAY DIFFRACTION' 
r_symmetry_metal_ion_refined ?      ?      ? ?    ? 'X-RAY DIFFRACTION' 
r_symmetry_metal_ion_other   ?      ?      ? ?    ? 'X-RAY DIFFRACTION' 
r_mcbond_it                  ?      ?      ? ?    ? 'X-RAY DIFFRACTION' 
r_mcbond_other               ?      ?      ? ?    ? 'X-RAY DIFFRACTION' 
r_mcangle_it                 ?      ?      ? ?    ? 'X-RAY DIFFRACTION' 
r_mcangle_other              ?      ?      ? ?    ? 'X-RAY DIFFRACTION' 
r_scbond_it                  ?      ?      ? ?    ? 'X-RAY DIFFRACTION' 
r_scbond_other               ?      ?      ? ?    ? 'X-RAY DIFFRACTION' 
r_scangle_it                 ?      ?      ? ?    ? 'X-RAY DIFFRACTION' 
r_scangle_other              ?      ?      ? ?    ? 'X-RAY DIFFRACTION' 
r_long_range_B_refined       ?      ?      ? ?    ? 'X-RAY DIFFRACTION' 
r_long_range_B_other         ?      ?      ? ?    ? 'X-RAY DIFFRACTION' 
r_rigid_bond_restr           ?      ?      ? ?    ? 'X-RAY DIFFRACTION' 
r_sphericity_free            ?      ?      ? ?    ? 'X-RAY DIFFRACTION' 
r_sphericity_bonded          ?      ?      ? ?    ? 'X-RAY DIFFRACTION' 
# 
_refine_ls_shell.pdbx_refine_id                   'X-RAY DIFFRACTION' 
_refine_ls_shell.pdbx_total_number_of_bins_used   20 
_refine_ls_shell.d_res_high                       1.700 
_refine_ls_shell.d_res_low                        1.744 
_refine_ls_shell.number_reflns_R_work             1273 
_refine_ls_shell.R_factor_R_work                  0.226 
_refine_ls_shell.percent_reflns_obs               99.85 
_refine_ls_shell.R_factor_R_free                  0.234 
_refine_ls_shell.R_factor_R_free_error            ? 
_refine_ls_shell.percent_reflns_R_free            ? 
_refine_ls_shell.number_reflns_R_free             83 
_refine_ls_shell.number_reflns_all                ? 
_refine_ls_shell.R_factor_all                     ? 
_refine_ls_shell.number_reflns_obs                ? 
_refine_ls_shell.redundancy_reflns_obs            ? 
# 
_struct.entry_id                  4O4Z 
_struct.title                     'MURINE NEUROGLOBIN UNDER 30 BAR PRESSURE NITROUS Oxide' 
_struct.pdbx_model_details        ? 
_struct.pdbx_CASP_flag            ? 
_struct.pdbx_model_type_details   ? 
# 
_struct_keywords.entry_id        4O4Z 
_struct_keywords.pdbx_keywords   'OXYGEN STORAGE/TRANSPORT PROTEIN' 
_struct_keywords.text            'Globin, OXYGEN STORAGE-TRANSPORT PROTEIN complex' 
# 
loop_
_struct_asym.id 
_struct_asym.pdbx_blank_PDB_chainid_flag 
_struct_asym.pdbx_modified 
_struct_asym.entity_id 
_struct_asym.details 
A N N 1 ? 
B N N 2 ? 
C N N 3 ? 
D N N 4 ? 
E N N 4 ? 
F N N 4 ? 
G N N 4 ? 
H N N 4 ? 
I N N 5 ? 
# 
_struct_biol.id        1 
_struct_biol.details   ? 
# 
loop_
_struct_conf.conf_type_id 
_struct_conf.id 
_struct_conf.pdbx_PDB_helix_id 
_struct_conf.beg_label_comp_id 
_struct_conf.beg_label_asym_id 
_struct_conf.beg_label_seq_id 
_struct_conf.pdbx_beg_PDB_ins_code 
_struct_conf.end_label_comp_id 
_struct_conf.end_label_asym_id 
_struct_conf.end_label_seq_id 
_struct_conf.pdbx_end_PDB_ins_code 
_struct_conf.beg_auth_comp_id 
_struct_conf.beg_auth_asym_id 
_struct_conf.beg_auth_seq_id 
_struct_conf.end_auth_comp_id 
_struct_conf.end_auth_asym_id 
_struct_conf.end_auth_seq_id 
_struct_conf.pdbx_PDB_helix_class 
_struct_conf.details 
_struct_conf.pdbx_PDB_helix_length 
HELX_P HELX_P1  1  ARG A 6   ? ARG A 21  ? ARG A 3   ARG A 18  1 ? 16 
HELX_P HELX_P2  2  SER A 22  ? GLU A 38  ? SER A 19  GLU A 35  1 ? 17 
HELX_P HELX_P3  3  PRO A 39  ? PHE A 45  ? PRO A 36  PHE A 42  5 ? 7  
HELX_P HELX_P4  4  SER A 54  ? LEU A 59  ? SER A 51  LEU A 56  1 ? 6  
HELX_P HELX_P5  5  SER A 61  ? ASN A 81  ? SER A 58  ASN A 78  1 ? 21 
HELX_P HELX_P6  6  ASP A 84  ? SER A 87  ? ASP A 81  SER A 84  5 ? 4  
HELX_P HELX_P7  7  LEU A 88  ? GLY A 103 ? LEU A 85  GLY A 100 1 ? 16 
HELX_P HELX_P8  8  SER A 107 ? GLY A 125 ? SER A 104 GLY A 122 1 ? 19 
HELX_P HELX_P9  9  PRO A 126 ? PHE A 128 ? PRO A 123 PHE A 125 5 ? 3  
HELX_P HELX_P10 10 THR A 129 ? ARG A 149 ? THR A 126 ARG A 146 1 ? 21 
HELX_P HELX_P11 11 GLY A 150 ? ASP A 152 ? GLY A 147 ASP A 149 5 ? 3  
# 
_struct_conf_type.id          HELX_P 
_struct_conf_type.criteria    ? 
_struct_conf_type.reference   ? 
# 
loop_
_struct_conn.id 
_struct_conn.conn_type_id 
_struct_conn.pdbx_leaving_atom_flag 
_struct_conn.pdbx_PDB_id 
_struct_conn.ptnr1_label_asym_id 
_struct_conn.ptnr1_label_comp_id 
_struct_conn.ptnr1_label_seq_id 
_struct_conn.ptnr1_label_atom_id 
_struct_conn.pdbx_ptnr1_label_alt_id 
_struct_conn.pdbx_ptnr1_PDB_ins_code 
_struct_conn.pdbx_ptnr1_standard_comp_id 
_struct_conn.ptnr1_symmetry 
_struct_conn.ptnr2_label_asym_id 
_struct_conn.ptnr2_label_comp_id 
_struct_conn.ptnr2_label_seq_id 
_struct_conn.ptnr2_label_atom_id 
_struct_conn.pdbx_ptnr2_label_alt_id 
_struct_conn.pdbx_ptnr2_PDB_ins_code 
_struct_conn.ptnr1_auth_asym_id 
_struct_conn.ptnr1_auth_comp_id 
_struct_conn.ptnr1_auth_seq_id 
_struct_conn.ptnr2_auth_asym_id 
_struct_conn.ptnr2_auth_comp_id 
_struct_conn.ptnr2_auth_seq_id 
_struct_conn.ptnr2_symmetry 
_struct_conn.pdbx_ptnr3_label_atom_id 
_struct_conn.pdbx_ptnr3_label_seq_id 
_struct_conn.pdbx_ptnr3_label_comp_id 
_struct_conn.pdbx_ptnr3_label_asym_id 
_struct_conn.pdbx_ptnr3_label_alt_id 
_struct_conn.pdbx_ptnr3_PDB_ins_code 
_struct_conn.details 
_struct_conn.pdbx_dist_value 
_struct_conn.pdbx_value_order 
_struct_conn.pdbx_role 
metalc1 metalc ? ? A HIS 67 NE2 ? ? ? 1_555 B HEM . FE ? ? A HIS 64 A HEM 201 1_555 ? ? ? ? ? ? ? 1.982 ? ? 
metalc2 metalc ? ? A HIS 99 NE2 ? ? ? 1_555 B HEM . FE ? ? A HIS 96 A HEM 201 1_555 ? ? ? ? ? ? ? 2.102 ? ? 
# 
_struct_conn_type.id          metalc 
_struct_conn_type.criteria    ? 
_struct_conn_type.reference   ? 
# 
loop_
_struct_site.id 
_struct_site.pdbx_evidence_code 
_struct_site.pdbx_auth_asym_id 
_struct_site.pdbx_auth_comp_id 
_struct_site.pdbx_auth_seq_id 
_struct_site.pdbx_auth_ins_code 
_struct_site.pdbx_num_residues 
_struct_site.details 
AC1 Software A HEM 201 ? 17 'BINDING SITE FOR RESIDUE HEM A 201' 
AC2 Software A SO4 202 ? 6  'BINDING SITE FOR RESIDUE SO4 A 202' 
AC3 Software A N2O 203 ? 3  'BINDING SITE FOR RESIDUE N2O A 203' 
AC4 Software A N2O 204 ? 8  'BINDING SITE FOR RESIDUE N2O A 204' 
AC5 Software A N2O 205 ? 3  'BINDING SITE FOR RESIDUE N2O A 205' 
AC6 Software A N2O 206 ? 4  'BINDING SITE FOR RESIDUE N2O A 206' 
AC7 Software A N2O 207 ? 4  'BINDING SITE FOR RESIDUE N2O A 207' 
# 
loop_
_struct_site_gen.id 
_struct_site_gen.site_id 
_struct_site_gen.pdbx_num_res 
_struct_site_gen.label_comp_id 
_struct_site_gen.label_asym_id 
_struct_site_gen.label_seq_id 
_struct_site_gen.pdbx_auth_ins_code 
_struct_site_gen.auth_comp_id 
_struct_site_gen.auth_asym_id 
_struct_site_gen.auth_seq_id 
_struct_site_gen.label_atom_id 
_struct_site_gen.label_alt_id 
_struct_site_gen.symmetry 
_struct_site_gen.details 
1  AC1 17 LEU A 44  ? LEU A 41  . ? 1_555  ? 
2  AC1 17 PHE A 45  ? PHE A 42  . ? 1_555  ? 
3  AC1 17 TYR A 47  ? TYR A 44  . ? 1_555  ? 
4  AC1 17 HIS A 67  ? HIS A 64  . ? 1_555  ? 
5  AC1 17 LYS A 70  ? LYS A 67  . ? 1_555  ? 
6  AC1 17 LYS A 70  ? LYS A 67  . ? 18_655 ? 
7  AC1 17 VAL A 71  ? VAL A 68  . ? 1_555  ? 
8  AC1 17 TYR A 91  ? TYR A 88  . ? 1_555  ? 
9  AC1 17 LEU A 95  ? LEU A 92  . ? 1_555  ? 
10 AC1 17 LYS A 98  ? LYS A 95  . ? 1_555  ? 
11 AC1 17 HIS A 99  ? HIS A 96  . ? 1_555  ? 
12 AC1 17 VAL A 104 ? VAL A 101 . ? 1_555  ? 
13 AC1 17 N2O G .   ? N2O A 206 . ? 1_555  ? 
14 AC1 17 HOH I .   ? HOH A 307 . ? 1_555  ? 
15 AC1 17 HOH I .   ? HOH A 312 . ? 18_655 ? 
16 AC1 17 HOH I .   ? HOH A 312 . ? 1_555  ? 
17 AC1 17 HOH I .   ? HOH A 328 . ? 1_555  ? 
18 AC2 6  SER A 22  ? SER A 19  . ? 1_555  ? 
19 AC2 6  PRO A 23  ? PRO A 20  . ? 1_555  ? 
20 AC2 6  LEU A 24  ? LEU A 21  . ? 1_555  ? 
21 AC2 6  GLU A 25  ? GLU A 22  . ? 1_555  ? 
22 AC2 6  ARG A 69  ? ARG A 66  . ? 1_555  ? 
23 AC2 6  HOH I .   ? HOH A 353 . ? 11_565 ? 
24 AC3 3  LYS A 70  ? LYS A 67  . ? 1_555  ? 
25 AC3 3  TYR A 91  ? TYR A 88  . ? 18_655 ? 
26 AC3 3  SER A 94  ? SER A 91  . ? 18_655 ? 
27 AC4 8  PHE A 31  ? PHE A 28  . ? 1_555  ? 
28 AC4 8  ALA A 32  ? ALA A 29  . ? 1_555  ? 
29 AC4 8  PHE A 35  ? PHE A 32  . ? 1_555  ? 
30 AC4 8  PRO A 55  ? PRO A 52  . ? 1_555  ? 
31 AC4 8  SER A 58  ? SER A 55  . ? 1_555  ? 
32 AC4 8  LEU A 59  ? LEU A 56  . ? 1_555  ? 
33 AC4 8  PHE A 64  ? PHE A 61  . ? 1_555  ? 
34 AC4 8  HOH I .   ? HOH A 323 . ? 1_555  ? 
35 AC5 3  LEU A 116 ? LEU A 113 . ? 1_555  ? 
36 AC5 3  TYR A 140 ? TYR A 137 . ? 1_555  ? 
37 AC5 3  VAL A 143 ? VAL A 140 . ? 1_555  ? 
38 AC6 4  LEU A 30  ? LEU A 27  . ? 1_555  ? 
39 AC6 4  VAL A 112 ? VAL A 109 . ? 1_555  ? 
40 AC6 4  TYR A 140 ? TYR A 137 . ? 1_555  ? 
41 AC6 4  HEM B .   ? HEM A 201 . ? 1_555  ? 
42 AC7 4  SER A 20  ? SER A 17  . ? 1_555  ? 
43 AC7 4  MET A 72  ? MET A 69  . ? 1_555  ? 
44 AC7 4  ASP A 76  ? ASP A 73  . ? 1_555  ? 
45 AC7 4  HOH I .   ? HOH A 315 . ? 1_555  ? 
# 
_atom_sites.entry_id                    4O4Z 
_atom_sites.fract_transf_matrix[1][1]   -0.01118989 
_atom_sites.fract_transf_matrix[1][2]   -0.00647484 
_atom_sites.fract_transf_matrix[1][3]   -0.00038387 
_atom_sites.fract_transf_matrix[2][1]   -0.00449289 
_atom_sites.fract_transf_matrix[2][2]   -0.00448561 
_atom_sites.fract_transf_matrix[2][3]   -0.01126861 
_atom_sites.fract_transf_matrix[3][1]   0.00428455 
_atom_sites.fract_transf_matrix[3][2]   -0.00747986 
_atom_sites.fract_transf_matrix[3][3]   0.00126916 
_atom_sites.fract_transf_vector[1]      0.510592 
_atom_sites.fract_transf_vector[2]      0.619228 
_atom_sites.fract_transf_vector[3]      0.298210 
# 
loop_
_atom_type.symbol 
C  
FE 
N  
O  
S  
# 
loop_
_atom_site.group_PDB 
_atom_site.id 
_atom_site.type_symbol 
_atom_site.label_atom_id 
_atom_site.label_alt_id 
_atom_site.label_comp_id 
_atom_site.label_asym_id 
_atom_site.label_entity_id 
_atom_site.label_seq_id 
_atom_site.pdbx_PDB_ins_code 
_atom_site.Cartn_x 
_atom_site.Cartn_y 
_atom_site.Cartn_z 
_atom_site.occupancy 
_atom_site.B_iso_or_equiv 
_atom_site.pdbx_formal_charge 
_atom_site.auth_seq_id 
_atom_site.auth_comp_id 
_atom_site.auth_asym_id 
_atom_site.auth_atom_id 
_atom_site.pdbx_PDB_model_num 
ATOM   1    N  N   . ARG A 1 6   ? 3.219   -6.042  22.714  1.00 77.36 ? 3   ARG A N   1 
ATOM   2    C  CA  . ARG A 1 6   ? 4.112   -5.098  21.986  1.00 76.23 ? 3   ARG A CA  1 
ATOM   3    C  C   . ARG A 1 6   ? 3.474   -3.710  21.966  1.00 75.32 ? 3   ARG A C   1 
ATOM   4    O  O   . ARG A 1 6   ? 2.269   -3.591  21.722  1.00 76.42 ? 3   ARG A O   1 
ATOM   5    C  CB  . ARG A 1 6   ? 4.345   -5.588  20.555  1.00 77.72 ? 3   ARG A CB  1 
ATOM   6    C  CG  . ARG A 1 6   ? 5.705   -5.224  19.978  1.00 80.84 ? 3   ARG A CG  1 
ATOM   7    C  CD  . ARG A 1 6   ? 5.725   -5.358  18.463  1.00 84.62 ? 3   ARG A CD  1 
ATOM   8    N  NE  . ARG A 1 6   ? 5.441   -6.718  17.995  1.00 86.03 ? 3   ARG A NE  1 
ATOM   9    C  CZ  . ARG A 1 6   ? 5.034   -7.026  16.764  1.00 87.47 ? 3   ARG A CZ  1 
ATOM   10   N  NH1 . ARG A 1 6   ? 4.847   -6.077  15.851  1.00 85.72 ? 3   ARG A NH1 1 
ATOM   11   N  NH2 . ARG A 1 6   ? 4.805   -8.291  16.439  1.00 87.87 ? 3   ARG A NH2 1 
ATOM   12   N  N   . PRO A 1 7   ? 4.271   -2.651  22.237  1.00 72.77 ? 4   PRO A N   1 
ATOM   13   C  CA  . PRO A 1 7   ? 3.744   -1.279  22.139  1.00 66.55 ? 4   PRO A CA  1 
ATOM   14   C  C   . PRO A 1 7   ? 3.519   -0.840  20.681  1.00 60.95 ? 4   PRO A C   1 
ATOM   15   O  O   . PRO A 1 7   ? 2.615   -0.048  20.406  1.00 55.77 ? 4   PRO A O   1 
ATOM   16   C  CB  . PRO A 1 7   ? 4.839   -0.434  22.800  1.00 68.39 ? 4   PRO A CB  1 
ATOM   17   C  CG  . PRO A 1 7   ? 6.090   -1.226  22.615  1.00 69.64 ? 4   PRO A CG  1 
ATOM   18   C  CD  . PRO A 1 7   ? 5.682   -2.674  22.671  1.00 71.03 ? 4   PRO A CD  1 
ATOM   19   N  N   . GLU A 1 8   ? 4.335   -1.373  19.772  1.00 55.32 ? 5   GLU A N   1 
ATOM   20   C  CA  . GLU A 1 8   ? 4.251   -1.081  18.341  1.00 53.55 ? 5   GLU A CA  1 
ATOM   21   C  C   . GLU A 1 8   ? 2.909   -1.510  17.748  1.00 47.72 ? 5   GLU A C   1 
ATOM   22   O  O   . GLU A 1 8   ? 2.308   -0.770  16.973  1.00 46.11 ? 5   GLU A O   1 
ATOM   23   C  CB  . GLU A 1 8   ? 5.401   -1.751  17.583  1.00 56.62 ? 5   GLU A CB  1 
ATOM   24   C  CG  . GLU A 1 8   ? 6.787   -1.404  18.107  1.00 61.78 ? 5   GLU A CG  1 
ATOM   25   C  CD  . GLU A 1 8   ? 7.889   -1.795  17.142  1.00 67.07 ? 5   GLU A CD  1 
ATOM   26   O  OE1 . GLU A 1 8   ? 8.078   -3.011  16.901  1.00 71.31 ? 5   GLU A OE1 1 
ATOM   27   O  OE2 . GLU A 1 8   ? 8.572   -0.881  16.627  1.00 68.32 ? 5   GLU A OE2 1 
ATOM   28   N  N   . SER A 1 9   ? 2.442   -2.694  18.135  1.00 44.22 ? 6   SER A N   1 
ATOM   29   C  CA  . SER A 1 9   ? 1.151   -3.227  17.684  1.00 43.17 ? 6   SER A CA  1 
ATOM   30   C  C   . SER A 1 9   ? -0.015  -2.275  17.964  1.00 42.29 ? 6   SER A C   1 
ATOM   31   O  O   . SER A 1 9   ? -0.925  -2.132  17.137  1.00 37.33 ? 6   SER A O   1 
ATOM   32   C  CB  . SER A 1 9   ? 0.885   -4.586  18.332  1.00 46.29 ? 6   SER A CB  1 
ATOM   33   O  OG  . SER A 1 9   ? 1.953   -5.473  18.052  1.00 52.25 ? 6   SER A OG  1 
ATOM   34   N  N   . GLU A 1 10  ? 0.014   -1.631  19.129  1.00 40.41 ? 7   GLU A N   1 
ATOM   35   C  CA  . GLU A 1 10  ? -1.038  -0.701  19.526  1.00 40.15 ? 7   GLU A CA  1 
ATOM   36   C  C   . GLU A 1 10  ? -0.993  0.616   18.736  1.00 35.93 ? 7   GLU A C   1 
ATOM   37   O  O   . GLU A 1 10  ? -2.045  1.182   18.415  1.00 36.81 ? 7   GLU A O   1 
ATOM   38   C  CB  . GLU A 1 10  ? -0.986  -0.446  21.046  1.00 47.44 ? 7   GLU A CB  1 
ATOM   39   C  CG  . GLU A 1 10  ? -2.281  0.086   21.664  1.00 54.83 ? 7   GLU A CG  1 
ATOM   40   C  CD  . GLU A 1 10  ? -3.520  -0.754  21.342  1.00 60.08 ? 7   GLU A CD  1 
ATOM   41   O  OE1 . GLU A 1 10  ? -3.437  -2.007  21.327  1.00 63.65 ? 7   GLU A OE1 1 
ATOM   42   O  OE2 . GLU A 1 10  ? -4.593  -0.152  21.104  1.00 62.19 ? 7   GLU A OE2 1 
ATOM   43   N  N   . LEU A 1 11  ? 0.213   1.091   18.425  1.00 33.75 ? 8   LEU A N   1 
ATOM   44   C  CA  . LEU A 1 11  ? 0.395   2.317   17.634  1.00 32.02 ? 8   LEU A CA  1 
ATOM   45   C  C   . LEU A 1 11  ? -0.179  2.112   16.224  1.00 32.02 ? 8   LEU A C   1 
ATOM   46   O  O   . LEU A 1 11  ? -0.799  3.010   15.646  1.00 32.74 ? 8   LEU A O   1 
ATOM   47   C  CB  . LEU A 1 11  ? 1.871   2.707   17.536  1.00 32.78 ? 8   LEU A CB  1 
ATOM   48   C  CG  . LEU A 1 11  ? 2.519   3.362   18.766  1.00 35.51 ? 8   LEU A CG  1 
ATOM   49   C  CD1 . LEU A 1 11  ? 3.919   3.825   18.418  1.00 36.86 ? 8   LEU A CD1 1 
ATOM   50   C  CD2 . LEU A 1 11  ? 1.684   4.530   19.278  1.00 36.57 ? 8   LEU A CD2 1 
ATOM   51   N  N   . ILE A 1 12  ? 0.027   0.912   15.693  1.00 30.30 ? 9   ILE A N   1 
ATOM   52   C  CA  . ILE A 1 12  ? -0.512  0.550   14.376  1.00 29.36 ? 9   ILE A CA  1 
ATOM   53   C  C   . ILE A 1 12  ? -2.037  0.463   14.397  1.00 31.90 ? 9   ILE A C   1 
ATOM   54   O  O   . ILE A 1 12  ? -2.700  1.096   13.572  1.00 31.61 ? 9   ILE A O   1 
ATOM   55   C  CB  . ILE A 1 12  ? 0.167   -0.725  13.832  1.00 28.65 ? 9   ILE A CB  1 
ATOM   56   C  CG1 . ILE A 1 12  ? 1.605   -0.380  13.428  1.00 28.63 ? 9   ILE A CG1 1 
ATOM   57   C  CG2 . ILE A 1 12  ? -0.616  -1.314  12.657  1.00 27.52 ? 9   ILE A CG2 1 
ATOM   58   C  CD1 . ILE A 1 12  ? 2.485   -1.568  13.110  1.00 32.38 ? 9   ILE A CD1 1 
ATOM   59   N  N   . ARG A 1 13  ? -2.608  -0.277  15.352  1.00 31.31 ? 10  ARG A N   1 
ATOM   60   C  CA  . ARG A 1 13  ? -4.070  -0.416  15.408  1.00 33.58 ? 10  ARG A CA  1 
ATOM   61   C  C   . ARG A 1 13  ? -4.773  0.907   15.609  1.00 32.81 ? 10  ARG A C   1 
ATOM   62   O  O   . ARG A 1 13  ? -5.818  1.142   15.017  1.00 32.19 ? 10  ARG A O   1 
ATOM   63   C  CB  . ARG A 1 13  ? -4.508  -1.370  16.516  1.00 37.67 ? 10  ARG A CB  1 
ATOM   64   C  CG  . ARG A 1 13  ? -4.201  -2.819  16.251  1.00 41.53 ? 10  ARG A CG  1 
ATOM   65   C  CD  . ARG A 1 13  ? -4.739  -3.658  17.396  1.00 48.55 ? 10  ARG A CD  1 
ATOM   66   N  NE  . ARG A 1 13  ? -3.946  -4.866  17.609  1.00 53.14 ? 10  ARG A NE  1 
ATOM   67   C  CZ  . ARG A 1 13  ? -3.985  -5.950  16.834  1.00 58.24 ? 10  ARG A CZ  1 
ATOM   68   N  NH1 . ARG A 1 13  ? -4.772  -6.003  15.757  1.00 55.78 ? 10  ARG A NH1 1 
ATOM   69   N  NH2 . ARG A 1 13  ? -3.219  -6.990  17.139  1.00 62.93 ? 10  ARG A NH2 1 
ATOM   70   N  N   . GLN A 1 14  ? -4.209  1.768   16.453  1.00 33.22 ? 11  GLN A N   1 
ATOM   71   C  CA  . GLN A 1 14  ? -4.841  3.051   16.738  1.00 35.69 ? 11  GLN A CA  1 
ATOM   72   C  C   . GLN A 1 14  ? -4.738  4.040   15.583  1.00 33.50 ? 11  GLN A C   1 
ATOM   73   O  O   . GLN A 1 14  ? -5.686  4.771   15.329  1.00 34.02 ? 11  GLN A O   1 
ATOM   74   C  CB  . GLN A 1 14  ? -4.308  3.669   18.025  1.00 42.90 ? 11  GLN A CB  1 
ATOM   75   C  CG  . GLN A 1 14  ? -5.005  3.118   19.259  1.00 51.43 ? 11  GLN A CG  1 
ATOM   76   C  CD  . GLN A 1 14  ? -4.443  3.686   20.543  1.00 58.51 ? 11  GLN A CD  1 
ATOM   77   O  OE1 . GLN A 1 14  ? -3.785  4.737   20.544  1.00 62.99 ? 11  GLN A OE1 1 
ATOM   78   N  NE2 . GLN A 1 14  ? -4.692  2.991   21.653  1.00 59.24 ? 11  GLN A NE2 1 
ATOM   79   N  N   . SER A 1 15  ? -3.596  4.073   14.894  1.00 30.13 ? 12  SER A N   1 
ATOM   80   C  CA  . SER A 1 15  ? -3.462  4.977   13.743  1.00 28.03 ? 12  SER A CA  1 
ATOM   81   C  C   . SER A 1 15  ? -4.325  4.483   12.578  1.00 27.81 ? 12  SER A C   1 
ATOM   82   O  O   . SER A 1 15  ? -4.949  5.286   11.872  1.00 28.57 ? 12  SER A O   1 
ATOM   83   C  CB  . SER A 1 15  ? -1.997  5.169   13.327  1.00 27.13 ? 12  SER A CB  1 
ATOM   84   O  OG  . SER A 1 15  ? -1.308  3.948   13.209  1.00 28.41 ? 12  SER A OG  1 
ATOM   85   N  N   . TRP A 1 16  ? -4.384  3.166   12.397  1.00 26.68 ? 13  TRP A N   1 
ATOM   86   C  CA  . TRP A 1 16  ? -5.202  2.577   11.333  1.00 27.06 ? 13  TRP A CA  1 
ATOM   87   C  C   . TRP A 1 16  ? -6.666  2.883   11.520  1.00 30.77 ? 13  TRP A C   1 
ATOM   88   O  O   . TRP A 1 16  ? -7.402  3.057   10.543  1.00 29.80 ? 13  TRP A O   1 
ATOM   89   C  CB  . TRP A 1 16  ? -4.967  1.077   11.226  1.00 25.63 ? 13  TRP A CB  1 
ATOM   90   C  CG  . TRP A 1 16  ? -5.654  0.456   10.036  1.00 26.20 ? 13  TRP A CG  1 
ATOM   91   C  CD1 . TRP A 1 16  ? -6.662  -0.499  10.027  1.00 26.39 ? 13  TRP A CD1 1 
ATOM   92   C  CD2 . TRP A 1 16  ? -5.401  0.763   8.619   1.00 26.06 ? 13  TRP A CD2 1 
ATOM   93   N  NE1 . TRP A 1 16  ? -7.044  -0.806  8.735   1.00 27.46 ? 13  TRP A NE1 1 
ATOM   94   C  CE2 . TRP A 1 16  ? -6.319  -0.084  7.844   1.00 26.84 ? 13  TRP A CE2 1 
ATOM   95   C  CE3 . TRP A 1 16  ? -4.526  1.613   7.944   1.00 26.27 ? 13  TRP A CE3 1 
ATOM   96   C  CZ2 . TRP A 1 16  ? -6.347  -0.054  6.447   1.00 26.58 ? 13  TRP A CZ2 1 
ATOM   97   C  CZ3 . TRP A 1 16  ? -4.565  1.626   6.542   1.00 26.25 ? 13  TRP A CZ3 1 
ATOM   98   C  CH2 . TRP A 1 16  ? -5.446  0.811   5.823   1.00 24.71 ? 13  TRP A CH2 1 
ATOM   99   N  N   . ARG A 1 17  ? -7.111  2.956   12.777  1.00 32.66 ? 14  ARG A N   1 
ATOM   100  C  CA  . ARG A 1 17  ? -8.508  3.289   13.075  1.00 37.93 ? 14  ARG A CA  1 
ATOM   101  C  C   . ARG A 1 17  ? -8.928  4.588   12.381  1.00 36.89 ? 14  ARG A C   1 
ATOM   102  O  O   . ARG A 1 17  ? -10.027 4.675   11.828  1.00 39.30 ? 14  ARG A O   1 
ATOM   103  C  CB  . ARG A 1 17  ? -8.735  3.390   14.593  1.00 42.45 ? 14  ARG A CB  1 
ATOM   104  C  CG  . ARG A 1 17  ? -10.197 3.579   14.999  1.00 51.63 ? 14  ARG A CG  1 
ATOM   105  C  CD  . ARG A 1 17  ? -10.408 3.604   16.515  1.00 57.26 ? 14  ARG A CD  1 
ATOM   106  N  NE  . ARG A 1 17  ? -9.708  2.522   17.215  1.00 64.09 ? 14  ARG A NE  1 
ATOM   107  C  CZ  . ARG A 1 17  ? -10.116 1.253   17.273  1.00 69.13 ? 14  ARG A CZ  1 
ATOM   108  N  NH1 . ARG A 1 17  ? -11.235 0.867   16.666  1.00 71.50 ? 14  ARG A NH1 1 
ATOM   109  N  NH2 . ARG A 1 17  ? -9.394  0.357   17.938  1.00 71.69 ? 14  ARG A NH2 1 
ATOM   110  N  N   . VAL A 1 18  ? -8.047  5.586   12.410  1.00 34.77 ? 15  VAL A N   1 
ATOM   111  C  CA  . VAL A 1 18  ? -8.316  6.879   11.783  1.00 35.24 ? 15  VAL A CA  1 
ATOM   112  C  C   . VAL A 1 18  ? -8.474  6.732   10.259  1.00 34.51 ? 15  VAL A C   1 
ATOM   113  O  O   . VAL A 1 18  ? -9.451  7.221   9.685   1.00 34.46 ? 15  VAL A O   1 
ATOM   114  C  CB  . VAL A 1 18  ? -7.221  7.909   12.138  1.00 38.10 ? 15  VAL A CB  1 
ATOM   115  C  CG1 . VAL A 1 18  ? -7.457  9.234   11.423  1.00 39.17 ? 15  VAL A CG1 1 
ATOM   116  C  CG2 . VAL A 1 18  ? -7.177  8.129   13.646  1.00 39.58 ? 15  VAL A CG2 1 
ATOM   117  N  N   . VAL A 1 19  ? -7.534  6.022   9.630   1.00 31.49 ? 16  VAL A N   1 
ATOM   118  C  CA  . VAL A 1 19  ? -7.486  5.864   8.161   1.00 31.11 ? 16  VAL A CA  1 
ATOM   119  C  C   . VAL A 1 19  ? -8.638  5.005   7.631   1.00 31.32 ? 16  VAL A C   1 
ATOM   120  O  O   . VAL A 1 19  ? -9.239  5.303   6.596   1.00 30.79 ? 16  VAL A O   1 
ATOM   121  C  CB  . VAL A 1 19  ? -6.137  5.221   7.717   1.00 32.23 ? 16  VAL A CB  1 
ATOM   122  C  CG1 . VAL A 1 19  ? -6.150  4.876   6.232   1.00 32.28 ? 16  VAL A CG1 1 
ATOM   123  C  CG2 . VAL A 1 19  ? -4.972  6.143   8.026   1.00 34.64 ? 16  VAL A CG2 1 
ATOM   124  N  N   . SER A 1 20  ? -8.955  3.929   8.342   1.00 30.36 ? 17  SER A N   1 
ATOM   125  C  CA  . SER A 1 20  ? -9.897  2.937   7.829   1.00 32.28 ? 17  SER A CA  1 
ATOM   126  C  C   . SER A 1 20  ? -11.350 3.441   7.834   1.00 32.41 ? 17  SER A C   1 
ATOM   127  O  O   . SER A 1 20  ? -12.216 2.799   7.244   1.00 34.41 ? 17  SER A O   1 
ATOM   128  C  CB  . SER A 1 20  ? -9.771  1.627   8.614   1.00 33.15 ? 17  SER A CB  1 
ATOM   129  O  OG  . SER A 1 20  ? -10.114 1.858   9.967   1.00 37.28 ? 17  SER A OG  1 
ATOM   130  N  N   . ARG A 1 21  ? -11.606 4.579   8.489   1.00 31.84 ? 18  ARG A N   1 
ATOM   131  C  CA  . ARG A 1 21  ? -12.941 5.220   8.449   1.00 34.94 ? 18  ARG A CA  1 
ATOM   132  C  C   . ARG A 1 21  ? -13.316 5.627   7.035   1.00 34.65 ? 18  ARG A C   1 
ATOM   133  O  O   . ARG A 1 21  ? -14.480 5.581   6.654   1.00 34.47 ? 18  ARG A O   1 
ATOM   134  C  CB  . ARG A 1 21  ? -13.007 6.464   9.342   1.00 39.97 ? 18  ARG A CB  1 
ATOM   135  C  CG  . ARG A 1 21  ? -12.982 6.153   10.830  1.00 49.16 ? 18  ARG A CG  1 
ATOM   136  C  CD  . ARG A 1 21  ? -13.319 7.364   11.694  1.00 56.45 ? 18  ARG A CD  1 
ATOM   137  N  NE  . ARG A 1 21  ? -12.634 7.304   12.991  1.00 64.03 ? 18  ARG A NE  1 
ATOM   138  C  CZ  . ARG A 1 21  ? -12.966 6.496   14.001  1.00 68.08 ? 18  ARG A CZ  1 
ATOM   139  N  NH1 . ARG A 1 21  ? -12.267 6.526   15.135  1.00 67.27 ? 18  ARG A NH1 1 
ATOM   140  N  NH2 . ARG A 1 21  ? -13.991 5.653   13.888  1.00 72.79 ? 18  ARG A NH2 1 
ATOM   141  N  N   . SER A 1 22  ? -12.325 6.035   6.250   1.00 30.02 ? 19  SER A N   1 
ATOM   142  C  CA  . SER A 1 22  ? -12.615 6.454   4.880   1.00 28.30 ? 19  SER A CA  1 
ATOM   143  C  C   . SER A 1 22  ? -11.511 5.941   3.938   1.00 25.72 ? 19  SER A C   1 
ATOM   144  O  O   . SER A 1 22  ? -10.585 6.696   3.569   1.00 23.10 ? 19  SER A O   1 
ATOM   145  C  CB  . SER A 1 22  ? -12.794 7.968   4.833   1.00 30.26 ? 19  SER A CB  1 
ATOM   146  O  OG  . SER A 1 22  ? -11.656 8.615   5.368   1.00 33.78 ? 19  SER A OG  1 
ATOM   147  N  N   . PRO A 1 23  ? -11.583 4.645   3.594   1.00 22.98 ? 20  PRO A N   1 
ATOM   148  C  CA  . PRO A 1 23  ? -10.467 3.991   2.915   1.00 23.13 ? 20  PRO A CA  1 
ATOM   149  C  C   . PRO A 1 23  ? -10.213 4.506   1.506   1.00 20.16 ? 20  PRO A C   1 
ATOM   150  O  O   . PRO A 1 23  ? -9.040  4.624   1.115   1.00 18.90 ? 20  PRO A O   1 
ATOM   151  C  CB  . PRO A 1 23  ? -10.866 2.515   2.877   1.00 25.14 ? 20  PRO A CB  1 
ATOM   152  C  CG  . PRO A 1 23  ? -12.320 2.471   3.220   1.00 27.30 ? 20  PRO A CG  1 
ATOM   153  C  CD  . PRO A 1 23  ? -12.587 3.664   4.071   1.00 26.22 ? 20  PRO A CD  1 
ATOM   154  N  N   . LEU A 1 24  ? -11.265 4.802   0.747   1.00 17.53 ? 21  LEU A N   1 
ATOM   155  C  CA  . LEU A 1 24  ? -11.017 5.256   -0.640  1.00 17.33 ? 21  LEU A CA  1 
ATOM   156  C  C   . LEU A 1 24  ? -10.405 6.647   -0.632  1.00 16.68 ? 21  LEU A C   1 
ATOM   157  O  O   . LEU A 1 24  ? -9.501  6.922   -1.457  1.00 15.81 ? 21  LEU A O   1 
ATOM   158  C  CB  . LEU A 1 24  ? -12.285 5.235   -1.511  1.00 19.17 ? 21  LEU A CB  1 
ATOM   159  C  CG  . LEU A 1 24  ? -12.091 5.542   -3.005  1.00 19.97 ? 21  LEU A CG  1 
ATOM   160  C  CD1 . LEU A 1 24  ? -11.305 4.420   -3.667  1.00 23.44 ? 21  LEU A CD1 1 
ATOM   161  C  CD2 . LEU A 1 24  ? -13.417 5.742   -3.745  1.00 21.54 ? 21  LEU A CD2 1 
ATOM   162  N  N   . GLU A 1 25  ? -10.898 7.547   0.224   1.00 16.61 ? 22  GLU A N   1 
ATOM   163  C  CA  A GLU A 1 25  ? -10.341 8.906   0.289   0.50 17.51 ? 22  GLU A CA  1 
ATOM   164  C  CA  B GLU A 1 25  ? -10.341 8.904   0.285   0.50 17.59 ? 22  GLU A CA  1 
ATOM   165  C  C   . GLU A 1 25  ? -8.860  8.824   0.638   1.00 17.75 ? 22  GLU A C   1 
ATOM   166  O  O   . GLU A 1 25  ? -8.023  9.488   0.020   1.00 17.33 ? 22  GLU A O   1 
ATOM   167  C  CB  A GLU A 1 25  ? -11.079 9.778   1.311   0.50 19.56 ? 22  GLU A CB  1 
ATOM   168  C  CB  B GLU A 1 25  ? -11.074 9.807   1.285   0.50 19.75 ? 22  GLU A CB  1 
ATOM   169  C  CG  A GLU A 1 25  ? -12.495 10.155  0.910   0.50 22.34 ? 22  GLU A CG  1 
ATOM   170  C  CG  B GLU A 1 25  ? -12.497 10.166  0.894   0.50 22.74 ? 22  GLU A CG  1 
ATOM   171  C  CD  A GLU A 1 25  ? -13.310 10.687  2.078   0.50 24.04 ? 22  GLU A CD  1 
ATOM   172  C  CD  B GLU A 1 25  ? -13.489 9.149   1.407   0.50 24.43 ? 22  GLU A CD  1 
ATOM   173  O  OE1 A GLU A 1 25  ? -12.713 11.206  3.038   0.50 24.92 ? 22  GLU A OE1 1 
ATOM   174  O  OE1 B GLU A 1 25  ? -13.034 8.083   1.869   0.50 25.76 ? 22  GLU A OE1 1 
ATOM   175  O  OE2 A GLU A 1 25  ? -14.552 10.583  2.030   0.50 26.24 ? 22  GLU A OE2 1 
ATOM   176  O  OE2 B GLU A 1 25  ? -14.710 9.398   1.352   0.50 27.09 ? 22  GLU A OE2 1 
ATOM   177  N  N   . HIS A 1 26  ? -8.524  7.990   1.621   1.00 16.69 ? 23  HIS A N   1 
ATOM   178  C  CA  . HIS A 1 26  ? -7.116  7.867   2.014   1.00 16.50 ? 23  HIS A CA  1 
ATOM   179  C  C   . HIS A 1 26  ? -6.280  7.137   0.990   1.00 14.46 ? 23  HIS A C   1 
ATOM   180  O  O   . HIS A 1 26  ? -5.142  7.533   0.766   1.00 13.96 ? 23  HIS A O   1 
ATOM   181  C  CB  . HIS A 1 26  ? -7.009  7.184   3.370   1.00 18.20 ? 23  HIS A CB  1 
ATOM   182  C  CG  . HIS A 1 26  ? -7.449  8.061   4.502   1.00 22.52 ? 23  HIS A CG  1 
ATOM   183  N  ND1 . HIS A 1 26  ? -8.714  8.073   4.958   1.00 24.44 ? 23  HIS A ND1 1 
ATOM   184  C  CD2 . HIS A 1 26  ? -6.760  9.016   5.226   1.00 26.68 ? 23  HIS A CD2 1 
ATOM   185  C  CE1 . HIS A 1 26  ? -8.823  8.990   5.947   1.00 26.64 ? 23  HIS A CE1 1 
ATOM   186  N  NE2 . HIS A 1 26  ? -7.631  9.560   6.115   1.00 28.45 ? 23  HIS A NE2 1 
ATOM   187  N  N   . GLY A 1 27  ? -6.813  6.072   0.365   1.00 12.94 ? 24  GLY A N   1 
ATOM   188  C  CA  . GLY A 1 27  ? -6.057  5.343   -0.676  1.00 12.63 ? 24  GLY A CA  1 
ATOM   189  C  C   . GLY A 1 27  ? -5.835  6.225   -1.904  1.00 12.17 ? 24  GLY A C   1 
ATOM   190  O  O   . GLY A 1 27  ? -4.848  6.082   -2.599  1.00 12.60 ? 24  GLY A O   1 
ATOM   191  N  N   . THR A 1 28  ? -6.747  7.159   -2.151  1.00 12.08 ? 25  THR A N   1 
ATOM   192  C  CA  . THR A 1 28  ? -6.568  8.136   -3.255  1.00 12.30 ? 25  THR A CA  1 
ATOM   193  C  C   . THR A 1 28  ? -5.328  8.994   -3.005  1.00 11.66 ? 25  THR A C   1 
ATOM   194  O  O   . THR A 1 28  ? -4.548  9.240   -3.919  1.00 13.04 ? 25  THR A O   1 
ATOM   195  C  CB  . THR A 1 28  ? -7.828  8.999   -3.418  1.00 13.33 ? 25  THR A CB  1 
ATOM   196  O  OG1 . THR A 1 28  ? -8.898  8.145   -3.824  1.00 14.17 ? 25  THR A OG1 1 
ATOM   197  C  CG2 . THR A 1 28  ? -7.638  10.115  -4.469  1.00 13.96 ? 25  THR A CG2 1 
ATOM   198  N  N   . VAL A 1 29  ? -5.151  9.435   -1.770  1.00 11.99 ? 26  VAL A N   1 
ATOM   199  C  CA  . VAL A 1 29  ? -3.943  10.193  -1.408  1.00 12.14 ? 26  VAL A CA  1 
ATOM   200  C  C   . VAL A 1 29  ? -2.689  9.350   -1.666  1.00 12.34 ? 26  VAL A C   1 
ATOM   201  O  O   . VAL A 1 29  ? -1.697  9.849   -2.197  1.00 12.61 ? 26  VAL A O   1 
ATOM   202  C  CB  . VAL A 1 29  ? -4.001  10.600  0.071   1.00 12.69 ? 26  VAL A CB  1 
ATOM   203  C  CG1 . VAL A 1 29  ? -2.669  11.218  0.505   1.00 14.42 ? 26  VAL A CG1 1 
ATOM   204  C  CG2 . VAL A 1 29  ? -5.142  11.578  0.298   1.00 14.45 ? 26  VAL A CG2 1 
ATOM   205  N  N   . LEU A 1 30  ? -2.694  8.088   -1.203  1.00 11.60 ? 27  LEU A N   1 
ATOM   206  C  CA  . LEU A 1 30  ? -1.579  7.189   -1.411  1.00 12.55 ? 27  LEU A CA  1 
ATOM   207  C  C   . LEU A 1 30  ? -1.198  7.106   -2.900  1.00 11.82 ? 27  LEU A C   1 
ATOM   208  O  O   . LEU A 1 30  ? -0.001  7.248   -3.266  1.00 11.75 ? 27  LEU A O   1 
ATOM   209  C  CB  . LEU A 1 30  ? -1.955  5.776   -0.905  1.00 14.27 ? 27  LEU A CB  1 
ATOM   210  C  CG  . LEU A 1 30  ? -0.793  4.795   -0.668  1.00 17.38 ? 27  LEU A CG  1 
ATOM   211  C  CD1 . LEU A 1 30  ? -1.357  3.608   0.132   1.00 21.41 ? 27  LEU A CD1 1 
ATOM   212  C  CD2 . LEU A 1 30  ? -0.239  4.269   -1.973  1.00 19.81 ? 27  LEU A CD2 1 
ATOM   213  N  N   . PHE A 1 31  ? -2.184  6.895   -3.775  1.00 11.44 ? 28  PHE A N   1 
ATOM   214  C  CA  . PHE A 1 31  ? -1.830  6.710   -5.176  1.00 11.70 ? 28  PHE A CA  1 
ATOM   215  C  C   . PHE A 1 31  ? -1.497  7.997   -5.891  1.00 10.99 ? 28  PHE A C   1 
ATOM   216  O  O   . PHE A 1 31  ? -0.681  7.969   -6.807  1.00 12.07 ? 28  PHE A O   1 
ATOM   217  C  CB  . PHE A 1 31  ? -2.921  5.904   -5.934  1.00 12.50 ? 28  PHE A CB  1 
ATOM   218  C  CG  . PHE A 1 31  ? -2.741  4.451   -5.758  1.00 14.03 ? 28  PHE A CG  1 
ATOM   219  C  CD1 . PHE A 1 31  ? -1.884  3.746   -6.580  1.00 15.29 ? 28  PHE A CD1 1 
ATOM   220  C  CD2 . PHE A 1 31  ? -3.310  3.799   -4.664  1.00 14.79 ? 28  PHE A CD2 1 
ATOM   221  C  CE1 . PHE A 1 31  ? -1.650  2.381   -6.379  1.00 17.06 ? 28  PHE A CE1 1 
ATOM   222  C  CE2 . PHE A 1 31  ? -3.089  2.442   -4.465  1.00 16.01 ? 28  PHE A CE2 1 
ATOM   223  C  CZ  . PHE A 1 31  ? -2.234  1.731   -5.313  1.00 16.99 ? 28  PHE A CZ  1 
ATOM   224  N  N   . ALA A 1 32  ? -2.107  9.106   -5.469  1.00 11.13 ? 29  ALA A N   1 
ATOM   225  C  CA  . ALA A 1 32  ? -1.750  10.420  -6.041  1.00 11.13 ? 29  ALA A CA  1 
ATOM   226  C  C   . ALA A 1 32  ? -0.275  10.703  -5.707  1.00 11.32 ? 29  ALA A C   1 
ATOM   227  O  O   . ALA A 1 32  ? 0.506   11.129  -6.590  1.00 11.77 ? 29  ALA A O   1 
ATOM   228  C  CB  . ALA A 1 32  ? -2.673  11.508  -5.509  1.00 11.72 ? 29  ALA A CB  1 
ATOM   229  N  N   . ARG A 1 33  ? 0.124   10.443  -4.461  1.00 11.04 ? 30  ARG A N   1 
ATOM   230  C  CA  . ARG A 1 33  ? 1.543   10.627  -4.096  1.00 11.48 ? 30  ARG A CA  1 
ATOM   231  C  C   . ARG A 1 33  ? 2.458   9.672   -4.888  1.00 12.10 ? 30  ARG A C   1 
ATOM   232  O  O   . ARG A 1 33  ? 3.542   10.064  -5.360  1.00 11.67 ? 30  ARG A O   1 
ATOM   233  C  CB  . ARG A 1 33  ? 1.715   10.383  -2.584  1.00 11.65 ? 30  ARG A CB  1 
ATOM   234  C  CG  . ARG A 1 33  ? 3.161   10.547  -2.105  1.00 11.31 ? 30  ARG A CG  1 
ATOM   235  C  CD  . ARG A 1 33  ? 3.600   11.985  -2.294  1.00 11.52 ? 30  ARG A CD  1 
ATOM   236  N  NE  . ARG A 1 33  ? 4.834   12.198  -1.518  1.00 12.61 ? 30  ARG A NE  1 
ATOM   237  C  CZ  . ARG A 1 33  ? 5.490   13.359  -1.545  1.00 13.94 ? 30  ARG A CZ  1 
ATOM   238  N  NH1 . ARG A 1 33  ? 5.034   14.333  -2.309  1.00 14.16 ? 30  ARG A NH1 1 
ATOM   239  N  NH2 . ARG A 1 33  ? 6.603   13.501  -0.819  1.00 15.11 ? 30  ARG A NH2 1 
ATOM   240  N  N   . LEU A 1 34  ? 2.023   8.413   -5.035  1.00 10.95 ? 31  LEU A N   1 
ATOM   241  C  CA  . LEU A 1 34  ? 2.829   7.417   -5.765  1.00 11.25 ? 31  LEU A CA  1 
ATOM   242  C  C   . LEU A 1 34  ? 3.120   7.886   -7.184  1.00 11.22 ? 31  LEU A C   1 
ATOM   243  O  O   . LEU A 1 34  ? 4.259   7.764   -7.620  1.00 11.56 ? 31  LEU A O   1 
ATOM   244  C  CB  . LEU A 1 34  ? 2.104   6.062   -5.811  1.00 12.00 ? 31  LEU A CB  1 
ATOM   245  C  CG  . LEU A 1 34  ? 2.908   4.920   -6.435  1.00 13.32 ? 31  LEU A CG  1 
ATOM   246  C  CD1 . LEU A 1 34  ? 4.208   4.690   -5.684  1.00 14.96 ? 31  LEU A CD1 1 
ATOM   247  C  CD2 . LEU A 1 34  ? 2.026   3.666   -6.393  1.00 15.43 ? 31  LEU A CD2 1 
ATOM   248  N  N   . PHE A 1 35  ? 2.121   8.395   -7.906  1.00 11.26 ? 32  PHE A N   1 
ATOM   249  C  CA  . PHE A 1 35  ? 2.385   8.782   -9.278  1.00 12.15 ? 32  PHE A CA  1 
ATOM   250  C  C   . PHE A 1 35  ? 3.192   10.068  -9.362  1.00 13.01 ? 32  PHE A C   1 
ATOM   251  O  O   . PHE A 1 35  ? 3.862   10.293  -10.394 1.00 14.55 ? 32  PHE A O   1 
ATOM   252  C  CB  . PHE A 1 35  ? 1.082   8.940   -10.063 1.00 12.31 ? 32  PHE A CB  1 
ATOM   253  C  CG  . PHE A 1 35  ? 0.334   7.644   -10.269 1.00 12.85 ? 32  PHE A CG  1 
ATOM   254  C  CD1 . PHE A 1 35  ? 1.011   6.453   -10.510 1.00 14.67 ? 32  PHE A CD1 1 
ATOM   255  C  CD2 . PHE A 1 35  ? -1.056  7.654   -10.276 1.00 14.18 ? 32  PHE A CD2 1 
ATOM   256  C  CE1 . PHE A 1 35  ? 0.299   5.249   -10.708 1.00 16.43 ? 32  PHE A CE1 1 
ATOM   257  C  CE2 . PHE A 1 35  ? -1.776  6.472   -10.494 1.00 14.38 ? 32  PHE A CE2 1 
ATOM   258  C  CZ  . PHE A 1 35  ? -1.096  5.276   -10.707 1.00 15.28 ? 32  PHE A CZ  1 
ATOM   259  N  N   . ALA A 1 36  ? 3.111   10.905  -8.327  1.00 12.93 ? 33  ALA A N   1 
ATOM   260  C  CA  . ALA A 1 36  ? 3.961   12.115  -8.265  1.00 13.45 ? 33  ALA A CA  1 
ATOM   261  C  C   . ALA A 1 36  ? 5.423   11.749  -8.121  1.00 14.93 ? 33  ALA A C   1 
ATOM   262  O  O   . ALA A 1 36  ? 6.304   12.482  -8.649  1.00 17.52 ? 33  ALA A O   1 
ATOM   263  C  CB  . ALA A 1 36  ? 3.537   13.028  -7.115  1.00 13.75 ? 33  ALA A CB  1 
ATOM   264  N  N   . LEU A 1 37  ? 5.699   10.641  -7.423  1.00 13.41 ? 34  LEU A N   1 
ATOM   265  C  CA  . LEU A 1 37  ? 7.079   10.193  -7.167  1.00 14.40 ? 34  LEU A CA  1 
ATOM   266  C  C   . LEU A 1 37  ? 7.641   9.311   -8.274  1.00 15.11 ? 34  LEU A C   1 
ATOM   267  O  O   . LEU A 1 37  ? 8.851   9.337   -8.547  1.00 16.23 ? 34  LEU A O   1 
ATOM   268  C  CB  . LEU A 1 37  ? 7.149   9.412   -5.850  1.00 14.60 ? 34  LEU A CB  1 
ATOM   269  C  CG  . LEU A 1 37  ? 6.795   10.233  -4.590  1.00 15.78 ? 34  LEU A CG  1 
ATOM   270  C  CD1 . LEU A 1 37  ? 6.837   9.366   -3.329  1.00 16.92 ? 34  LEU A CD1 1 
ATOM   271  C  CD2 . LEU A 1 37  ? 7.690   11.467  -4.440  1.00 18.56 ? 34  LEU A CD2 1 
ATOM   272  N  N   . GLU A 1 38  ? 6.789   8.492   -8.887  1.00 14.55 ? 35  GLU A N   1 
ATOM   273  C  CA  . GLU A 1 38  ? 7.285   7.494   -9.835  1.00 14.45 ? 35  GLU A CA  1 
ATOM   274  C  C   . GLU A 1 38  ? 6.258   7.394   -10.981 1.00 14.22 ? 35  GLU A C   1 
ATOM   275  O  O   . GLU A 1 38  ? 5.426   6.473   -11.022 1.00 13.18 ? 35  GLU A O   1 
ATOM   276  C  CB  . GLU A 1 38  ? 7.531   6.134   -9.136  1.00 17.11 ? 35  GLU A CB  1 
ATOM   277  C  CG  . GLU A 1 38  ? 8.247   5.105   -10.007 1.00 19.45 ? 35  GLU A CG  1 
ATOM   278  C  CD  . GLU A 1 38  ? 8.698   3.854   -9.237  1.00 23.61 ? 35  GLU A CD  1 
ATOM   279  O  OE1 . GLU A 1 38  ? 8.950   3.936   -8.019  1.00 28.52 ? 35  GLU A OE1 1 
ATOM   280  O  OE2 . GLU A 1 38  ? 8.819   2.778   -9.864  1.00 27.29 ? 35  GLU A OE2 1 
ATOM   281  N  N   . PRO A 1 39  ? 6.270   8.369   -11.903 1.00 13.98 ? 36  PRO A N   1 
ATOM   282  C  CA  . PRO A 1 39  ? 5.267   8.391   -12.973 1.00 13.59 ? 36  PRO A CA  1 
ATOM   283  C  C   . PRO A 1 39  ? 5.287   7.156   -13.866 1.00 13.18 ? 36  PRO A C   1 
ATOM   284  O  O   . PRO A 1 39  ? 4.276   6.858   -14.501 1.00 14.32 ? 36  PRO A O   1 
ATOM   285  C  CB  . PRO A 1 39  ? 5.644   9.625   -13.819 1.00 15.35 ? 36  PRO A CB  1 
ATOM   286  C  CG  . PRO A 1 39  ? 6.763   10.268  -13.132 1.00 15.78 ? 36  PRO A CG  1 
ATOM   287  C  CD  . PRO A 1 39  ? 7.066   9.613   -11.847 1.00 14.82 ? 36  PRO A CD  1 
ATOM   288  N  N   . SER A 1 40  ? 6.395   6.435   -13.884 1.00 12.96 ? 37  SER A N   1 
ATOM   289  C  CA  . SER A 1 40  ? 6.504   5.275   -14.749 1.00 13.94 ? 37  SER A CA  1 
ATOM   290  C  C   . SER A 1 40  ? 5.667   4.097   -14.263 1.00 13.57 ? 37  SER A C   1 
ATOM   291  O  O   . SER A 1 40  ? 5.572   3.089   -14.969 1.00 15.91 ? 37  SER A O   1 
ATOM   292  C  CB  . SER A 1 40  ? 7.964   4.869   -14.939 1.00 15.46 ? 37  SER A CB  1 
ATOM   293  O  OG  . SER A 1 40  ? 8.546   4.532   -13.672 1.00 17.12 ? 37  SER A OG  1 
ATOM   294  N  N   . LEU A 1 41  ? 5.052   4.220   -13.079 1.00 12.97 ? 38  LEU A N   1 
ATOM   295  C  CA  . LEU A 1 41  ? 4.103   3.186   -12.641 1.00 13.65 ? 38  LEU A CA  1 
ATOM   296  C  C   . LEU A 1 41  ? 2.741   3.336   -13.320 1.00 13.71 ? 38  LEU A C   1 
ATOM   297  O  O   . LEU A 1 41  ? 1.954   2.371   -13.348 1.00 14.35 ? 38  LEU A O   1 
ATOM   298  C  CB  . LEU A 1 41  ? 3.906   3.235   -11.124 1.00 14.25 ? 38  LEU A CB  1 
ATOM   299  C  CG  . LEU A 1 41  ? 5.157   2.801   -10.363 1.00 15.42 ? 38  LEU A CG  1 
ATOM   300  C  CD1 . LEU A 1 41  ? 5.000   3.076   -8.870  1.00 17.05 ? 38  LEU A CD1 1 
ATOM   301  C  CD2 . LEU A 1 41  ? 5.401   1.317   -10.558 1.00 17.68 ? 38  LEU A CD2 1 
ATOM   302  N  N   . LEU A 1 42  ? 2.429   4.517   -13.856 1.00 13.31 ? 39  LEU A N   1 
ATOM   303  C  CA  . LEU A 1 42  ? 1.082   4.739   -14.448 1.00 14.10 ? 39  LEU A CA  1 
ATOM   304  C  C   . LEU A 1 42  ? 0.692   3.741   -15.558 1.00 13.86 ? 39  LEU A C   1 
ATOM   305  O  O   . LEU A 1 42  ? -0.420  3.239   -15.536 1.00 13.48 ? 39  LEU A O   1 
ATOM   306  C  CB  . LEU A 1 42  ? 0.952   6.188   -14.928 1.00 15.72 ? 39  LEU A CB  1 
ATOM   307  C  CG  . LEU A 1 42  ? -0.431  6.630   -15.398 1.00 16.50 ? 39  LEU A CG  1 
ATOM   308  C  CD1 . LEU A 1 42  ? -1.408  6.696   -14.221 1.00 18.69 ? 39  LEU A CD1 1 
ATOM   309  C  CD2 . LEU A 1 42  ? -0.241  7.980   -16.102 1.00 19.42 ? 39  LEU A CD2 1 
ATOM   310  N  N   . PRO A 1 43  ? 1.603   3.399   -16.492 1.00 13.85 ? 40  PRO A N   1 
ATOM   311  C  CA  . PRO A 1 43  ? 1.155   2.512   -17.588 1.00 15.03 ? 40  PRO A CA  1 
ATOM   312  C  C   . PRO A 1 43  ? 0.911   1.082   -17.166 1.00 16.13 ? 40  PRO A C   1 
ATOM   313  O  O   . PRO A 1 43  ? 0.447   0.290   -17.980 1.00 18.03 ? 40  PRO A O   1 
ATOM   314  C  CB  . PRO A 1 43  ? 2.326   2.510   -18.591 1.00 15.55 ? 40  PRO A CB  1 
ATOM   315  C  CG  . PRO A 1 43  ? 3.272   3.527   -18.122 1.00 15.68 ? 40  PRO A CG  1 
ATOM   316  C  CD  . PRO A 1 43  ? 2.937   3.980   -16.730 1.00 14.71 ? 40  PRO A CD  1 
ATOM   317  N  N   . LEU A 1 44  ? 1.277   0.726   -15.942 1.00 15.31 ? 41  LEU A N   1 
ATOM   318  C  CA  . LEU A 1 44  ? 1.113   -0.666  -15.509 1.00 17.91 ? 41  LEU A CA  1 
ATOM   319  C  C   . LEU A 1 44  ? -0.353  -1.021  -15.235 1.00 19.78 ? 41  LEU A C   1 
ATOM   320  O  O   . LEU A 1 44  ? -0.706  -2.209  -15.189 1.00 21.67 ? 41  LEU A O   1 
ATOM   321  C  CB  . LEU A 1 44  ? 1.990   -0.972  -14.299 1.00 19.16 ? 41  LEU A CB  1 
ATOM   322  C  CG  . LEU A 1 44  ? 3.502   -0.853  -14.512 1.00 21.61 ? 41  LEU A CG  1 
ATOM   323  C  CD1 . LEU A 1 44  ? 4.206   -1.255  -13.219 1.00 23.55 ? 41  LEU A CD1 1 
ATOM   324  C  CD2 . LEU A 1 44  ? 3.935   -1.734  -15.676 1.00 24.60 ? 41  LEU A CD2 1 
ATOM   325  N  N   . PHE A 1 45  ? -1.202  -0.007  -15.077 1.00 18.24 ? 42  PHE A N   1 
ATOM   326  C  CA  . PHE A 1 45  ? -2.645  -0.202  -14.889 1.00 19.87 ? 42  PHE A CA  1 
ATOM   327  C  C   . PHE A 1 45  ? -3.336  -0.164  -16.216 1.00 23.32 ? 42  PHE A C   1 
ATOM   328  O  O   . PHE A 1 45  ? -3.860  0.889   -16.612 1.00 26.01 ? 42  PHE A O   1 
ATOM   329  C  CB  . PHE A 1 45  ? -3.214  0.909   -14.018 1.00 19.23 ? 42  PHE A CB  1 
ATOM   330  C  CG  . PHE A 1 45  ? -2.742  0.861   -12.634 1.00 20.25 ? 42  PHE A CG  1 
ATOM   331  C  CD1 . PHE A 1 45  ? -3.374  0.011   -11.716 1.00 20.74 ? 42  PHE A CD1 1 
ATOM   332  C  CD2 . PHE A 1 45  ? -1.660  1.609   -12.219 1.00 18.38 ? 42  PHE A CD2 1 
ATOM   333  C  CE1 . PHE A 1 45  ? -2.938  -0.057  -10.422 1.00 20.29 ? 42  PHE A CE1 1 
ATOM   334  C  CE2 . PHE A 1 45  ? -1.200  1.528   -10.907 1.00 21.16 ? 42  PHE A CE2 1 
ATOM   335  C  CZ  . PHE A 1 45  ? -1.844  0.698   -10.006 1.00 20.62 ? 42  PHE A CZ  1 
ATOM   336  N  N   . GLN A 1 46  ? -3.373  -1.316  -16.882 1.00 25.70 ? 43  GLN A N   1 
ATOM   337  C  CA  . GLN A 1 46  ? -3.967  -1.434  -18.205 1.00 29.09 ? 43  GLN A CA  1 
ATOM   338  C  C   . GLN A 1 46  ? -5.243  -2.223  -18.069 1.00 31.45 ? 43  GLN A C   1 
ATOM   339  O  O   . GLN A 1 46  ? -5.230  -3.413  -17.765 1.00 36.06 ? 43  GLN A O   1 
ATOM   340  C  CB  . GLN A 1 46  ? -2.991  -2.059  -19.199 1.00 34.35 ? 43  GLN A CB  1 
ATOM   341  C  CG  . GLN A 1 46  ? -1.942  -1.041  -19.638 1.00 37.79 ? 43  GLN A CG  1 
ATOM   342  C  CD  . GLN A 1 46  ? -0.738  -1.649  -20.335 1.00 44.20 ? 43  GLN A CD  1 
ATOM   343  O  OE1 . GLN A 1 46  ? -0.732  -2.844  -20.678 1.00 48.29 ? 43  GLN A OE1 1 
ATOM   344  N  NE2 . GLN A 1 46  ? 0.296   -0.822  -20.566 1.00 40.48 ? 43  GLN A NE2 1 
ATOM   345  N  N   . TYR A 1 47  ? -6.336  -1.492  -18.170 1.00 27.36 ? 44  TYR A N   1 
ATOM   346  C  CA  . TYR A 1 47  ? -7.670  -2.040  -18.122 1.00 28.65 ? 44  TYR A CA  1 
ATOM   347  C  C   . TYR A 1 47  ? -8.174  -1.871  -19.543 1.00 33.37 ? 44  TYR A C   1 
ATOM   348  O  O   . TYR A 1 47  ? -7.953  -0.819  -20.150 1.00 31.62 ? 44  TYR A O   1 
ATOM   349  C  CB  . TYR A 1 47  ? -8.504  -1.257  -17.107 1.00 25.73 ? 44  TYR A CB  1 
ATOM   350  C  CG  . TYR A 1 47  ? -7.962  -1.401  -15.687 1.00 23.97 ? 44  TYR A CG  1 
ATOM   351  C  CD1 . TYR A 1 47  ? -7.985  -2.638  -15.042 1.00 22.99 ? 44  TYR A CD1 1 
ATOM   352  C  CD2 . TYR A 1 47  ? -7.425  -0.300  -14.993 1.00 23.68 ? 44  TYR A CD2 1 
ATOM   353  C  CE1 . TYR A 1 47  ? -7.494  -2.772  -13.745 1.00 22.36 ? 44  TYR A CE1 1 
ATOM   354  C  CE2 . TYR A 1 47  ? -6.922  -0.440  -13.703 1.00 22.67 ? 44  TYR A CE2 1 
ATOM   355  C  CZ  . TYR A 1 47  ? -6.960  -1.682  -13.089 1.00 23.56 ? 44  TYR A CZ  1 
ATOM   356  O  OH  . TYR A 1 47  ? -6.473  -1.847  -11.808 1.00 24.22 ? 44  TYR A OH  1 
ATOM   357  N  N   . ASN A 1 48  ? -8.792  -2.927  -20.083 1.00 38.00 ? 45  ASN A N   1 
ATOM   358  C  CA  . ASN A 1 48  ? -9.183  -3.003  -21.514 1.00 42.50 ? 45  ASN A CA  1 
ATOM   359  C  C   . ASN A 1 48  ? -8.018  -2.736  -22.480 1.00 42.42 ? 45  ASN A C   1 
ATOM   360  O  O   . ASN A 1 48  ? -8.210  -2.140  -23.543 1.00 44.20 ? 45  ASN A O   1 
ATOM   361  C  CB  . ASN A 1 48  ? -10.347 -2.051  -21.826 1.00 47.87 ? 45  ASN A CB  1 
ATOM   362  C  CG  . ASN A 1 48  ? -11.503 -2.200  -20.861 1.00 53.97 ? 45  ASN A CG  1 
ATOM   363  O  OD1 . ASN A 1 48  ? -12.028 -1.208  -20.357 1.00 61.83 ? 45  ASN A OD1 1 
ATOM   364  N  ND2 . ASN A 1 48  ? -11.901 -3.439  -20.589 1.00 56.51 ? 45  ASN A ND2 1 
ATOM   365  N  N   . GLY A 1 49  ? -6.815  -3.161  -22.095 1.00 39.96 ? 46  GLY A N   1 
ATOM   366  C  CA  . GLY A 1 49  ? -5.606  -2.956  -22.897 1.00 38.77 ? 46  GLY A CA  1 
ATOM   367  C  C   . GLY A 1 49  ? -5.253  -1.512  -23.250 1.00 35.86 ? 46  GLY A C   1 
ATOM   368  O  O   . GLY A 1 49  ? -4.536  -1.272  -24.220 1.00 38.53 ? 46  GLY A O   1 
ATOM   369  N  N   . ARG A 1 50  ? -5.759  -0.554  -22.479 1.00 31.00 ? 47  ARG A N   1 
ATOM   370  C  CA  . ARG A 1 50  ? -5.510  0.866   -22.748 1.00 28.06 ? 47  ARG A CA  1 
ATOM   371  C  C   . ARG A 1 50  ? -4.720  1.486   -21.593 1.00 24.82 ? 47  ARG A C   1 
ATOM   372  O  O   . ARG A 1 50  ? -4.816  1.022   -20.463 1.00 24.68 ? 47  ARG A O   1 
ATOM   373  C  CB  . ARG A 1 50  ? -6.822  1.607   -22.964 1.00 34.06 ? 47  ARG A CB  1 
ATOM   374  C  CG  . ARG A 1 50  ? -7.368  1.411   -24.375 1.00 42.26 ? 47  ARG A CG  1 
ATOM   375  C  CD  . ARG A 1 50  ? -8.636  2.205   -24.623 1.00 50.82 ? 47  ARG A CD  1 
ATOM   376  N  NE  . ARG A 1 50  ? -9.775  1.652   -23.889 1.00 58.71 ? 47  ARG A NE  1 
ATOM   377  C  CZ  . ARG A 1 50  ? -11.032 2.083   -23.995 1.00 62.33 ? 47  ARG A CZ  1 
ATOM   378  N  NH1 . ARG A 1 50  ? -11.337 3.090   -24.811 1.00 64.03 ? 47  ARG A NH1 1 
ATOM   379  N  NH2 . ARG A 1 50  ? -11.990 1.502   -23.278 1.00 61.98 ? 47  ARG A NH2 1 
ATOM   380  N  N   . GLN A 1 51  ? -3.923  2.509   -21.897 1.00 19.93 ? 48  GLN A N   1 
ATOM   381  C  CA  . GLN A 1 51  ? -3.081  3.147   -20.906 1.00 18.10 ? 48  GLN A CA  1 
ATOM   382  C  C   . GLN A 1 51  ? -3.666  4.492   -20.492 1.00 16.69 ? 48  GLN A C   1 
ATOM   383  O  O   . GLN A 1 51  ? -4.219  5.237   -21.326 1.00 19.00 ? 48  GLN A O   1 
ATOM   384  C  CB  . GLN A 1 51  ? -1.770  3.477   -21.612 1.00 20.99 ? 48  GLN A CB  1 
ATOM   385  C  CG  . GLN A 1 51  ? -0.564  3.234   -20.810 1.00 25.41 ? 48  GLN A CG  1 
ATOM   386  C  CD  . GLN A 1 51  ? 0.679   3.390   -21.675 1.00 20.66 ? 48  GLN A CD  1 
ATOM   387  O  OE1 . GLN A 1 51  ? 1.028   2.517   -22.494 1.00 25.65 ? 48  GLN A OE1 1 
ATOM   388  N  NE2 . GLN A 1 51  ? 1.346   4.471   -21.485 1.00 20.88 ? 48  GLN A NE2 1 
ATOM   389  N  N   . PHE A 1 52  ? -3.538  4.838   -19.217 1.00 14.21 ? 49  PHE A N   1 
ATOM   390  C  CA  . PHE A 1 52  ? -3.859  6.202   -18.777 1.00 13.92 ? 49  PHE A CA  1 
ATOM   391  C  C   . PHE A 1 52  ? -2.783  7.160   -19.254 1.00 14.20 ? 49  PHE A C   1 
ATOM   392  O  O   . PHE A 1 52  ? -1.611  6.851   -19.149 1.00 15.65 ? 49  PHE A O   1 
ATOM   393  C  CB  . PHE A 1 52  ? -3.896  6.277   -17.250 1.00 13.76 ? 49  PHE A CB  1 
ATOM   394  C  CG  . PHE A 1 52  ? -4.939  5.385   -16.634 1.00 14.28 ? 49  PHE A CG  1 
ATOM   395  C  CD1 . PHE A 1 52  ? -6.269  5.443   -17.051 1.00 14.83 ? 49  PHE A CD1 1 
ATOM   396  C  CD2 . PHE A 1 52  ? -4.581  4.521   -15.606 1.00 15.26 ? 49  PHE A CD2 1 
ATOM   397  C  CE1 . PHE A 1 52  ? -7.244  4.623   -16.448 1.00 15.49 ? 49  PHE A CE1 1 
ATOM   398  C  CE2 . PHE A 1 52  ? -5.550  3.711   -14.989 1.00 15.83 ? 49  PHE A CE2 1 
ATOM   399  C  CZ  . PHE A 1 52  ? -6.863  3.742   -15.432 1.00 14.59 ? 49  PHE A CZ  1 
ATOM   400  N  N   . SER A 1 53  ? -3.193  8.319   -19.780 1.00 14.16 ? 50  SER A N   1 
ATOM   401  C  CA  . SER A 1 53  ? -2.216  9.349   -20.198 1.00 13.93 ? 50  SER A CA  1 
ATOM   402  C  C   . SER A 1 53  ? -1.661  10.133  -19.066 1.00 13.83 ? 50  SER A C   1 
ATOM   403  O  O   . SER A 1 53  ? -0.450  10.355  -19.001 1.00 14.90 ? 50  SER A O   1 
ATOM   404  C  CB  . SER A 1 53  ? -2.820  10.340  -21.203 1.00 15.63 ? 50  SER A CB  1 
ATOM   405  O  OG  . SER A 1 53  ? -3.061  9.680   -22.445 1.00 19.58 ? 50  SER A OG  1 
ATOM   406  N  N   . SER A 1 54  ? -2.516  10.544  -18.134 1.00 13.79 ? 51  SER A N   1 
ATOM   407  C  CA  . SER A 1 54  ? -2.061  11.386  -17.015 1.00 13.43 ? 51  SER A CA  1 
ATOM   408  C  C   . SER A 1 54  ? -2.593  10.780  -15.734 1.00 14.07 ? 51  SER A C   1 
ATOM   409  O  O   . SER A 1 54  ? -3.555  10.020  -15.747 1.00 13.41 ? 51  SER A O   1 
ATOM   410  C  CB  . SER A 1 54  ? -2.638  12.821  -17.139 1.00 14.90 ? 51  SER A CB  1 
ATOM   411  O  OG  A SER A 1 54  ? -4.044  12.777  -17.181 0.60 14.69 ? 51  SER A OG  1 
ATOM   412  O  OG  B SER A 1 54  ? -2.487  13.373  -18.410 0.40 15.37 ? 51  SER A OG  1 
ATOM   413  N  N   . PRO A 1 55  ? -2.001  11.133  -14.597 1.00 14.82 ? 52  PRO A N   1 
ATOM   414  C  CA  . PRO A 1 55  ? -2.473  10.576  -13.339 1.00 14.97 ? 52  PRO A CA  1 
ATOM   415  C  C   . PRO A 1 55  ? -3.923  10.859  -13.050 1.00 15.02 ? 52  PRO A C   1 
ATOM   416  O  O   . PRO A 1 55  ? -4.616  9.992   -12.514 1.00 15.86 ? 52  PRO A O   1 
ATOM   417  C  CB  . PRO A 1 55  ? -1.585  11.259  -12.291 1.00 16.17 ? 52  PRO A CB  1 
ATOM   418  C  CG  . PRO A 1 55  ? -0.360  11.606  -13.039 1.00 17.01 ? 52  PRO A CG  1 
ATOM   419  C  CD  . PRO A 1 55  ? -0.790  11.959  -14.429 1.00 15.79 ? 52  PRO A CD  1 
ATOM   420  N  N   . GLU A 1 56  ? -4.420  12.037  -13.419 1.00 14.18 ? 53  GLU A N   1 
ATOM   421  C  CA  . GLU A 1 56  ? -5.811  12.322  -13.169 1.00 15.15 ? 53  GLU A CA  1 
ATOM   422  C  C   . GLU A 1 56  ? -6.759  11.424  -13.948 1.00 14.00 ? 53  GLU A C   1 
ATOM   423  O  O   . GLU A 1 56  ? -7.898  11.215  -13.513 1.00 14.43 ? 53  GLU A O   1 
ATOM   424  C  CB  . GLU A 1 56  ? -6.161  13.815  -13.324 1.00 15.97 ? 53  GLU A CB  1 
ATOM   425  C  CG  . GLU A 1 56  ? -6.024  14.408  -14.715 1.00 17.77 ? 53  GLU A CG  1 
ATOM   426  C  CD  . GLU A 1 56  ? -4.621  14.926  -15.025 1.00 17.08 ? 53  GLU A CD  1 
ATOM   427  O  OE1 . GLU A 1 56  ? -3.610  14.517  -14.372 1.00 16.78 ? 53  GLU A OE1 1 
ATOM   428  O  OE2 . GLU A 1 56  ? -4.533  15.784  -15.944 1.00 17.50 ? 53  GLU A OE2 1 
ATOM   429  N  N   . ASP A 1 57  ? -6.311  10.860  -15.081 1.00 12.79 ? 54  ASP A N   1 
ATOM   430  C  CA  . ASP A 1 57  ? -7.127  9.896   -15.801 1.00 13.45 ? 54  ASP A CA  1 
ATOM   431  C  C   . ASP A 1 57  ? -7.459  8.678   -14.918 1.00 14.63 ? 54  ASP A C   1 
ATOM   432  O  O   . ASP A 1 57  ? -8.545  8.104   -15.065 1.00 14.73 ? 54  ASP A O   1 
ATOM   433  C  CB  . ASP A 1 57  ? -6.440  9.367   -17.050 1.00 14.47 ? 54  ASP A CB  1 
ATOM   434  C  CG  . ASP A 1 57  ? -6.289  10.394  -18.148 1.00 16.40 ? 54  ASP A CG  1 
ATOM   435  O  OD1 . ASP A 1 57  ? -7.089  11.339  -18.276 1.00 18.28 ? 54  ASP A OD1 1 
ATOM   436  O  OD2 . ASP A 1 57  ? -5.373  10.184  -18.956 1.00 18.17 ? 54  ASP A OD2 1 
ATOM   437  N  N   . SER A 1 58  ? -6.537  8.289   -14.037 1.00 13.39 ? 55  SER A N   1 
ATOM   438  C  CA  . SER A 1 58  ? -6.701  7.040   -13.268 1.00 13.18 ? 55  SER A CA  1 
ATOM   439  C  C   . SER A 1 58  ? -7.858  7.187   -12.291 1.00 13.59 ? 55  SER A C   1 
ATOM   440  O  O   . SER A 1 58  ? -8.537  6.202   -11.981 1.00 13.18 ? 55  SER A O   1 
ATOM   441  C  CB  . SER A 1 58  ? -5.389  6.689   -12.554 1.00 13.45 ? 55  SER A CB  1 
ATOM   442  O  OG  . SER A 1 58  ? -5.122  7.563   -11.468 1.00 13.89 ? 55  SER A OG  1 
ATOM   443  N  N   . LEU A 1 59  ? -8.091  8.417   -11.835 1.00 13.47 ? 56  LEU A N   1 
ATOM   444  C  CA  . LEU A 1 59  ? -9.118  8.668   -10.823 1.00 15.85 ? 56  LEU A CA  1 
ATOM   445  C  C   . LEU A 1 59  ? -10.541 8.565   -11.352 1.00 15.59 ? 56  LEU A C   1 
ATOM   446  O  O   . LEU A 1 59  ? -11.476 8.508   -10.570 1.00 16.74 ? 56  LEU A O   1 
ATOM   447  C  CB  . LEU A 1 59  ? -8.902  10.031  -10.177 1.00 16.37 ? 56  LEU A CB  1 
ATOM   448  C  CG  . LEU A 1 59  ? -7.589  10.192  -9.428  1.00 19.86 ? 56  LEU A CG  1 
ATOM   449  C  CD1 . LEU A 1 59  ? -7.404  11.644  -9.004  1.00 22.85 ? 56  LEU A CD1 1 
ATOM   450  C  CD2 . LEU A 1 59  ? -7.469  9.259   -8.235  1.00 22.76 ? 56  LEU A CD2 1 
ATOM   451  N  N   . SER A 1 60  ? -10.715 8.504   -12.671 1.00 16.10 ? 57  SER A N   1 
ATOM   452  C  CA  . SER A 1 60  ? -12.040 8.350   -13.235 1.00 17.36 ? 57  SER A CA  1 
ATOM   453  C  C   . SER A 1 60  ? -12.320 6.898   -13.597 1.00 17.02 ? 57  SER A C   1 
ATOM   454  O  O   . SER A 1 60  ? -13.393 6.580   -14.097 1.00 21.02 ? 57  SER A O   1 
ATOM   455  C  CB  . SER A 1 60  ? -12.178 9.220   -14.496 1.00 18.77 ? 57  SER A CB  1 
ATOM   456  O  OG  . SER A 1 60  ? -11.274 8.754   -15.506 1.00 22.33 ? 57  SER A OG  1 
ATOM   457  N  N   . SER A 1 61  ? -11.368 6.000   -13.344 1.00 15.37 ? 58  SER A N   1 
ATOM   458  C  CA  . SER A 1 61  ? -11.518 4.610   -13.759 1.00 15.79 ? 58  SER A CA  1 
ATOM   459  C  C   . SER A 1 61  ? -12.100 3.766   -12.624 1.00 16.35 ? 58  SER A C   1 
ATOM   460  O  O   . SER A 1 61  ? -11.496 3.649   -11.575 1.00 14.95 ? 58  SER A O   1 
ATOM   461  C  CB  . SER A 1 61  ? -10.162 4.044   -14.174 1.00 15.21 ? 58  SER A CB  1 
ATOM   462  O  OG  . SER A 1 61  ? -10.164 2.612   -14.277 1.00 17.13 ? 58  SER A OG  1 
ATOM   463  N  N   . PRO A 1 62  ? -13.277 3.149   -12.835 1.00 17.27 ? 59  PRO A N   1 
ATOM   464  C  CA  . PRO A 1 62  ? -13.812 2.299   -11.745 1.00 17.16 ? 59  PRO A CA  1 
ATOM   465  C  C   . PRO A 1 62  ? -12.891 1.129   -11.380 1.00 16.38 ? 59  PRO A C   1 
ATOM   466  O  O   . PRO A 1 62  ? -12.797 0.791   -10.197 1.00 17.19 ? 59  PRO A O   1 
ATOM   467  C  CB  . PRO A 1 62  ? -15.157 1.795   -12.300 1.00 19.30 ? 59  PRO A CB  1 
ATOM   468  C  CG  . PRO A 1 62  ? -15.123 2.063   -13.760 1.00 22.11 ? 59  PRO A CG  1 
ATOM   469  C  CD  . PRO A 1 62  ? -14.181 3.222   -14.004 1.00 19.73 ? 59  PRO A CD  1 
ATOM   470  N  N   . GLU A 1 63  ? -12.208 0.534   -12.354 1.00 16.07 ? 60  GLU A N   1 
ATOM   471  C  CA  . GLU A 1 63  ? -11.303 -0.570  -12.067 1.00 16.68 ? 60  GLU A CA  1 
ATOM   472  C  C   . GLU A 1 63  ? -10.133 -0.072  -11.234 1.00 14.93 ? 60  GLU A C   1 
ATOM   473  O  O   . GLU A 1 63  ? -9.672  -0.768  -10.347 1.00 14.07 ? 60  GLU A O   1 
ATOM   474  C  CB  . GLU A 1 63  ? -10.760 -1.209  -13.343 1.00 20.21 ? 60  GLU A CB  1 
ATOM   475  C  CG  . GLU A 1 63  ? -11.844 -1.928  -14.147 1.00 25.40 ? 60  GLU A CG  1 
ATOM   476  C  CD  . GLU A 1 63  ? -12.372 -1.108  -15.306 1.00 31.04 ? 60  GLU A CD  1 
ATOM   477  O  OE1 . GLU A 1 63  ? -12.519 0.145   -15.204 1.00 32.81 ? 60  GLU A OE1 1 
ATOM   478  O  OE2 . GLU A 1 63  ? -12.644 -1.749  -16.344 1.00 37.37 ? 60  GLU A OE2 1 
ATOM   479  N  N   . PHE A 1 64  ? -9.637  1.130   -11.546 1.00 13.24 ? 61  PHE A N   1 
ATOM   480  C  CA  . PHE A 1 64  ? -8.530  1.664   -10.743 1.00 12.79 ? 61  PHE A CA  1 
ATOM   481  C  C   . PHE A 1 64  ? -8.961  1.917   -9.304  1.00 12.63 ? 61  PHE A C   1 
ATOM   482  O  O   . PHE A 1 64  ? -8.240  1.617   -8.361  1.00 11.79 ? 61  PHE A O   1 
ATOM   483  C  CB  . PHE A 1 64  ? -8.003  2.964   -11.377 1.00 12.33 ? 61  PHE A CB  1 
ATOM   484  C  CG  . PHE A 1 64  ? -6.798  3.524   -10.659 1.00 12.48 ? 61  PHE A CG  1 
ATOM   485  C  CD1 . PHE A 1 64  ? -5.542  2.972   -10.898 1.00 13.19 ? 61  PHE A CD1 1 
ATOM   486  C  CD2 . PHE A 1 64  ? -6.924  4.578   -9.760  1.00 12.62 ? 61  PHE A CD2 1 
ATOM   487  C  CE1 . PHE A 1 64  ? -4.422  3.467   -10.228 1.00 13.13 ? 61  PHE A CE1 1 
ATOM   488  C  CE2 . PHE A 1 64  ? -5.799  5.085   -9.104  1.00 12.78 ? 61  PHE A CE2 1 
ATOM   489  C  CZ  . PHE A 1 64  ? -4.559  4.529   -9.350  1.00 13.26 ? 61  PHE A CZ  1 
ATOM   490  N  N   . LEU A 1 65  ? -10.148 2.497   -9.128  1.00 12.30 ? 62  LEU A N   1 
ATOM   491  C  CA  . LEU A 1 65  ? -10.645 2.783   -7.791  1.00 13.00 ? 62  LEU A CA  1 
ATOM   492  C  C   . LEU A 1 65  ? -10.895 1.455   -7.060  1.00 13.77 ? 62  LEU A C   1 
ATOM   493  O  O   . LEU A 1 65  ? -10.653 1.384   -5.864  1.00 13.06 ? 62  LEU A O   1 
ATOM   494  C  CB  . LEU A 1 65  ? -11.933 3.604   -7.869  1.00 14.04 ? 62  LEU A CB  1 
ATOM   495  C  CG  . LEU A 1 65  ? -11.757 5.022   -8.467  1.00 15.48 ? 62  LEU A CG  1 
ATOM   496  C  CD1 . LEU A 1 65  ? -13.085 5.750   -8.402  1.00 18.10 ? 62  LEU A CD1 1 
ATOM   497  C  CD2 . LEU A 1 65  ? -10.714 5.832   -7.730  1.00 17.35 ? 62  LEU A CD2 1 
ATOM   498  N  N   . ASP A 1 66  ? -11.310 0.406   -7.783  1.00 14.02 ? 63  ASP A N   1 
ATOM   499  C  CA  . ASP A 1 66  ? -11.467 -0.907  -7.128  1.00 14.63 ? 63  ASP A CA  1 
ATOM   500  C  C   . ASP A 1 66  ? -10.117 -1.453  -6.653  1.00 14.85 ? 63  ASP A C   1 
ATOM   501  O  O   . ASP A 1 66  ? -10.043 -2.088  -5.599  1.00 15.89 ? 63  ASP A O   1 
ATOM   502  C  CB  . ASP A 1 66  ? -12.109 -1.939  -8.058  1.00 17.17 ? 63  ASP A CB  1 
ATOM   503  C  CG  . ASP A 1 66  ? -13.617 -1.767  -8.179  1.00 20.23 ? 63  ASP A CG  1 
ATOM   504  O  OD1 . ASP A 1 66  ? -14.252 -1.070  -7.354  1.00 23.05 ? 63  ASP A OD1 1 
ATOM   505  O  OD2 . ASP A 1 66  ? -14.154 -2.362  -9.132  1.00 24.93 ? 63  ASP A OD2 1 
ATOM   506  N  N   . HIS A 1 67  ? -9.045  -1.192  -7.397  1.00 13.64 ? 64  HIS A N   1 
ATOM   507  C  CA  . HIS A 1 67  ? -7.724  -1.618  -6.950  1.00 13.28 ? 64  HIS A CA  1 
ATOM   508  C  C   . HIS A 1 67  ? -7.316  -0.857  -5.681  1.00 12.99 ? 64  HIS A C   1 
ATOM   509  O  O   . HIS A 1 67  ? -6.682  -1.425  -4.778  1.00 13.49 ? 64  HIS A O   1 
ATOM   510  C  CB  . HIS A 1 67  ? -6.684  -1.480  -8.069  1.00 12.90 ? 64  HIS A CB  1 
ATOM   511  C  CG  . HIS A 1 67  ? -5.292  -1.870  -7.634  1.00 12.76 ? 64  HIS A CG  1 
ATOM   512  N  ND1 . HIS A 1 67  ? -4.365  -0.955  -7.175  1.00 12.21 ? 64  HIS A ND1 1 
ATOM   513  C  CD2 . HIS A 1 67  ? -4.687  -3.114  -7.542  1.00 12.62 ? 64  HIS A CD2 1 
ATOM   514  C  CE1 . HIS A 1 67  ? -3.235  -1.593  -6.835  1.00 12.81 ? 64  HIS A CE1 1 
ATOM   515  N  NE2 . HIS A 1 67  ? -3.403  -2.916  -7.084  1.00 12.66 ? 64  HIS A NE2 1 
ATOM   516  N  N   . ILE A 1 68  ? -7.659  0.433   -5.585  1.00 12.73 ? 65  ILE A N   1 
ATOM   517  C  CA  . ILE A 1 68  ? -7.419  1.175   -4.316  1.00 13.10 ? 65  ILE A CA  1 
ATOM   518  C  C   . ILE A 1 68  ? -8.108  0.451   -3.144  1.00 13.84 ? 65  ILE A C   1 
ATOM   519  O  O   . ILE A 1 68  ? -7.497  0.231   -2.085  1.00 14.87 ? 65  ILE A O   1 
ATOM   520  C  CB  . ILE A 1 68  ? -7.881  2.641   -4.360  1.00 13.80 ? 65  ILE A CB  1 
ATOM   521  C  CG1 . ILE A 1 68  ? -7.046  3.396   -5.401  1.00 13.63 ? 65  ILE A CG1 1 
ATOM   522  C  CG2 . ILE A 1 68  ? -7.718  3.279   -2.963  1.00 14.77 ? 65  ILE A CG2 1 
ATOM   523  C  CD1 . ILE A 1 68  ? -7.442  4.862   -5.574  1.00 15.58 ? 65  ILE A CD1 1 
ATOM   524  N  N   . ARG A 1 69  ? -9.370  0.055   -3.353  1.00 14.34 ? 66  ARG A N   1 
ATOM   525  C  CA  . ARG A 1 69  ? -10.091 -0.677  -2.305  1.00 15.60 ? 66  ARG A CA  1 
ATOM   526  C  C   . ARG A 1 69  ? -9.383  -1.993  -1.956  1.00 15.97 ? 66  ARG A C   1 
ATOM   527  O  O   . ARG A 1 69  ? -9.293  -2.338  -0.778  1.00 18.66 ? 66  ARG A O   1 
ATOM   528  C  CB  . ARG A 1 69  ? -11.549 -0.925  -2.696  1.00 16.93 ? 66  ARG A CB  1 
ATOM   529  C  CG  A ARG A 1 69  ? -12.357 0.369   -2.549  0.40 17.38 ? 66  ARG A CG  1 
ATOM   530  C  CG  B ARG A 1 69  ? -12.360 0.284   -3.094  0.60 17.80 ? 66  ARG A CG  1 
ATOM   531  C  CD  A ARG A 1 69  ? -13.869 0.169   -2.558  0.40 18.51 ? 66  ARG A CD  1 
ATOM   532  C  CD  B ARG A 1 69  ? -13.774 -0.129  -3.496  0.60 18.55 ? 66  ARG A CD  1 
ATOM   533  N  NE  A ARG A 1 69  ? -14.586 1.429   -2.776  0.40 19.56 ? 66  ARG A NE  1 
ATOM   534  N  NE  B ARG A 1 69  ? -14.613 1.060   -3.546  0.60 21.33 ? 66  ARG A NE  1 
ATOM   535  C  CZ  A ARG A 1 69  ? -14.954 2.280   -1.821  0.40 20.49 ? 66  ARG A CZ  1 
ATOM   536  C  CZ  B ARG A 1 69  ? -14.931 1.718   -4.653  0.60 22.69 ? 66  ARG A CZ  1 
ATOM   537  N  NH1 A ARG A 1 69  ? -15.606 3.387   -2.144  0.40 20.60 ? 66  ARG A NH1 1 
ATOM   538  N  NH1 B ARG A 1 69  ? -15.685 2.806   -4.573  0.60 25.33 ? 66  ARG A NH1 1 
ATOM   539  N  NH2 A ARG A 1 69  ? -14.669 2.042   -0.547  0.40 20.32 ? 66  ARG A NH2 1 
ATOM   540  N  NH2 B ARG A 1 69  ? -14.514 1.287   -5.835  0.60 23.11 ? 66  ARG A NH2 1 
ATOM   541  N  N   . LYS A 1 70  ? -8.916  -2.728  -2.962  1.00 14.93 ? 67  LYS A N   1 
ATOM   542  C  CA  . LYS A 1 70  ? -8.152  -3.977  -2.744  1.00 16.13 ? 67  LYS A CA  1 
ATOM   543  C  C   . LYS A 1 70  ? -6.908  -3.724  -1.891  1.00 16.47 ? 67  LYS A C   1 
ATOM   544  O  O   . LYS A 1 70  ? -6.616  -4.460  -0.938  1.00 16.58 ? 67  LYS A O   1 
ATOM   545  C  CB  . LYS A 1 70  ? -7.727  -4.634  -4.080  1.00 17.41 ? 67  LYS A CB  1 
ATOM   546  C  CG  . LYS A 1 70  ? -8.873  -5.104  -4.949  1.00 18.83 ? 67  LYS A CG  1 
ATOM   547  C  CD  . LYS A 1 70  ? -8.323  -5.608  -6.278  1.00 18.97 ? 67  LYS A CD  1 
ATOM   548  C  CE  . LYS A 1 70  ? -9.463  -5.677  -7.278  1.00 21.74 ? 67  LYS A CE  1 
ATOM   549  N  NZ  . LYS A 1 70  ? -9.039  -6.473  -8.448  1.00 20.21 ? 67  LYS A NZ  1 
ATOM   550  N  N   . VAL A 1 71  ? -6.161  -2.676  -2.234  1.00 14.92 ? 68  VAL A N   1 
ATOM   551  C  CA  . VAL A 1 71  ? -4.986  -2.322  -1.455  1.00 15.92 ? 68  VAL A CA  1 
ATOM   552  C  C   . VAL A 1 71  ? -5.330  -2.090  0.011   1.00 15.75 ? 68  VAL A C   1 
ATOM   553  O  O   . VAL A 1 71  ? -4.637  -2.614  0.892   1.00 17.87 ? 68  VAL A O   1 
ATOM   554  C  CB  . VAL A 1 71  ? -4.262  -1.083  -2.053  1.00 16.04 ? 68  VAL A CB  1 
ATOM   555  C  CG1 . VAL A 1 71  ? -3.155  -0.623  -1.123  1.00 17.58 ? 68  VAL A CG1 1 
ATOM   556  C  CG2 . VAL A 1 71  ? -3.713  -1.441  -3.435  1.00 15.69 ? 68  VAL A CG2 1 
ATOM   557  N  N   . MET A 1 72  ? -6.374  -1.316  0.281   1.00 15.94 ? 69  MET A N   1 
ATOM   558  C  CA  . MET A 1 72  ? -6.677  -0.928  1.630   1.00 17.64 ? 69  MET A CA  1 
ATOM   559  C  C   . MET A 1 72  ? -7.117  -2.177  2.396   1.00 18.67 ? 69  MET A C   1 
ATOM   560  O  O   . MET A 1 72  ? -6.805  -2.297  3.579   1.00 20.13 ? 69  MET A O   1 
ATOM   561  C  CB  . MET A 1 72  ? -7.731  0.166   1.672   1.00 18.67 ? 69  MET A CB  1 
ATOM   562  C  CG  . MET A 1 72  ? -7.260  1.492   1.056   1.00 19.20 ? 69  MET A CG  1 
ATOM   563  S  SD  . MET A 1 72  ? -5.724  2.189   1.729   1.00 22.96 ? 69  MET A SD  1 
ATOM   564  C  CE  . MET A 1 72  ? -6.378  3.179   3.044   1.00 23.14 ? 69  MET A CE  1 
ATOM   565  N  N   . LEU A 1 73  ? -7.799  -3.103  1.716   1.00 18.93 ? 70  LEU A N   1 
ATOM   566  C  CA  . LEU A 1 73  ? -8.216  -4.361  2.379   1.00 21.30 ? 70  LEU A CA  1 
ATOM   567  C  C   . LEU A 1 73  ? -7.033  -5.259  2.771   1.00 20.52 ? 70  LEU A C   1 
ATOM   568  O  O   . LEU A 1 73  ? -7.074  -5.916  3.826   1.00 21.07 ? 70  LEU A O   1 
ATOM   569  C  CB  . LEU A 1 73  ? -9.256  -5.137  1.545   1.00 25.39 ? 70  LEU A CB  1 
ATOM   570  C  CG  . LEU A 1 73  ? -10.233 -5.908  2.463   1.00 32.04 ? 70  LEU A CG  1 
ATOM   571  C  CD1 . LEU A 1 73  ? -11.207 -4.937  3.150   1.00 33.59 ? 70  LEU A CD1 1 
ATOM   572  C  CD2 . LEU A 1 73  ? -10.981 -7.007  1.711   1.00 35.01 ? 70  LEU A CD2 1 
ATOM   573  N  N   . VAL A 1 74  ? -5.980  -5.296  1.956   1.00 17.79 ? 71  VAL A N   1 
ATOM   574  C  CA  . VAL A 1 74  ? -4.793  -6.091  2.289   1.00 18.74 ? 71  VAL A CA  1 
ATOM   575  C  C   . VAL A 1 74  ? -4.079  -5.461  3.486   1.00 19.58 ? 71  VAL A C   1 
ATOM   576  O  O   . VAL A 1 74  ? -3.699  -6.170  4.422   1.00 19.49 ? 71  VAL A O   1 
ATOM   577  C  CB  . VAL A 1 74  ? -3.844  -6.260  1.086   1.00 18.34 ? 71  VAL A CB  1 
ATOM   578  C  CG1 . VAL A 1 74  ? -2.539  -6.936  1.489   1.00 20.29 ? 71  VAL A CG1 1 
ATOM   579  C  CG2 . VAL A 1 74  ? -4.521  -7.108  0.003   1.00 19.96 ? 71  VAL A CG2 1 
ATOM   580  N  N   . ILE A 1 75  ? -3.908  -4.136  3.477   1.00 18.93 ? 72  ILE A N   1 
ATOM   581  C  CA  . ILE A 1 75  ? -3.367  -3.465  4.664   1.00 19.94 ? 72  ILE A CA  1 
ATOM   582  C  C   . ILE A 1 75  ? -4.221  -3.752  5.914   1.00 21.81 ? 72  ILE A C   1 
ATOM   583  O  O   . ILE A 1 75  ? -3.681  -4.041  6.985   1.00 22.51 ? 72  ILE A O   1 
ATOM   584  C  CB  . ILE A 1 75  ? -3.193  -1.939  4.469   1.00 19.72 ? 72  ILE A CB  1 
ATOM   585  C  CG1 . ILE A 1 75  ? -2.243  -1.678  3.290   1.00 20.28 ? 72  ILE A CG1 1 
ATOM   586  C  CG2 . ILE A 1 75  ? -2.627  -1.299  5.749   1.00 21.21 ? 72  ILE A CG2 1 
ATOM   587  C  CD1 . ILE A 1 75  ? -2.198  -0.226  2.814   1.00 21.55 ? 72  ILE A CD1 1 
ATOM   588  N  N   . ASP A 1 76  ? -5.546  -3.689  5.783   1.00 21.84 ? 73  ASP A N   1 
ATOM   589  C  CA  . ASP A 1 76  ? -6.423  -3.999  6.913   1.00 23.10 ? 73  ASP A CA  1 
ATOM   590  C  C   . ASP A 1 76  ? -6.168  -5.421  7.451   1.00 22.36 ? 73  ASP A C   1 
ATOM   591  O  O   . ASP A 1 76  ? -6.168  -5.624  8.680   1.00 24.64 ? 73  ASP A O   1 
ATOM   592  C  CB  . ASP A 1 76  ? -7.897  -3.849  6.510   1.00 25.32 ? 73  ASP A CB  1 
ATOM   593  C  CG  . ASP A 1 76  ? -8.840  -3.910  7.699   1.00 27.03 ? 73  ASP A CG  1 
ATOM   594  O  OD1 . ASP A 1 76  ? -8.824  -2.988  8.540   1.00 30.55 ? 73  ASP A OD1 1 
ATOM   595  O  OD2 . ASP A 1 76  ? -9.622  -4.878  7.775   1.00 31.42 ? 73  ASP A OD2 1 
ATOM   596  N  N   . ALA A 1 77  ? -5.921  -6.372  6.554   1.00 22.59 ? 74  ALA A N   1 
ATOM   597  C  CA  . ALA A 1 77  ? -5.651  -7.762  6.947   1.00 23.37 ? 74  ALA A CA  1 
ATOM   598  C  C   . ALA A 1 77  ? -4.338  -7.846  7.696   1.00 26.24 ? 74  ALA A C   1 
ATOM   599  O  O   . ALA A 1 77  ? -4.236  -8.588  8.667   1.00 28.29 ? 74  ALA A O   1 
ATOM   600  C  CB  . ALA A 1 77  ? -5.635  -8.696  5.748   1.00 24.59 ? 74  ALA A CB  1 
ATOM   601  N  N   . ALA A 1 78  ? -3.339  -7.086  7.244   1.00 24.58 ? 75  ALA A N   1 
ATOM   602  C  CA  . ALA A 1 78  ? -2.049  -7.045  7.937   1.00 25.02 ? 75  ALA A CA  1 
ATOM   603  C  C   . ALA A 1 78  ? -2.161  -6.432  9.335   1.00 25.97 ? 75  ALA A C   1 
ATOM   604  O  O   . ALA A 1 78  ? -1.507  -6.906  10.269  1.00 28.23 ? 75  ALA A O   1 
ATOM   605  C  CB  . ALA A 1 78  ? -1.015  -6.296  7.115   1.00 24.08 ? 75  ALA A CB  1 
ATOM   606  N  N   . VAL A 1 79  ? -2.990  -5.397  9.480   1.00 24.33 ? 76  VAL A N   1 
ATOM   607  C  CA  . VAL A 1 79  ? -3.165  -4.714  10.763  1.00 26.61 ? 76  VAL A CA  1 
ATOM   608  C  C   . VAL A 1 79  ? -3.902  -5.648  11.722  1.00 29.78 ? 76  VAL A C   1 
ATOM   609  O  O   . VAL A 1 79  ? -3.521  -5.767  12.896  1.00 29.86 ? 76  VAL A O   1 
ATOM   610  C  CB  . VAL A 1 79  ? -3.932  -3.384  10.600  1.00 26.89 ? 76  VAL A CB  1 
ATOM   611  C  CG1 . VAL A 1 79  ? -4.383  -2.806  11.941  1.00 26.93 ? 76  VAL A CG1 1 
ATOM   612  C  CG2 . VAL A 1 79  ? -3.079  -2.373  9.876   1.00 24.32 ? 76  VAL A CG2 1 
ATOM   613  N  N   . THR A 1 80  ? -4.936  -6.317  11.212  1.00 29.16 ? 77  THR A N   1 
ATOM   614  C  CA  . THR A 1 80  ? -5.738  -7.259  12.009  1.00 33.67 ? 77  THR A CA  1 
ATOM   615  C  C   . THR A 1 80  ? -4.866  -8.398  12.533  1.00 34.03 ? 77  THR A C   1 
ATOM   616  O  O   . THR A 1 80  ? -5.083  -8.878  13.654  1.00 36.20 ? 77  THR A O   1 
ATOM   617  C  CB  . THR A 1 80  ? -6.965  -7.775  11.211  1.00 34.12 ? 77  THR A CB  1 
ATOM   618  O  OG1 . THR A 1 80  ? -7.835  -6.670  10.951  1.00 35.93 ? 77  THR A OG1 1 
ATOM   619  C  CG2 . THR A 1 80  ? -7.761  -8.845  11.988  1.00 37.08 ? 77  THR A CG2 1 
ATOM   620  N  N   . ASN A 1 81  ? -3.864  -8.785  11.746  1.00 32.89 ? 78  ASN A N   1 
ATOM   621  C  CA  . ASN A 1 81  ? -2.938  -9.883  12.065  1.00 35.76 ? 78  ASN A CA  1 
ATOM   622  C  C   . ASN A 1 81  ? -1.529  -9.424  12.456  1.00 34.36 ? 78  ASN A C   1 
ATOM   623  O  O   . ASN A 1 81  ? -0.558  -10.159 12.242  1.00 36.64 ? 78  ASN A O   1 
ATOM   624  C  CB  . ASN A 1 81  ? -2.819  -10.838 10.873  1.00 37.27 ? 78  ASN A CB  1 
ATOM   625  C  CG  . ASN A 1 81  ? -4.110  -11.571 10.579  1.00 43.48 ? 78  ASN A CG  1 
ATOM   626  O  OD1 . ASN A 1 81  ? -5.009  -11.046 9.908   1.00 44.34 ? 78  ASN A OD1 1 
ATOM   627  N  ND2 . ASN A 1 81  ? -4.208  -12.799 11.069  1.00 42.06 ? 78  ASN A ND2 1 
ATOM   628  N  N   . VAL A 1 82  ? -1.411  -8.233  13.033  1.00 34.09 ? 79  VAL A N   1 
ATOM   629  C  CA  . VAL A 1 82  ? -0.095  -7.640  13.298  1.00 36.24 ? 79  VAL A CA  1 
ATOM   630  C  C   . VAL A 1 82  ? 0.752   -8.502  14.263  1.00 39.27 ? 79  VAL A C   1 
ATOM   631  O  O   . VAL A 1 82  ? 1.973   -8.574  14.120  1.00 38.49 ? 79  VAL A O   1 
ATOM   632  C  CB  . VAL A 1 82  ? -0.195  -6.151  13.729  1.00 37.04 ? 79  VAL A CB  1 
ATOM   633  C  CG1 . VAL A 1 82  ? -0.836  -5.991  15.103  1.00 37.23 ? 79  VAL A CG1 1 
ATOM   634  C  CG2 . VAL A 1 82  ? 1.170   -5.483  13.670  1.00 39.25 ? 79  VAL A CG2 1 
ATOM   635  N  N   . GLU A 1 83  ? 0.082   -9.170  15.204  1.00 44.77 ? 80  GLU A N   1 
ATOM   636  C  CA  . GLU A 1 83  ? 0.731   -10.070 16.175  1.00 49.33 ? 80  GLU A CA  1 
ATOM   637  C  C   . GLU A 1 83  ? 1.182   -11.366 15.519  1.00 49.83 ? 80  GLU A C   1 
ATOM   638  O  O   . GLU A 1 83  ? 2.132   -11.998 15.977  1.00 51.58 ? 80  GLU A O   1 
ATOM   639  C  CB  . GLU A 1 83  ? -0.217  -10.418 17.330  1.00 51.97 ? 80  GLU A CB  1 
ATOM   640  C  CG  . GLU A 1 83  ? -0.977  -9.251  17.939  1.00 55.93 ? 80  GLU A CG  1 
ATOM   641  C  CD  . GLU A 1 83  ? -0.273  -8.606  19.115  1.00 61.94 ? 80  GLU A CD  1 
ATOM   642  O  OE1 . GLU A 1 83  ? 0.978   -8.603  19.154  1.00 65.25 ? 80  GLU A OE1 1 
ATOM   643  O  OE2 . GLU A 1 83  ? -0.988  -8.088  20.004  1.00 62.77 ? 80  GLU A OE2 1 
ATOM   644  N  N   . ASP A 1 84  ? 0.489   -11.776 14.461  1.00 49.25 ? 81  ASP A N   1 
ATOM   645  C  CA  . ASP A 1 84  ? 0.804   -13.034 13.796  1.00 50.62 ? 81  ASP A CA  1 
ATOM   646  C  C   . ASP A 1 84  ? 0.804   -12.924 12.262  1.00 48.19 ? 81  ASP A C   1 
ATOM   647  O  O   . ASP A 1 84  ? -0.082  -13.460 11.592  1.00 47.94 ? 81  ASP A O   1 
ATOM   648  C  CB  . ASP A 1 84  ? -0.157  -14.130 14.275  1.00 54.42 ? 81  ASP A CB  1 
ATOM   649  C  CG  . ASP A 1 84  ? 0.227   -15.518 13.768  1.00 59.74 ? 81  ASP A CG  1 
ATOM   650  O  OD1 . ASP A 1 84  ? -0.669  -16.390 13.722  1.00 64.00 ? 81  ASP A OD1 1 
ATOM   651  O  OD2 . ASP A 1 84  ? 1.410   -15.741 13.410  1.00 60.35 ? 81  ASP A OD2 1 
ATOM   652  N  N   . LEU A 1 85  ? 1.811   -12.255 11.705  1.00 46.33 ? 82  LEU A N   1 
ATOM   653  C  CA  . LEU A 1 85  ? 1.865   -12.056 10.252  1.00 45.89 ? 82  LEU A CA  1 
ATOM   654  C  C   . LEU A 1 85  ? 2.241   -13.315 9.473   1.00 48.05 ? 82  LEU A C   1 
ATOM   655  O  O   . LEU A 1 85  ? 2.133   -13.334 8.242   1.00 47.48 ? 82  LEU A O   1 
ATOM   656  C  CB  . LEU A 1 85  ? 2.805   -10.908 9.884   1.00 45.80 ? 82  LEU A CB  1 
ATOM   657  C  CG  . LEU A 1 85  ? 2.320   -9.500  10.225  1.00 45.72 ? 82  LEU A CG  1 
ATOM   658  C  CD1 . LEU A 1 85  ? 3.517   -8.559  10.300  1.00 47.48 ? 82  LEU A CD1 1 
ATOM   659  C  CD2 . LEU A 1 85  ? 1.277   -9.004  9.231   1.00 44.33 ? 82  LEU A CD2 1 
ATOM   660  N  N   . SER A 1 86  ? 2.670   -14.362 10.185  1.00 45.78 ? 83  SER A N   1 
ATOM   661  C  CA  . SER A 1 86  ? 3.000   -15.657 9.565   1.00 45.18 ? 83  SER A CA  1 
ATOM   662  C  C   . SER A 1 86  ? 1.809   -16.234 8.808   1.00 42.19 ? 83  SER A C   1 
ATOM   663  O  O   . SER A 1 86  ? 1.976   -16.882 7.769   1.00 42.91 ? 83  SER A O   1 
ATOM   664  C  CB  . SER A 1 86  ? 3.462   -16.680 10.618  1.00 46.35 ? 83  SER A CB  1 
ATOM   665  O  OG  . SER A 1 86  ? 4.125   -16.050 11.705  1.00 55.81 ? 83  SER A OG  1 
ATOM   666  N  N   . SER A 1 87  ? 0.608   -16.000 9.335   1.00 42.72 ? 84  SER A N   1 
ATOM   667  C  CA  . SER A 1 87  ? -0.625  -16.496 8.715   1.00 43.05 ? 84  SER A CA  1 
ATOM   668  C  C   . SER A 1 87  ? -0.916  -15.930 7.304   1.00 43.52 ? 84  SER A C   1 
ATOM   669  O  O   . SER A 1 87  ? -1.615  -16.565 6.517   1.00 41.54 ? 84  SER A O   1 
ATOM   670  C  CB  . SER A 1 87  ? -1.815  -16.249 9.646   1.00 47.23 ? 84  SER A CB  1 
ATOM   671  O  OG  . SER A 1 87  ? -1.873  -14.889 10.045  1.00 51.61 ? 84  SER A OG  1 
ATOM   672  N  N   . LEU A 1 88  ? -0.368  -14.757 6.980   1.00 37.96 ? 85  LEU A N   1 
ATOM   673  C  CA  . LEU A 1 88  ? -0.636  -14.117 5.678   1.00 35.25 ? 85  LEU A CA  1 
ATOM   674  C  C   . LEU A 1 88  ? 0.446   -14.400 4.652   1.00 32.83 ? 85  LEU A C   1 
ATOM   675  O  O   . LEU A 1 88  ? 0.352   -13.991 3.501   1.00 29.76 ? 85  LEU A O   1 
ATOM   676  C  CB  . LEU A 1 88  ? -0.732  -12.604 5.848   1.00 34.70 ? 85  LEU A CB  1 
ATOM   677  C  CG  . LEU A 1 88  ? -1.913  -11.991 6.582   1.00 36.23 ? 85  LEU A CG  1 
ATOM   678  C  CD1 . LEU A 1 88  ? -1.785  -10.482 6.506   1.00 36.56 ? 85  LEU A CD1 1 
ATOM   679  C  CD2 . LEU A 1 88  ? -3.221  -12.448 5.960   1.00 37.72 ? 85  LEU A CD2 1 
ATOM   680  N  N   . GLU A 1 89  ? 1.492   -15.091 5.084   1.00 32.82 ? 86  GLU A N   1 
ATOM   681  C  CA  . GLU A 1 89  ? 2.697   -15.216 4.302   1.00 32.43 ? 86  GLU A CA  1 
ATOM   682  C  C   . GLU A 1 89  ? 2.504   -15.844 2.929   1.00 30.11 ? 86  GLU A C   1 
ATOM   683  O  O   . GLU A 1 89  ? 2.994   -15.321 1.933   1.00 26.28 ? 86  GLU A O   1 
ATOM   684  C  CB  . GLU A 1 89  ? 3.751   -15.963 5.114   1.00 37.71 ? 86  GLU A CB  1 
ATOM   685  C  CG  . GLU A 1 89  ? 5.059   -16.169 4.387   1.00 43.45 ? 86  GLU A CG  1 
ATOM   686  C  CD  . GLU A 1 89  ? 6.086   -16.824 5.282   1.00 49.82 ? 86  GLU A CD  1 
ATOM   687  O  OE1 . GLU A 1 89  ? 5.995   -16.636 6.520   1.00 52.87 ? 86  GLU A OE1 1 
ATOM   688  O  OE2 . GLU A 1 89  ? 6.971   -17.528 4.746   1.00 54.64 ? 86  GLU A OE2 1 
ATOM   689  N  N   . GLU A 1 90  ? 1.794   -16.968 2.856   1.00 28.72 ? 87  GLU A N   1 
ATOM   690  C  CA  . GLU A 1 90  ? 1.626   -17.618 1.564   1.00 28.04 ? 87  GLU A CA  1 
ATOM   691  C  C   . GLU A 1 90  ? 0.770   -16.767 0.606   1.00 23.94 ? 87  GLU A C   1 
ATOM   692  O  O   . GLU A 1 90  ? 1.061   -16.700 -0.585  1.00 25.04 ? 87  GLU A O   1 
ATOM   693  C  CB  . GLU A 1 90  ? 1.067   -19.048 1.716   1.00 31.94 ? 87  GLU A CB  1 
ATOM   694  C  CG  A GLU A 1 90  ? 1.768   -19.898 2.773   0.50 33.16 ? 87  GLU A CG  1 
ATOM   695  C  CG  B GLU A 1 90  ? 2.145   -20.098 1.999   0.50 32.90 ? 87  GLU A CG  1 
ATOM   696  C  CD  A GLU A 1 90  ? 1.105   -19.830 4.139   0.50 34.31 ? 87  GLU A CD  1 
ATOM   697  C  CD  B GLU A 1 90  ? 3.237   -20.132 0.944   0.50 34.77 ? 87  GLU A CD  1 
ATOM   698  O  OE1 A GLU A 1 90  ? 0.894   -18.718 4.672   0.50 34.49 ? 87  GLU A OE1 1 
ATOM   699  O  OE1 B GLU A 1 90  ? 2.931   -20.439 -0.226  0.50 36.24 ? 87  GLU A OE1 1 
ATOM   700  O  OE2 A GLU A 1 90  ? 0.807   -20.909 4.699   0.50 37.09 ? 87  GLU A OE2 1 
ATOM   701  O  OE2 B GLU A 1 90  ? 4.410   -19.859 1.282   0.50 37.00 ? 87  GLU A OE2 1 
ATOM   702  N  N   . TYR A 1 91  ? -0.268  -16.127 1.140   1.00 23.87 ? 88  TYR A N   1 
ATOM   703  C  CA  . TYR A 1 91  ? -1.087  -15.224 0.326   1.00 22.29 ? 88  TYR A CA  1 
ATOM   704  C  C   . TYR A 1 91  ? -0.205  -14.085 -0.225  1.00 22.66 ? 88  TYR A C   1 
ATOM   705  O  O   . TYR A 1 91  ? -0.257  -13.754 -1.423  1.00 22.26 ? 88  TYR A O   1 
ATOM   706  C  CB  . TYR A 1 91  ? -2.250  -14.651 1.131   1.00 22.85 ? 88  TYR A CB  1 
ATOM   707  C  CG  . TYR A 1 91  ? -2.949  -13.523 0.392   1.00 24.54 ? 88  TYR A CG  1 
ATOM   708  C  CD1 . TYR A 1 91  ? -3.788  -13.789 -0.691  1.00 25.62 ? 88  TYR A CD1 1 
ATOM   709  C  CD2 . TYR A 1 91  ? -2.709  -12.190 0.731   1.00 25.23 ? 88  TYR A CD2 1 
ATOM   710  C  CE1 . TYR A 1 91  ? -4.391  -12.760 -1.397  1.00 26.07 ? 88  TYR A CE1 1 
ATOM   711  C  CE2 . TYR A 1 91  ? -3.308  -11.159 0.018   1.00 26.81 ? 88  TYR A CE2 1 
ATOM   712  C  CZ  . TYR A 1 91  ? -4.145  -11.457 -1.040  1.00 27.10 ? 88  TYR A CZ  1 
ATOM   713  O  OH  . TYR A 1 91  ? -4.758  -10.443 -1.744  1.00 26.89 ? 88  TYR A OH  1 
ATOM   714  N  N   . LEU A 1 92  ? 0.615   -13.507 0.644   1.00 22.42 ? 89  LEU A N   1 
ATOM   715  C  CA  . LEU A 1 92  ? 1.470   -12.386 0.205   1.00 22.25 ? 89  LEU A CA  1 
ATOM   716  C  C   . LEU A 1 92  ? 2.493   -12.791 -0.861  1.00 23.26 ? 89  LEU A C   1 
ATOM   717  O  O   . LEU A 1 92  ? 2.764   -12.038 -1.805  1.00 21.72 ? 89  LEU A O   1 
ATOM   718  C  CB  . LEU A 1 92  ? 2.144   -11.706 1.406   1.00 22.00 ? 89  LEU A CB  1 
ATOM   719  C  CG  . LEU A 1 92  ? 1.202   -10.935 2.334   1.00 22.19 ? 89  LEU A CG  1 
ATOM   720  C  CD1 . LEU A 1 92  ? 1.968   -10.455 3.553   1.00 23.70 ? 89  LEU A CD1 1 
ATOM   721  C  CD2 . LEU A 1 92  ? 0.525   -9.757  1.635   1.00 22.97 ? 89  LEU A CD2 1 
ATOM   722  N  N   . THR A 1 93  ? 3.071   -13.988 -0.729  1.00 22.27 ? 90  THR A N   1 
ATOM   723  C  CA  . THR A 1 93  ? 3.974   -14.466 -1.750  1.00 22.16 ? 90  THR A CA  1 
ATOM   724  C  C   . THR A 1 93  ? 3.275   -14.529 -3.102  1.00 21.97 ? 90  THR A C   1 
ATOM   725  O  O   . THR A 1 93  ? 3.832   -14.106 -4.118  1.00 23.16 ? 90  THR A O   1 
ATOM   726  C  CB  . THR A 1 93  ? 4.564   -15.844 -1.379  1.00 23.44 ? 90  THR A CB  1 
ATOM   727  O  OG1 . THR A 1 93  ? 5.329   -15.697 -0.172  1.00 27.07 ? 90  THR A OG1 1 
ATOM   728  C  CG2 . THR A 1 93  ? 5.461   -16.334 -2.489  1.00 26.44 ? 90  THR A CG2 1 
ATOM   729  N  N   . SER A 1 94  ? 2.048   -15.029 -3.114  1.00 22.28 ? 91  SER A N   1 
ATOM   730  C  CA  . SER A 1 94  ? 1.329   -15.146 -4.384  1.00 23.27 ? 91  SER A CA  1 
ATOM   731  C  C   . SER A 1 94  ? 0.938   -13.761 -4.927  1.00 23.19 ? 91  SER A C   1 
ATOM   732  O  O   . SER A 1 94  ? 0.984   -13.532 -6.134  1.00 23.62 ? 91  SER A O   1 
ATOM   733  C  CB  . SER A 1 94  ? 0.133   -16.080 -4.260  1.00 26.64 ? 91  SER A CB  1 
ATOM   734  O  OG  . SER A 1 94  ? 0.634   -17.426 -4.148  1.00 30.39 ? 91  SER A OG  1 
ATOM   735  N  N   . LEU A 1 95  ? 0.646   -12.840 -4.016  1.00 21.98 ? 92  LEU A N   1 
ATOM   736  C  CA  . LEU A 1 95  ? 0.373   -11.443 -4.418  1.00 20.70 ? 92  LEU A CA  1 
ATOM   737  C  C   . LEU A 1 95  ? 1.601   -10.802 -5.060  1.00 21.11 ? 92  LEU A C   1 
ATOM   738  O  O   . LEU A 1 95  ? 1.473   -10.075 -6.055  1.00 20.80 ? 92  LEU A O   1 
ATOM   739  C  CB  . LEU A 1 95  ? -0.128  -10.633 -3.224  1.00 21.35 ? 92  LEU A CB  1 
ATOM   740  C  CG  . LEU A 1 95  ? -0.752  -9.267  -3.521  1.00 20.78 ? 92  LEU A CG  1 
ATOM   741  C  CD1 . LEU A 1 95  ? -2.005  -9.456  -4.376  1.00 20.26 ? 92  LEU A CD1 1 
ATOM   742  C  CD2 . LEU A 1 95  ? -1.089  -8.560  -2.220  1.00 21.39 ? 92  LEU A CD2 1 
ATOM   743  N  N   . GLY A 1 96  ? 2.787   -11.099 -4.516  1.00 20.31 ? 93  GLY A N   1 
ATOM   744  C  CA  . GLY A 1 96  ? 4.056   -10.691 -5.128  1.00 22.33 ? 93  GLY A CA  1 
ATOM   745  C  C   . GLY A 1 96  ? 4.230   -11.231 -6.540  1.00 23.13 ? 93  GLY A C   1 
ATOM   746  O  O   . GLY A 1 96  ? 4.541   -10.491 -7.472  1.00 24.14 ? 93  GLY A O   1 
ATOM   747  N  N   . ARG A 1 97  ? 4.042   -12.542 -6.695  1.00 24.82 ? 94  ARG A N   1 
ATOM   748  C  CA  . ARG A 1 97  ? 4.122   -13.192 -7.987  1.00 26.02 ? 94  ARG A CA  1 
ATOM   749  C  C   . ARG A 1 97  ? 3.190   -12.528 -9.018  1.00 23.96 ? 94  ARG A C   1 
ATOM   750  O  O   . ARG A 1 97  ? 3.596   -12.294 -10.150 1.00 25.35 ? 94  ARG A O   1 
ATOM   751  C  CB  . ARG A 1 97  ? 3.771   -14.683 -7.835  1.00 29.02 ? 94  ARG A CB  1 
ATOM   752  C  CG  . ARG A 1 97  ? 4.494   -15.596 -8.812  1.00 38.55 ? 94  ARG A CG  1 
ATOM   753  C  CD  . ARG A 1 97  ? 4.105   -17.065 -8.605  1.00 43.40 ? 94  ARG A CD  1 
ATOM   754  N  NE  . ARG A 1 97  ? 4.330   -17.554 -7.234  1.00 48.04 ? 94  ARG A NE  1 
ATOM   755  C  CZ  . ARG A 1 97  ? 3.390   -18.079 -6.438  1.00 52.41 ? 94  ARG A CZ  1 
ATOM   756  N  NH1 . ARG A 1 97  ? 2.130   -18.208 -6.853  1.00 53.12 ? 94  ARG A NH1 1 
ATOM   757  N  NH2 . ARG A 1 97  ? 3.712   -18.488 -5.212  1.00 51.75 ? 94  ARG A NH2 1 
ATOM   758  N  N   . LYS A 1 98  ? 1.957   -12.233 -8.611  1.00 23.11 ? 95  LYS A N   1 
ATOM   759  C  CA  . LYS A 1 98  ? 0.962   -11.567 -9.474  1.00 24.46 ? 95  LYS A CA  1 
ATOM   760  C  C   . LYS A 1 98  ? 1.469   -10.190 -9.933  1.00 23.22 ? 95  LYS A C   1 
ATOM   761  O  O   . LYS A 1 98  ? 1.320   -9.812  -11.094 1.00 24.45 ? 95  LYS A O   1 
ATOM   762  C  CB  . LYS A 1 98  ? -0.381  -11.438 -8.726  1.00 25.84 ? 95  LYS A CB  1 
ATOM   763  C  CG  . LYS A 1 98  ? -1.443  -10.592 -9.410  1.00 32.10 ? 95  LYS A CG  1 
ATOM   764  C  CD  . LYS A 1 98  ? -1.981  -11.226 -10.682 1.00 36.76 ? 95  LYS A CD  1 
ATOM   765  C  CE  . LYS A 1 98  ? -3.206  -10.464 -11.179 1.00 41.62 ? 95  LYS A CE  1 
ATOM   766  N  NZ  . LYS A 1 98  ? -3.975  -11.244 -12.192 1.00 47.46 ? 95  LYS A NZ  1 
ATOM   767  N  N   . HIS A 1 99  ? 2.067   -9.434  -9.014  1.00 22.04 ? 96  HIS A N   1 
ATOM   768  C  CA  . HIS A 1 99  ? 2.558   -8.104  -9.389  1.00 20.68 ? 96  HIS A CA  1 
ATOM   769  C  C   . HIS A 1 99  ? 3.776   -8.161  -10.253 1.00 21.93 ? 96  HIS A C   1 
ATOM   770  O  O   . HIS A 1 99  ? 3.954   -7.331  -11.148 1.00 23.31 ? 96  HIS A O   1 
ATOM   771  C  CB  . HIS A 1 99  ? 2.731   -7.224  -8.159  1.00 18.71 ? 96  HIS A CB  1 
ATOM   772  C  CG  . HIS A 1 99  ? 1.418   -6.791  -7.589  1.00 18.71 ? 96  HIS A CG  1 
ATOM   773  N  ND1 . HIS A 1 99  ? 0.694   -7.567  -6.753  1.00 17.88 ? 96  HIS A ND1 1 
ATOM   774  C  CD2 . HIS A 1 99  ? 0.660   -5.665  -7.841  1.00 17.01 ? 96  HIS A CD2 1 
ATOM   775  C  CE1 . HIS A 1 99  ? -0.458  -6.937  -6.450  1.00 17.65 ? 96  HIS A CE1 1 
ATOM   776  N  NE2 . HIS A 1 99  ? -0.480  -5.766  -7.117  1.00 16.68 ? 96  HIS A NE2 1 
ATOM   777  N  N   . ARG A 1 100 ? 4.626   -9.159  -10.022 1.00 23.42 ? 97  ARG A N   1 
ATOM   778  C  CA  . ARG A 1 100 ? 5.743   -9.386  -10.918 1.00 27.17 ? 97  ARG A CA  1 
ATOM   779  C  C   . ARG A 1 100 ? 5.233   -9.616  -12.352 1.00 27.42 ? 97  ARG A C   1 
ATOM   780  O  O   . ARG A 1 100 ? 5.767   -9.052  -13.318 1.00 27.96 ? 97  ARG A O   1 
ATOM   781  C  CB  . ARG A 1 100 ? 6.549   -10.586 -10.405 1.00 30.26 ? 97  ARG A CB  1 
ATOM   782  C  CG  . ARG A 1 100 ? 7.732   -10.958 -11.272 1.00 36.44 ? 97  ARG A CG  1 
ATOM   783  C  CD  . ARG A 1 100 ? 7.919   -12.453 -11.166 1.00 44.70 ? 97  ARG A CD  1 
ATOM   784  N  NE  . ARG A 1 100 ? 9.271   -12.867 -11.505 1.00 51.66 ? 97  ARG A NE  1 
ATOM   785  C  CZ  . ARG A 1 100 ? 9.756   -14.077 -11.243 1.00 57.26 ? 97  ARG A CZ  1 
ATOM   786  N  NH1 . ARG A 1 100 ? 8.993   -14.987 -10.637 1.00 58.09 ? 97  ARG A NH1 1 
ATOM   787  N  NH2 . ARG A 1 100 ? 11.004  -14.375 -11.585 1.00 59.48 ? 97  ARG A NH2 1 
ATOM   788  N  N   . ALA A 1 101 ? 4.157   -10.389 -12.464 1.00 26.19 ? 98  ALA A N   1 
ATOM   789  C  CA  . ALA A 1 101 ? 3.555   -10.728 -13.759 1.00 29.86 ? 98  ALA A CA  1 
ATOM   790  C  C   . ALA A 1 101 ? 2.962   -9.500  -14.477 1.00 31.64 ? 98  ALA A C   1 
ATOM   791  O  O   . ALA A 1 101 ? 3.010   -9.414  -15.703 1.00 33.62 ? 98  ALA A O   1 
ATOM   792  C  CB  . ALA A 1 101 ? 2.503   -11.805 -13.576 1.00 27.42 ? 98  ALA A CB  1 
ATOM   793  N  N   . VAL A 1 102 ? 2.426   -8.540  -13.719 1.00 30.76 ? 99  VAL A N   1 
ATOM   794  C  CA  . VAL A 1 102 ? 1.894   -7.315  -14.336 1.00 31.57 ? 99  VAL A CA  1 
ATOM   795  C  C   . VAL A 1 102 ? 2.996   -6.312  -14.710 1.00 31.61 ? 99  VAL A C   1 
ATOM   796  O  O   . VAL A 1 102 ? 2.756   -5.372  -15.471 1.00 32.62 ? 99  VAL A O   1 
ATOM   797  C  CB  . VAL A 1 102 ? 0.748   -6.672  -13.516 1.00 34.57 ? 99  VAL A CB  1 
ATOM   798  C  CG1 . VAL A 1 102 ? -0.366  -7.681  -13.283 1.00 34.96 ? 99  VAL A CG1 1 
ATOM   799  C  CG2 . VAL A 1 102 ? 1.245   -6.132  -12.199 1.00 35.34 ? 99  VAL A CG2 1 
ATOM   800  N  N   . GLY A 1 103 ? 4.201   -6.518  -14.178 1.00 28.08 ? 100 GLY A N   1 
ATOM   801  C  CA  . GLY A 1 103 ? 5.350   -5.707  -14.547 1.00 27.44 ? 100 GLY A CA  1 
ATOM   802  C  C   . GLY A 1 103 ? 5.928   -4.808  -13.471 1.00 25.36 ? 100 GLY A C   1 
ATOM   803  O  O   . GLY A 1 103 ? 6.794   -3.983  -13.759 1.00 26.84 ? 100 GLY A O   1 
ATOM   804  N  N   . VAL A 1 104 ? 5.465   -4.946  -12.229 1.00 24.98 ? 101 VAL A N   1 
ATOM   805  C  CA  . VAL A 1 104 ? 6.010   -4.146  -11.130 1.00 25.44 ? 101 VAL A CA  1 
ATOM   806  C  C   . VAL A 1 104 ? 7.405   -4.653  -10.760 1.00 27.15 ? 101 VAL A C   1 
ATOM   807  O  O   . VAL A 1 104 ? 7.614   -5.858  -10.623 1.00 27.80 ? 101 VAL A O   1 
ATOM   808  C  CB  . VAL A 1 104 ? 5.102   -4.165  -9.873  1.00 26.17 ? 101 VAL A CB  1 
ATOM   809  C  CG1 . VAL A 1 104 ? 5.706   -3.319  -8.752  1.00 26.78 ? 101 VAL A CG1 1 
ATOM   810  C  CG2 . VAL A 1 104 ? 3.697   -3.680  -10.215 1.00 26.04 ? 101 VAL A CG2 1 
ATOM   811  N  N   . ARG A 1 105 ? 8.358   -3.735  -10.632 1.00 26.64 ? 102 ARG A N   1 
ATOM   812  C  CA  . ARG A 1 105 ? 9.692   -4.087  -10.185 1.00 28.50 ? 102 ARG A CA  1 
ATOM   813  C  C   . ARG A 1 105 ? 9.771   -4.034  -8.679  1.00 28.14 ? 102 ARG A C   1 
ATOM   814  O  O   . ARG A 1 105 ? 9.079   -3.240  -8.022  1.00 25.24 ? 102 ARG A O   1 
ATOM   815  C  CB  . ARG A 1 105 ? 10.740  -3.161  -10.803 1.00 32.38 ? 102 ARG A CB  1 
ATOM   816  C  CG  . ARG A 1 105 ? 10.707  -3.188  -12.317 1.00 38.25 ? 102 ARG A CG  1 
ATOM   817  C  CD  . ARG A 1 105 ? 11.957  -2.609  -12.941 1.00 47.47 ? 102 ARG A CD  1 
ATOM   818  N  NE  . ARG A 1 105 ? 11.962  -2.886  -14.381 1.00 56.68 ? 102 ARG A NE  1 
ATOM   819  C  CZ  . ARG A 1 105 ? 12.599  -3.905  -14.963 1.00 60.36 ? 102 ARG A CZ  1 
ATOM   820  N  NH1 . ARG A 1 105 ? 13.324  -4.754  -14.238 1.00 61.21 ? 102 ARG A NH1 1 
ATOM   821  N  NH2 . ARG A 1 105 ? 12.527  -4.063  -16.282 1.00 60.62 ? 102 ARG A NH2 1 
ATOM   822  N  N   . LEU A 1 106 ? 10.649  -4.864  -8.126  1.00 27.54 ? 103 LEU A N   1 
ATOM   823  C  CA  . LEU A 1 106 ? 10.794  -4.950  -6.682  1.00 30.45 ? 103 LEU A CA  1 
ATOM   824  C  C   . LEU A 1 106 ? 11.148  -3.591  -6.081  1.00 28.69 ? 103 LEU A C   1 
ATOM   825  O  O   . LEU A 1 106 ? 10.645  -3.244  -5.010  1.00 30.69 ? 103 LEU A O   1 
ATOM   826  C  CB  . LEU A 1 106 ? 11.843  -6.005  -6.307  1.00 34.63 ? 103 LEU A CB  1 
ATOM   827  C  CG  . LEU A 1 106 ? 11.780  -6.520  -4.864  1.00 37.92 ? 103 LEU A CG  1 
ATOM   828  C  CD1 . LEU A 1 106 ? 10.345  -6.724  -4.370  1.00 37.19 ? 103 LEU A CD1 1 
ATOM   829  C  CD2 . LEU A 1 106 ? 12.599  -7.796  -4.767  1.00 38.57 ? 103 LEU A CD2 1 
ATOM   830  N  N   . SER A 1 107 ? 11.969  -2.813  -6.791  1.00 27.83 ? 104 SER A N   1 
ATOM   831  C  CA  . SER A 1 107 ? 12.405  -1.495  -6.315  1.00 27.52 ? 104 SER A CA  1 
ATOM   832  C  C   . SER A 1 107 ? 11.237  -0.530  -6.088  1.00 25.39 ? 104 SER A C   1 
ATOM   833  O  O   . SER A 1 107 ? 11.286  0.314   -5.193  1.00 24.91 ? 104 SER A O   1 
ATOM   834  C  CB  . SER A 1 107 ? 13.406  -0.872  -7.283  1.00 29.49 ? 104 SER A CB  1 
ATOM   835  O  OG  . SER A 1 107 ? 12.815  -0.671  -8.561  1.00 33.73 ? 104 SER A OG  1 
ATOM   836  N  N   . SER A 1 108 ? 10.176  -0.676  -6.874  1.00 22.72 ? 105 SER A N   1 
ATOM   837  C  CA  . SER A 1 108 ? 9.013   0.221   -6.730  1.00 22.13 ? 105 SER A CA  1 
ATOM   838  C  C   . SER A 1 108 ? 8.292   0.067   -5.400  1.00 22.46 ? 105 SER A C   1 
ATOM   839  O  O   . SER A 1 108 ? 7.517   0.944   -4.996  1.00 20.39 ? 105 SER A O   1 
ATOM   840  C  CB  . SER A 1 108 ? 8.046   0.018   -7.877  1.00 22.92 ? 105 SER A CB  1 
ATOM   841  O  OG  . SER A 1 108 ? 8.729   0.334   -9.066  1.00 23.99 ? 105 SER A OG  1 
ATOM   842  N  N   . PHE A 1 109 ? 8.561   -1.031  -4.689  1.00 23.64 ? 106 PHE A N   1 
ATOM   843  C  CA  . PHE A 1 109 ? 7.923   -1.197  -3.384  1.00 25.93 ? 106 PHE A CA  1 
ATOM   844  C  C   . PHE A 1 109 ? 8.473   -0.248  -2.309  1.00 21.98 ? 106 PHE A C   1 
ATOM   845  O  O   . PHE A 1 109 ? 7.774   0.062   -1.355  1.00 22.17 ? 106 PHE A O   1 
ATOM   846  C  CB  . PHE A 1 109 ? 7.716   -2.693  -2.992  1.00 30.66 ? 106 PHE A CB  1 
ATOM   847  C  CG  . PHE A 1 109 ? 6.548   -3.331  -3.735  1.00 34.59 ? 106 PHE A CG  1 
ATOM   848  C  CD1 . PHE A 1 109 ? 5.246   -3.275  -3.220  1.00 37.55 ? 106 PHE A CD1 1 
ATOM   849  C  CD2 . PHE A 1 109 ? 6.725   -3.899  -5.008  1.00 37.18 ? 106 PHE A CD2 1 
ATOM   850  C  CE1 . PHE A 1 109 ? 4.161   -3.805  -3.931  1.00 39.87 ? 106 PHE A CE1 1 
ATOM   851  C  CE2 . PHE A 1 109 ? 5.646   -4.449  -5.706  1.00 38.60 ? 106 PHE A CE2 1 
ATOM   852  C  CZ  . PHE A 1 109 ? 4.361   -4.396  -5.175  1.00 39.96 ? 106 PHE A CZ  1 
ATOM   853  N  N   . SER A 1 110 ? 9.664   0.307   -2.511  1.00 21.49 ? 107 SER A N   1 
ATOM   854  C  CA  . SER A 1 110 ? 10.154  1.340   -1.603  1.00 21.09 ? 107 SER A CA  1 
ATOM   855  C  C   . SER A 1 110 ? 9.340   2.630   -1.808  1.00 18.76 ? 107 SER A C   1 
ATOM   856  O  O   . SER A 1 110 ? 8.989   3.272   -0.854  1.00 19.50 ? 107 SER A O   1 
ATOM   857  C  CB  . SER A 1 110 ? 11.649  1.602   -1.769  1.00 25.27 ? 107 SER A CB  1 
ATOM   858  O  OG  . SER A 1 110 ? 11.931  2.019   -3.085  1.00 29.88 ? 107 SER A OG  1 
ATOM   859  N  N   . THR A 1 111 ? 9.008   2.950   -3.056  1.00 17.55 ? 108 THR A N   1 
ATOM   860  C  CA  . THR A 1 111 ? 8.172   4.125   -3.366  1.00 16.98 ? 108 THR A CA  1 
ATOM   861  C  C   . THR A 1 111 ? 6.776   3.984   -2.786  1.00 15.62 ? 108 THR A C   1 
ATOM   862  O  O   . THR A 1 111 ? 6.210   4.950   -2.294  1.00 14.77 ? 108 THR A O   1 
ATOM   863  C  CB  . THR A 1 111 ? 8.086   4.398   -4.868  1.00 18.79 ? 108 THR A CB  1 
ATOM   864  O  OG1 . THR A 1 111 ? 9.411   4.272   -5.394  1.00 24.33 ? 108 THR A OG1 1 
ATOM   865  C  CG2 . THR A 1 111 ? 7.665   5.834   -5.096  1.00 19.92 ? 108 THR A CG2 1 
ATOM   866  N  N   . VAL A 1 112 ? 6.205   2.779   -2.892  1.00 14.87 ? 109 VAL A N   1 
ATOM   867  C  CA  . VAL A 1 112 ? 4.920   2.497   -2.278  1.00 14.41 ? 109 VAL A CA  1 
ATOM   868  C  C   . VAL A 1 112 ? 4.978   2.743   -0.767  1.00 14.56 ? 109 VAL A C   1 
ATOM   869  O  O   . VAL A 1 112 ? 4.089   3.372   -0.190  1.00 14.56 ? 109 VAL A O   1 
ATOM   870  C  CB  . VAL A 1 112 ? 4.447   1.051   -2.585  1.00 16.05 ? 109 VAL A CB  1 
ATOM   871  C  CG1 . VAL A 1 112 ? 3.206   0.713   -1.785  1.00 16.79 ? 109 VAL A CG1 1 
ATOM   872  C  CG2 . VAL A 1 112 ? 4.220   0.872   -4.087  1.00 16.75 ? 109 VAL A CG2 1 
ATOM   873  N  N   . GLY A 1 113 ? 6.070   2.291   -0.140  1.00 14.77 ? 110 GLY A N   1 
ATOM   874  C  CA  . GLY A 1 113 ? 6.253   2.467   1.303   1.00 14.12 ? 110 GLY A CA  1 
ATOM   875  C  C   . GLY A 1 113 ? 6.313   3.929   1.695   1.00 14.14 ? 110 GLY A C   1 
ATOM   876  O  O   . GLY A 1 113 ? 5.655   4.346   2.644   1.00 14.21 ? 110 GLY A O   1 
ATOM   877  N  N   . GLU A 1 114 ? 7.060   4.703   0.920   1.00 14.65 ? 111 GLU A N   1 
ATOM   878  C  CA  . GLU A 1 114 ? 7.123   6.146   1.184   1.00 15.58 ? 111 GLU A CA  1 
ATOM   879  C  C   . GLU A 1 114 ? 5.780   6.833   0.979   1.00 14.30 ? 111 GLU A C   1 
ATOM   880  O  O   . GLU A 1 114 ? 5.442   7.763   1.714   1.00 14.72 ? 111 GLU A O   1 
ATOM   881  C  CB  . GLU A 1 114 ? 8.180   6.818   0.322   1.00 19.38 ? 111 GLU A CB  1 
ATOM   882  C  CG  . GLU A 1 114 ? 9.603   6.300   0.543   1.00 22.84 ? 111 GLU A CG  1 
ATOM   883  C  CD  . GLU A 1 114 ? 10.136  6.501   1.957   1.00 28.31 ? 111 GLU A CD  1 
ATOM   884  O  OE1 . GLU A 1 114 ? 9.573   7.275   2.768   1.00 27.97 ? 111 GLU A OE1 1 
ATOM   885  O  OE2 . GLU A 1 114 ? 11.177  5.876   2.253   1.00 35.85 ? 111 GLU A OE2 1 
ATOM   886  N  N   . SER A 1 115 ? 5.003   6.357   -0.001  1.00 13.32 ? 112 SER A N   1 
ATOM   887  C  CA  . SER A 1 115 ? 3.678   6.955   -0.224  1.00 13.07 ? 112 SER A CA  1 
ATOM   888  C  C   . SER A 1 115 ? 2.690   6.609   0.912   1.00 12.86 ? 112 SER A C   1 
ATOM   889  O  O   . SER A 1 115 ? 1.846   7.417   1.309   1.00 13.77 ? 112 SER A O   1 
ATOM   890  C  CB  . SER A 1 115 ? 3.123   6.521   -1.580  1.00 14.28 ? 112 SER A CB  1 
ATOM   891  O  OG  . SER A 1 115 ? 4.009   6.899   -2.624  1.00 15.74 ? 112 SER A OG  1 
ATOM   892  N  N   . LEU A 1 116 ? 2.813   5.398   1.432   1.00 13.09 ? 113 LEU A N   1 
ATOM   893  C  CA  . LEU A 1 116 ? 2.039   4.997   2.604   1.00 15.05 ? 113 LEU A CA  1 
ATOM   894  C  C   . LEU A 1 116 ? 2.382   5.879   3.801   1.00 14.51 ? 113 LEU A C   1 
ATOM   895  O  O   . LEU A 1 116 ? 1.482   6.398   4.467   1.00 14.33 ? 113 LEU A O   1 
ATOM   896  C  CB  . LEU A 1 116 ? 2.269   3.505   2.912   1.00 15.54 ? 113 LEU A CB  1 
ATOM   897  C  CG  . LEU A 1 116 ? 1.596   2.961   4.178   1.00 18.53 ? 113 LEU A CG  1 
ATOM   898  C  CD1 . LEU A 1 116 ? 0.077   3.033   4.090   1.00 20.14 ? 113 LEU A CD1 1 
ATOM   899  C  CD2 . LEU A 1 116 ? 2.051   1.517   4.350   1.00 21.03 ? 113 LEU A CD2 1 
ATOM   900  N  N   . LEU A 1 117 ? 3.672   6.100   4.051   1.00 14.59 ? 114 LEU A N   1 
ATOM   901  C  CA  . LEU A 1 117 ? 4.070   6.966   5.150   1.00 15.36 ? 114 LEU A CA  1 
ATOM   902  C  C   . LEU A 1 117 ? 3.595   8.416   4.962   1.00 14.20 ? 114 LEU A C   1 
ATOM   903  O  O   . LEU A 1 117 ? 3.168   9.081   5.918   1.00 15.77 ? 114 LEU A O   1 
ATOM   904  C  CB  . LEU A 1 117 ? 5.580   6.920   5.366   1.00 16.76 ? 114 LEU A CB  1 
ATOM   905  C  CG  . LEU A 1 117 ? 6.162   5.595   5.879   1.00 19.10 ? 114 LEU A CG  1 
ATOM   906  C  CD1 . LEU A 1 117 ? 7.666   5.804   5.938   1.00 21.53 ? 114 LEU A CD1 1 
ATOM   907  C  CD2 . LEU A 1 117 ? 5.595   5.251   7.256   1.00 19.72 ? 114 LEU A CD2 1 
ATOM   908  N  N   . TYR A 1 118 ? 3.618   8.890   3.718   1.00 12.96 ? 115 TYR A N   1 
ATOM   909  C  CA  . TYR A 1 118 ? 3.110   10.236  3.413   1.00 13.42 ? 115 TYR A CA  1 
ATOM   910  C  C   . TYR A 1 118 ? 1.618   10.324  3.767   1.00 13.19 ? 115 TYR A C   1 
ATOM   911  O  O   . TYR A 1 118 ? 1.164   11.265  4.404   1.00 14.80 ? 115 TYR A O   1 
ATOM   912  C  CB  . TYR A 1 118 ? 3.336   10.516  1.910   1.00 12.23 ? 115 TYR A CB  1 
ATOM   913  C  CG  . TYR A 1 118 ? 2.626   11.750  1.432   1.00 13.08 ? 115 TYR A CG  1 
ATOM   914  C  CD1 . TYR A 1 118 ? 3.186   13.012  1.601   1.00 14.04 ? 115 TYR A CD1 1 
ATOM   915  C  CD2 . TYR A 1 118 ? 1.370   11.636  0.810   1.00 13.38 ? 115 TYR A CD2 1 
ATOM   916  C  CE1 . TYR A 1 118 ? 2.504   14.154  1.169   1.00 14.12 ? 115 TYR A CE1 1 
ATOM   917  C  CE2 . TYR A 1 118 ? 0.684   12.753  0.378   1.00 13.67 ? 115 TYR A CE2 1 
ATOM   918  C  CZ  . TYR A 1 118 ? 1.253   14.007  0.584   1.00 14.63 ? 115 TYR A CZ  1 
ATOM   919  O  OH  . TYR A 1 118 ? 0.553   15.097  0.156   1.00 16.61 ? 115 TYR A OH  1 
ATOM   920  N  N   . MET A 1 119 ? 0.846   9.321   3.344   1.00 13.42 ? 116 MET A N   1 
ATOM   921  C  CA  . MET A 1 119 ? -0.590  9.301   3.563   1.00 14.41 ? 116 MET A CA  1 
ATOM   922  C  C   . MET A 1 119 ? -0.871  9.293   5.083   1.00 14.36 ? 116 MET A C   1 
ATOM   923  O  O   . MET A 1 119 ? -1.769  10.007  5.552   1.00 14.95 ? 116 MET A O   1 
ATOM   924  C  CB  . MET A 1 119 ? -1.222  8.099   2.873   1.00 16.19 ? 116 MET A CB  1 
ATOM   925  C  CG  A MET A 1 119 ? -2.750  8.113   2.973   0.60 17.32 ? 116 MET A CG  1 
ATOM   926  C  CG  B MET A 1 119 ? -2.729  7.879   3.110   0.40 16.40 ? 116 MET A CG  1 
ATOM   927  S  SD  A MET A 1 119 ? -3.223  7.205   4.443   0.60 19.01 ? 116 MET A SD  1 
ATOM   928  S  SD  B MET A 1 119 ? -3.256  6.150   2.916   0.40 17.44 ? 116 MET A SD  1 
ATOM   929  C  CE  A MET A 1 119 ? -3.102  5.519   3.835   0.60 19.76 ? 116 MET A CE  1 
ATOM   930  C  CE  B MET A 1 119 ? -2.678  5.513   4.487   0.40 17.28 ? 116 MET A CE  1 
ATOM   931  N  N   . LEU A 1 120 ? -0.092  8.513   5.824   1.00 14.57 ? 117 LEU A N   1 
ATOM   932  C  CA  . LEU A 1 120 ? -0.262  8.489   7.310   1.00 15.82 ? 117 LEU A CA  1 
ATOM   933  C  C   . LEU A 1 120 ? 0.117   9.816   7.957   1.00 16.55 ? 117 LEU A C   1 
ATOM   934  O  O   . LEU A 1 120 ? -0.638  10.345  8.799   1.00 17.26 ? 117 LEU A O   1 
ATOM   935  C  CB  . LEU A 1 120 ? 0.516   7.331   7.927   1.00 16.92 ? 117 LEU A CB  1 
ATOM   936  C  CG  . LEU A 1 120 ? -0.031  5.949   7.543   1.00 18.62 ? 117 LEU A CG  1 
ATOM   937  C  CD1 . LEU A 1 120 ? 1.033   4.892   7.747   1.00 21.94 ? 117 LEU A CD1 1 
ATOM   938  C  CD2 . LEU A 1 120 ? -1.308  5.625   8.316   1.00 21.99 ? 117 LEU A CD2 1 
ATOM   939  N  N   . GLU A 1 121 ? 1.235   10.395  7.519   1.00 15.81 ? 118 GLU A N   1 
ATOM   940  C  CA  . GLU A 1 121 ? 1.682   11.687  8.053   1.00 16.23 ? 118 GLU A CA  1 
ATOM   941  C  C   . GLU A 1 121 ? 0.604   12.751  7.837   1.00 17.65 ? 118 GLU A C   1 
ATOM   942  O  O   . GLU A 1 121 ? 0.274   13.541  8.746   1.00 17.90 ? 118 GLU A O   1 
ATOM   943  C  CB  . GLU A 1 121 ? 3.019   12.124  7.413   1.00 17.99 ? 118 GLU A CB  1 
ATOM   944  C  CG  . GLU A 1 121 ? 3.477   13.477  7.935   1.00 21.35 ? 118 GLU A CG  1 
ATOM   945  C  CD  . GLU A 1 121 ? 4.707   14.033  7.219   1.00 24.51 ? 118 GLU A CD  1 
ATOM   946  O  OE1 . GLU A 1 121 ? 5.474   13.277  6.605   1.00 24.85 ? 118 GLU A OE1 1 
ATOM   947  O  OE2 . GLU A 1 121 ? 4.895   15.259  7.321   1.00 31.54 ? 118 GLU A OE2 1 
ATOM   948  N  N   . LYS A 1 122 ? 0.065   12.796  6.617   1.00 16.35 ? 119 LYS A N   1 
ATOM   949  C  CA  . LYS A 1 122 ? -0.927  13.818  6.300   1.00 18.60 ? 119 LYS A CA  1 
ATOM   950  C  C   . LYS A 1 122 ? -2.267  13.593  6.996   1.00 19.38 ? 119 LYS A C   1 
ATOM   951  O  O   . LYS A 1 122 ? -2.959  14.568  7.323   1.00 23.48 ? 119 LYS A O   1 
ATOM   952  C  CB  . LYS A 1 122 ? -1.128  13.933  4.787   1.00 19.62 ? 119 LYS A CB  1 
ATOM   953  C  CG  . LYS A 1 122 ? 0.082   14.496  4.061   1.00 21.49 ? 119 LYS A CG  1 
ATOM   954  C  CD  . LYS A 1 122 ? 0.325   15.947  4.438   1.00 26.15 ? 119 LYS A CD  1 
ATOM   955  C  CE  . LYS A 1 122 ? 1.765   16.322  4.166   1.00 30.66 ? 119 LYS A CE  1 
ATOM   956  N  NZ  . LYS A 1 122 ? 1.897   17.796  4.293   1.00 37.19 ? 119 LYS A NZ  1 
ATOM   957  N  N   . SER A 1 123 ? -2.637  12.339  7.208   1.00 20.20 ? 120 SER A N   1 
ATOM   958  C  CA  . SER A 1 123 ? -3.888  12.036  7.907   1.00 23.10 ? 120 SER A CA  1 
ATOM   959  C  C   . SER A 1 123 ? -3.810  12.257  9.426   1.00 24.68 ? 120 SER A C   1 
ATOM   960  O  O   . SER A 1 123 ? -4.781  12.725  10.030  1.00 27.03 ? 120 SER A O   1 
ATOM   961  C  CB  . SER A 1 123 ? -4.353  10.612  7.622   1.00 23.20 ? 120 SER A CB  1 
ATOM   962  O  OG  A SER A 1 123 ? -4.342  10.343  6.234   0.50 25.60 ? 120 SER A OG  1 
ATOM   963  O  OG  B SER A 1 123 ? -5.652  10.398  8.163   0.50 23.50 ? 120 SER A OG  1 
ATOM   964  N  N   . LEU A 1 124 ? -2.686  11.914  10.041  1.00 25.02 ? 121 LEU A N   1 
ATOM   965  C  CA  . LEU A 1 124 ? -2.612  11.924  11.501  1.00 28.20 ? 121 LEU A CA  1 
ATOM   966  C  C   . LEU A 1 124 ? -2.078  13.238  12.061  1.00 30.22 ? 121 LEU A C   1 
ATOM   967  O  O   . LEU A 1 124 ? -2.299  13.552  13.242  1.00 30.88 ? 121 LEU A O   1 
ATOM   968  C  CB  . LEU A 1 124 ? -1.780  10.753  12.008  1.00 29.77 ? 121 LEU A CB  1 
ATOM   969  C  CG  . LEU A 1 124 ? -2.191  9.318   11.645  1.00 32.71 ? 121 LEU A CG  1 
ATOM   970  C  CD1 . LEU A 1 124 ? -1.043  8.377   11.990  1.00 35.46 ? 121 LEU A CD1 1 
ATOM   971  C  CD2 . LEU A 1 124 ? -3.484  8.882   12.317  1.00 33.97 ? 121 LEU A CD2 1 
ATOM   972  N  N   . GLY A 1 125 ? -1.372  13.998  11.227  1.00 30.64 ? 122 GLY A N   1 
ATOM   973  C  CA  . GLY A 1 125 ? -0.740  15.245  11.658  1.00 34.38 ? 122 GLY A CA  1 
ATOM   974  C  C   . GLY A 1 125 ? 0.154   15.044  12.875  1.00 36.64 ? 122 GLY A C   1 
ATOM   975  O  O   . GLY A 1 125 ? 1.029   14.173  12.872  1.00 36.07 ? 122 GLY A O   1 
ATOM   976  N  N   . PRO A 1 126 ? -0.071  15.835  13.944  1.00 41.31 ? 123 PRO A N   1 
ATOM   977  C  CA  . PRO A 1 126 ? 0.799   15.706  15.127  1.00 41.64 ? 123 PRO A CA  1 
ATOM   978  C  C   . PRO A 1 126 ? 0.740   14.328  15.813  1.00 40.26 ? 123 PRO A C   1 
ATOM   979  O  O   . PRO A 1 126 ? 1.655   13.976  16.561  1.00 44.21 ? 123 PRO A O   1 
ATOM   980  C  CB  . PRO A 1 126 ? 0.305   16.825  16.060  1.00 42.48 ? 123 PRO A CB  1 
ATOM   981  C  CG  . PRO A 1 126 ? -1.093  17.123  15.608  1.00 44.32 ? 123 PRO A CG  1 
ATOM   982  C  CD  . PRO A 1 126 ? -1.116  16.861  14.125  1.00 42.09 ? 123 PRO A CD  1 
ATOM   983  N  N   . ASP A 1 127 ? -0.304  13.548  15.550  1.00 39.00 ? 124 ASP A N   1 
ATOM   984  C  CA  . ASP A 1 127 ? -0.380  12.180  16.068  1.00 37.27 ? 124 ASP A CA  1 
ATOM   985  C  C   . ASP A 1 127 ? 0.538   11.194  15.348  1.00 38.39 ? 124 ASP A C   1 
ATOM   986  O  O   . ASP A 1 127 ? 0.644   10.034  15.751  1.00 37.93 ? 124 ASP A O   1 
ATOM   987  C  CB  . ASP A 1 127 ? -1.815  11.659  16.032  1.00 41.50 ? 124 ASP A CB  1 
ATOM   988  C  CG  . ASP A 1 127 ? -2.726  12.370  17.023  1.00 45.56 ? 124 ASP A CG  1 
ATOM   989  O  OD1 . ASP A 1 127 ? -2.254  13.225  17.801  1.00 45.19 ? 124 ASP A OD1 1 
ATOM   990  O  OD2 . ASP A 1 127 ? -3.933  12.067  17.012  1.00 47.74 ? 124 ASP A OD2 1 
ATOM   991  N  N   . PHE A 1 128 ? 1.179   11.646  14.271  1.00 35.03 ? 125 PHE A N   1 
ATOM   992  C  CA  . PHE A 1 128 ? 2.144   10.816  13.567  1.00 35.82 ? 125 PHE A CA  1 
ATOM   993  C  C   . PHE A 1 128 ? 3.535   11.023  14.168  1.00 34.73 ? 125 PHE A C   1 
ATOM   994  O  O   . PHE A 1 128 ? 4.332   11.835  13.697  1.00 35.61 ? 125 PHE A O   1 
ATOM   995  C  CB  . PHE A 1 128 ? 2.117   11.122  12.067  1.00 34.72 ? 125 PHE A CB  1 
ATOM   996  C  CG  . PHE A 1 128 ? 2.996   10.222  11.245  1.00 34.19 ? 125 PHE A CG  1 
ATOM   997  C  CD1 . PHE A 1 128 ? 2.612   8.914   10.967  1.00 34.66 ? 125 PHE A CD1 1 
ATOM   998  C  CD2 . PHE A 1 128 ? 4.201   10.694  10.736  1.00 34.90 ? 125 PHE A CD2 1 
ATOM   999  C  CE1 . PHE A 1 128 ? 3.417   8.092   10.191  1.00 33.29 ? 125 PHE A CE1 1 
ATOM   1000 C  CE2 . PHE A 1 128 ? 5.014   9.874   9.965   1.00 35.47 ? 125 PHE A CE2 1 
ATOM   1001 C  CZ  . PHE A 1 128 ? 4.616   8.575   9.691   1.00 33.61 ? 125 PHE A CZ  1 
ATOM   1002 N  N   . THR A 1 129 ? 3.793   10.295  15.245  1.00 36.44 ? 126 THR A N   1 
ATOM   1003 C  CA  . THR A 1 129 ? 5.028   10.445  16.011  1.00 37.94 ? 126 THR A CA  1 
ATOM   1004 C  C   . THR A 1 129 ? 6.133   9.618   15.370  1.00 39.14 ? 126 THR A C   1 
ATOM   1005 O  O   . THR A 1 129 ? 5.840   8.717   14.574  1.00 36.17 ? 126 THR A O   1 
ATOM   1006 C  CB  . THR A 1 129 ? 4.799   9.988   17.458  1.00 37.70 ? 126 THR A CB  1 
ATOM   1007 O  OG1 . THR A 1 129 ? 4.455   8.599   17.477  1.00 38.39 ? 126 THR A OG1 1 
ATOM   1008 C  CG2 . THR A 1 129 ? 3.657   10.780  18.071  1.00 39.54 ? 126 THR A CG2 1 
ATOM   1009 N  N   . PRO A 1 130 ? 7.409   9.901   15.707  1.00 38.02 ? 127 PRO A N   1 
ATOM   1010 C  CA  . PRO A 1 130 ? 8.481   9.031   15.207  1.00 37.63 ? 127 PRO A CA  1 
ATOM   1011 C  C   . PRO A 1 130 ? 8.307   7.553   15.592  1.00 34.38 ? 127 PRO A C   1 
ATOM   1012 O  O   . PRO A 1 130 ? 8.728   6.681   14.838  1.00 36.57 ? 127 PRO A O   1 
ATOM   1013 C  CB  . PRO A 1 130 ? 9.745   9.630   15.844  1.00 38.90 ? 127 PRO A CB  1 
ATOM   1014 C  CG  . PRO A 1 130 ? 9.411   11.072  15.976  1.00 38.47 ? 127 PRO A CG  1 
ATOM   1015 C  CD  . PRO A 1 130 ? 7.959   11.101  16.372  1.00 40.41 ? 127 PRO A CD  1 
ATOM   1016 N  N   . ALA A 1 131 ? 7.664   7.277   16.723  1.00 34.31 ? 128 ALA A N   1 
ATOM   1017 C  CA  . ALA A 1 131 ? 7.418   5.893   17.128  1.00 33.70 ? 128 ALA A CA  1 
ATOM   1018 C  C   . ALA A 1 131 ? 6.391   5.246   16.198  1.00 32.97 ? 128 ALA A C   1 
ATOM   1019 O  O   . ALA A 1 131 ? 6.510   4.070   15.863  1.00 31.21 ? 128 ALA A O   1 
ATOM   1020 C  CB  . ALA A 1 131 ? 6.933   5.830   18.554  1.00 33.90 ? 128 ALA A CB  1 
ATOM   1021 N  N   . THR A 1 132 ? 5.393   6.029   15.796  1.00 32.03 ? 129 THR A N   1 
ATOM   1022 C  CA  . THR A 1 132 ? 4.354   5.556   14.859  1.00 31.78 ? 129 THR A CA  1 
ATOM   1023 C  C   . THR A 1 132 ? 4.944   5.289   13.483  1.00 29.23 ? 129 THR A C   1 
ATOM   1024 O  O   . THR A 1 132 ? 4.667   4.254   12.886  1.00 28.65 ? 129 THR A O   1 
ATOM   1025 C  CB  . THR A 1 132 ? 3.168   6.529   14.794  1.00 32.86 ? 129 THR A CB  1 
ATOM   1026 O  OG1 . THR A 1 132 ? 2.645   6.688   16.115  1.00 34.10 ? 129 THR A OG1 1 
ATOM   1027 C  CG2 . THR A 1 132 ? 2.052   5.969   13.898  1.00 32.30 ? 129 THR A CG2 1 
ATOM   1028 N  N   . ARG A 1 133 ? 5.776   6.204   13.002  1.00 28.18 ? 130 ARG A N   1 
ATOM   1029 C  CA  . ARG A 1 133 ? 6.509   6.014   11.758  1.00 29.20 ? 130 ARG A CA  1 
ATOM   1030 C  C   . ARG A 1 133 ? 7.344   4.737   11.776  1.00 29.56 ? 130 ARG A C   1 
ATOM   1031 O  O   . ARG A 1 133 ? 7.353   3.982   10.804  1.00 26.11 ? 130 ARG A O   1 
ATOM   1032 C  CB  . ARG A 1 133 ? 7.393   7.225   11.469  1.00 33.24 ? 130 ARG A CB  1 
ATOM   1033 C  CG  . ARG A 1 133 ? 8.441   7.003   10.397  1.00 38.48 ? 130 ARG A CG  1 
ATOM   1034 C  CD  . ARG A 1 133 ? 9.273   8.253   10.179  1.00 47.26 ? 130 ARG A CD  1 
ATOM   1035 N  NE  . ARG A 1 133 ? 8.591   9.185   9.285   1.00 56.97 ? 130 ARG A NE  1 
ATOM   1036 C  CZ  . ARG A 1 133 ? 8.657   9.135   7.952   1.00 61.44 ? 130 ARG A CZ  1 
ATOM   1037 N  NH1 . ARG A 1 133 ? 9.383   8.192   7.359   1.00 61.57 ? 130 ARG A NH1 1 
ATOM   1038 N  NH2 . ARG A 1 133 ? 7.999   10.023  7.206   1.00 58.73 ? 130 ARG A NH2 1 
ATOM   1039 N  N   . THR A 1 134 ? 8.048   4.502   12.888  1.00 27.39 ? 131 THR A N   1 
ATOM   1040 C  CA  . THR A 1 134 ? 8.898   3.326   13.018  1.00 26.88 ? 131 THR A CA  1 
ATOM   1041 C  C   . THR A 1 134 ? 8.099   2.022   13.007  1.00 24.29 ? 131 THR A C   1 
ATOM   1042 O  O   . THR A 1 134 ? 8.518   1.043   12.368  1.00 25.81 ? 131 THR A O   1 
ATOM   1043 C  CB  . THR A 1 134 ? 9.797   3.434   14.284  1.00 29.46 ? 131 THR A CB  1 
ATOM   1044 O  OG1 . THR A 1 134 ? 10.774  4.452   14.044  1.00 31.88 ? 131 THR A OG1 1 
ATOM   1045 C  CG2 . THR A 1 134 ? 10.515  2.114   14.569  1.00 31.35 ? 131 THR A CG2 1 
ATOM   1046 N  N   . ALA A 1 135 ? 6.967   2.020   13.704  1.00 24.29 ? 132 ALA A N   1 
ATOM   1047 C  CA  . ALA A 1 135 ? 6.073   0.872   13.772  1.00 23.19 ? 132 ALA A CA  1 
ATOM   1048 C  C   . ALA A 1 135 ? 5.582   0.483   12.376  1.00 22.59 ? 132 ALA A C   1 
ATOM   1049 O  O   . ALA A 1 135 ? 5.630   -0.676  11.992  1.00 22.42 ? 132 ALA A O   1 
ATOM   1050 C  CB  . ALA A 1 135 ? 4.899   1.176   14.690  1.00 22.98 ? 132 ALA A CB  1 
ATOM   1051 N  N   . TRP A 1 136 ? 5.138   1.487   11.622  1.00 24.14 ? 133 TRP A N   1 
ATOM   1052 C  CA  . TRP A 1 136 ? 4.650   1.259   10.251  1.00 22.13 ? 133 TRP A CA  1 
ATOM   1053 C  C   . TRP A 1 136 ? 5.710   0.825   9.306   1.00 21.62 ? 133 TRP A C   1 
ATOM   1054 O  O   . TRP A 1 136 ? 5.438   0.008   8.421   1.00 22.36 ? 133 TRP A O   1 
ATOM   1055 C  CB  . TRP A 1 136 ? 3.941   2.501   9.735   1.00 21.29 ? 133 TRP A CB  1 
ATOM   1056 C  CG  . TRP A 1 136 ? 2.506   2.551   10.175  1.00 20.50 ? 133 TRP A CG  1 
ATOM   1057 C  CD1 . TRP A 1 136 ? 1.954   3.288   11.217  1.00 21.13 ? 133 TRP A CD1 1 
ATOM   1058 C  CD2 . TRP A 1 136 ? 1.384   1.820   9.577   1.00 20.37 ? 133 TRP A CD2 1 
ATOM   1059 N  NE1 . TRP A 1 136 ? 0.602   3.072   11.302  1.00 22.46 ? 133 TRP A NE1 1 
ATOM   1060 C  CE2 . TRP A 1 136 ? 0.194   2.203   10.333  1.00 20.76 ? 133 TRP A CE2 1 
ATOM   1061 C  CE3 . TRP A 1 136 ? 1.257   0.935   8.508   1.00 21.56 ? 133 TRP A CE3 1 
ATOM   1062 C  CZ2 . TRP A 1 136 ? -1.069  1.693   10.036  1.00 21.99 ? 133 TRP A CZ2 1 
ATOM   1063 C  CZ3 . TRP A 1 136 ? -0.022  0.426   8.208   1.00 21.68 ? 133 TRP A CZ3 1 
ATOM   1064 C  CH2 . TRP A 1 136 ? -1.155  0.803   8.949   1.00 22.42 ? 133 TRP A CH2 1 
ATOM   1065 N  N   . SER A 1 137 ? 6.930   1.362   9.451   1.00 20.94 ? 134 SER A N   1 
ATOM   1066 C  CA  . SER A 1 137 ? 8.042   0.952   8.627   1.00 22.91 ? 134 SER A CA  1 
ATOM   1067 C  C   . SER A 1 137 ? 8.361   -0.534  8.838   1.00 23.38 ? 134 SER A C   1 
ATOM   1068 O  O   . SER A 1 137 ? 8.690   -1.240  7.887   1.00 25.10 ? 134 SER A O   1 
ATOM   1069 C  CB  . SER A 1 137 ? 9.269   1.815   8.913   1.00 23.19 ? 134 SER A CB  1 
ATOM   1070 O  OG  A SER A 1 137 ? 10.320  1.491   8.030   0.40 24.13 ? 134 SER A OG  1 
ATOM   1071 O  OG  B SER A 1 137 ? 8.987   3.166   8.587   0.60 24.46 ? 134 SER A OG  1 
ATOM   1072 N  N   . ARG A 1 138 ? 8.259   -0.991  10.083  1.00 25.31 ? 135 ARG A N   1 
ATOM   1073 C  CA  . ARG A 1 138 ? 8.569   -2.378  10.409  1.00 27.07 ? 135 ARG A CA  1 
ATOM   1074 C  C   . ARG A 1 138 ? 7.494   -3.317  9.885   1.00 24.67 ? 135 ARG A C   1 
ATOM   1075 O  O   . ARG A 1 138 ? 7.794   -4.383  9.349   1.00 24.47 ? 135 ARG A O   1 
ATOM   1076 C  CB  . ARG A 1 138 ? 8.773   -2.550  11.918  1.00 32.04 ? 135 ARG A CB  1 
ATOM   1077 C  CG  . ARG A 1 138 ? 10.103  -1.957  12.363  1.00 39.73 ? 135 ARG A CG  1 
ATOM   1078 C  CD  . ARG A 1 138 ? 10.251  -1.925  13.879  1.00 46.50 ? 135 ARG A CD  1 
ATOM   1079 N  NE  . ARG A 1 138 ? 9.927   -3.210  14.492  1.00 52.59 ? 135 ARG A NE  1 
ATOM   1080 C  CZ  . ARG A 1 138 ? 10.725  -4.277  14.493  1.00 57.61 ? 135 ARG A CZ  1 
ATOM   1081 N  NH1 . ARG A 1 138 ? 11.923  -4.235  13.913  1.00 59.26 ? 135 ARG A NH1 1 
ATOM   1082 N  NH2 . ARG A 1 138 ? 10.317  -5.400  15.077  1.00 59.85 ? 135 ARG A NH2 1 
ATOM   1083 N  N   . LEU A 1 139 ? 6.246   -2.898  10.016  1.00 23.27 ? 136 LEU A N   1 
ATOM   1084 C  CA  . LEU A 1 139 ? 5.157   -3.689  9.484   1.00 23.13 ? 136 LEU A CA  1 
ATOM   1085 C  C   . LEU A 1 139 ? 5.258   -3.762  7.958   1.00 23.30 ? 136 LEU A C   1 
ATOM   1086 O  O   . LEU A 1 139 ? 5.184   -4.828  7.367   1.00 22.42 ? 136 LEU A O   1 
ATOM   1087 C  CB  . LEU A 1 139 ? 3.813   -3.119  9.921   1.00 23.39 ? 136 LEU A CB  1 
ATOM   1088 C  CG  . LEU A 1 139 ? 2.612   -3.833  9.279   1.00 25.91 ? 136 LEU A CG  1 
ATOM   1089 C  CD1 . LEU A 1 139 ? 2.519   -5.281  9.715   1.00 27.12 ? 136 LEU A CD1 1 
ATOM   1090 C  CD2 . LEU A 1 139 ? 1.334   -3.094  9.598   1.00 26.52 ? 136 LEU A CD2 1 
ATOM   1091 N  N   . TYR A 1 140 ? 5.434   -2.610  7.321   1.00 22.23 ? 137 TYR A N   1 
ATOM   1092 C  CA  . TYR A 1 140 ? 5.559   -2.591  5.874   1.00 20.98 ? 137 TYR A CA  1 
ATOM   1093 C  C   . TYR A 1 140 ? 6.738   -3.447  5.412   1.00 21.95 ? 137 TYR A C   1 
ATOM   1094 O  O   . TYR A 1 140 ? 6.630   -4.184  4.431   1.00 21.46 ? 137 TYR A O   1 
ATOM   1095 C  CB  . TYR A 1 140 ? 5.682   -1.146  5.353   1.00 20.97 ? 137 TYR A CB  1 
ATOM   1096 C  CG  . TYR A 1 140 ? 5.706   -1.116  3.844   1.00 20.71 ? 137 TYR A CG  1 
ATOM   1097 C  CD1 . TYR A 1 140 ? 4.527   -1.316  3.118   1.00 21.72 ? 137 TYR A CD1 1 
ATOM   1098 C  CD2 . TYR A 1 140 ? 6.890   -0.925  3.153   1.00 21.17 ? 137 TYR A CD2 1 
ATOM   1099 C  CE1 . TYR A 1 140 ? 4.530   -1.330  1.719   1.00 22.78 ? 137 TYR A CE1 1 
ATOM   1100 C  CE2 . TYR A 1 140 ? 6.907   -0.932  1.762   1.00 21.47 ? 137 TYR A CE2 1 
ATOM   1101 C  CZ  . TYR A 1 140 ? 5.723   -1.126  1.059   1.00 21.79 ? 137 TYR A CZ  1 
ATOM   1102 O  OH  . TYR A 1 140 ? 5.742   -1.159  -0.329  1.00 22.61 ? 137 TYR A OH  1 
ATOM   1103 N  N   . GLY A 1 141 ? 7.874   -3.338  6.115   1.00 22.33 ? 138 GLY A N   1 
ATOM   1104 C  CA  . GLY A 1 141 ? 9.037   -4.156  5.844   1.00 23.95 ? 138 GLY A CA  1 
ATOM   1105 C  C   . GLY A 1 141 ? 8.719   -5.645  5.839   1.00 24.30 ? 138 GLY A C   1 
ATOM   1106 O  O   . GLY A 1 141 ? 9.177   -6.368  4.961   1.00 24.33 ? 138 GLY A O   1 
ATOM   1107 N  N   . ALA A 1 142 ? 7.920   -6.082  6.808   1.00 25.56 ? 139 ALA A N   1 
ATOM   1108 C  CA  . ALA A 1 142 ? 7.573   -7.494  6.957   1.00 25.94 ? 139 ALA A CA  1 
ATOM   1109 C  C   . ALA A 1 142 ? 6.697   -7.931  5.792   1.00 25.68 ? 139 ALA A C   1 
ATOM   1110 O  O   . ALA A 1 142 ? 6.883   -9.013  5.240   1.00 25.61 ? 139 ALA A O   1 
ATOM   1111 C  CB  . ALA A 1 142 ? 6.859   -7.726  8.273   1.00 26.22 ? 139 ALA A CB  1 
ATOM   1112 N  N   . VAL A 1 143 ? 5.751   -7.072  5.421   1.00 23.34 ? 140 VAL A N   1 
ATOM   1113 C  CA  . VAL A 1 143 ? 4.874   -7.340  4.264   1.00 23.34 ? 140 VAL A CA  1 
ATOM   1114 C  C   . VAL A 1 143 ? 5.680   -7.459  2.970   1.00 23.14 ? 140 VAL A C   1 
ATOM   1115 O  O   . VAL A 1 143 ? 5.503   -8.403  2.199   1.00 21.43 ? 140 VAL A O   1 
ATOM   1116 C  CB  . VAL A 1 143 ? 3.762   -6.273  4.144   1.00 23.22 ? 140 VAL A CB  1 
ATOM   1117 C  CG1 . VAL A 1 143 ? 2.998   -6.408  2.819   1.00 24.72 ? 140 VAL A CG1 1 
ATOM   1118 C  CG2 . VAL A 1 143 ? 2.821   -6.370  5.327   1.00 25.55 ? 140 VAL A CG2 1 
ATOM   1119 N  N   . VAL A 1 144 ? 6.568   -6.499  2.715   1.00 21.72 ? 141 VAL A N   1 
ATOM   1120 C  CA  . VAL A 1 144 ? 7.420   -6.549  1.535   1.00 23.84 ? 141 VAL A CA  1 
ATOM   1121 C  C   . VAL A 1 144 ? 8.311   -7.797  1.483   1.00 23.57 ? 141 VAL A C   1 
ATOM   1122 O  O   . VAL A 1 144 ? 8.490   -8.367  0.421   1.00 24.44 ? 141 VAL A O   1 
ATOM   1123 C  CB  . VAL A 1 144 ? 8.273   -5.273  1.398   1.00 25.13 ? 141 VAL A CB  1 
ATOM   1124 C  CG1 . VAL A 1 144 ? 9.251   -5.379  0.237   1.00 27.39 ? 141 VAL A CG1 1 
ATOM   1125 C  CG2 . VAL A 1 144 ? 7.344   -4.110  1.165   1.00 26.05 ? 141 VAL A CG2 1 
ATOM   1126 N  N   . GLN A 1 145 ? 8.866   -8.193  2.623   1.00 25.51 ? 142 GLN A N   1 
ATOM   1127 C  CA  . GLN A 1 145 ? 9.721   -9.386  2.698   1.00 26.84 ? 142 GLN A CA  1 
ATOM   1128 C  C   . GLN A 1 145 ? 8.932   -10.610 2.202   1.00 25.54 ? 142 GLN A C   1 
ATOM   1129 O  O   . GLN A 1 145 ? 9.440   -11.382 1.379   1.00 25.68 ? 142 GLN A O   1 
ATOM   1130 C  CB  . GLN A 1 145 ? 10.224  -9.600  4.126   1.00 30.48 ? 142 GLN A CB  1 
ATOM   1131 C  CG  . GLN A 1 145 ? 11.248  -10.720 4.271   1.00 39.08 ? 142 GLN A CG  1 
ATOM   1132 C  CD  . GLN A 1 145 ? 11.748  -10.916 5.710   1.00 43.77 ? 142 GLN A CD  1 
ATOM   1133 O  OE1 . GLN A 1 145 ? 11.105  -10.498 6.688   1.00 48.84 ? 142 GLN A OE1 1 
ATOM   1134 N  NE2 . GLN A 1 145 ? 12.902  -11.569 5.843   1.00 47.00 ? 142 GLN A NE2 1 
ATOM   1135 N  N   . ALA A 1 146 ? 7.692   -10.749 2.673   1.00 25.09 ? 143 ALA A N   1 
ATOM   1136 C  CA  . ALA A 1 146 ? 6.815   -11.851 2.232   1.00 24.11 ? 143 ALA A CA  1 
ATOM   1137 C  C   . ALA A 1 146 ? 6.479   -11.750 0.736   1.00 24.56 ? 143 ALA A C   1 
ATOM   1138 O  O   . ALA A 1 146 ? 6.604   -12.727 0.005   1.00 23.37 ? 143 ALA A O   1 
ATOM   1139 C  CB  . ALA A 1 146 ? 5.546   -11.902 3.082   1.00 24.64 ? 143 ALA A CB  1 
ATOM   1140 N  N   . MET A 1 147 ? 6.082   -10.567 0.262   1.00 23.00 ? 144 MET A N   1 
ATOM   1141 C  CA  . MET A 1 147 ? 5.805   -10.380 -1.168  1.00 23.50 ? 144 MET A CA  1 
ATOM   1142 C  C   . MET A 1 147 ? 7.000   -10.614 -2.095  1.00 24.08 ? 144 MET A C   1 
ATOM   1143 O  O   . MET A 1 147 ? 6.834   -11.086 -3.222  1.00 23.73 ? 144 MET A O   1 
ATOM   1144 C  CB  . MET A 1 147 ? 5.222   -8.987  -1.437  1.00 23.81 ? 144 MET A CB  1 
ATOM   1145 C  CG  . MET A 1 147 ? 3.880   -8.758  -0.792  1.00 25.35 ? 144 MET A CG  1 
ATOM   1146 S  SD  . MET A 1 147 ? 3.149   -7.172  -1.302  1.00 27.55 ? 144 MET A SD  1 
ATOM   1147 C  CE  . MET A 1 147 ? 2.832   -7.488  -3.031  1.00 28.88 ? 144 MET A CE  1 
ATOM   1148 N  N   . SER A 1 148 ? 8.206   -10.292 -1.620  1.00 24.36 ? 145 SER A N   1 
ATOM   1149 C  CA  . SER A 1 148 ? 9.384   -10.344 -2.465  1.00 27.79 ? 145 SER A CA  1 
ATOM   1150 C  C   . SER A 1 148 ? 9.761   -11.787 -2.826  1.00 29.57 ? 145 SER A C   1 
ATOM   1151 O  O   . SER A 1 148 ? 10.495  -12.005 -3.794  1.00 31.79 ? 145 SER A O   1 
ATOM   1152 C  CB  . SER A 1 148 ? 10.551  -9.609  -1.812  1.00 28.96 ? 145 SER A CB  1 
ATOM   1153 O  OG  . SER A 1 148 ? 11.017  -10.340 -0.701  1.00 34.42 ? 145 SER A OG  1 
ATOM   1154 N  N   . ARG A 1 149 ? 9.257   -12.757 -2.054  1.00 31.37 ? 146 ARG A N   1 
ATOM   1155 C  CA  . ARG A 1 149 ? 9.411   -14.186 -2.390  1.00 35.31 ? 146 ARG A CA  1 
ATOM   1156 C  C   . ARG A 1 149 ? 8.753   -14.528 -3.736  1.00 35.18 ? 146 ARG A C   1 
ATOM   1157 O  O   . ARG A 1 149 ? 9.076   -15.543 -4.354  1.00 36.63 ? 146 ARG A O   1 
ATOM   1158 C  CB  . ARG A 1 149 ? 8.849   -15.075 -1.274  1.00 37.30 ? 146 ARG A CB  1 
ATOM   1159 C  CG  . ARG A 1 149 ? 9.567   -14.923 0.063   1.00 43.37 ? 146 ARG A CG  1 
ATOM   1160 C  CD  . ARG A 1 149 ? 8.860   -15.638 1.209   1.00 50.66 ? 146 ARG A CD  1 
ATOM   1161 N  NE  . ARG A 1 149 ? 8.969   -17.094 1.086   1.00 58.95 ? 146 ARG A NE  1 
ATOM   1162 C  CZ  . ARG A 1 149 ? 7.947   -17.952 1.120   1.00 63.02 ? 146 ARG A CZ  1 
ATOM   1163 N  NH1 . ARG A 1 149 ? 6.698   -17.528 1.305   1.00 64.37 ? 146 ARG A NH1 1 
ATOM   1164 N  NH2 . ARG A 1 149 ? 8.182   -19.252 0.986   1.00 64.53 ? 146 ARG A NH2 1 
ATOM   1165 N  N   . GLY A 1 150 ? 7.840   -13.670 -4.195  1.00 33.93 ? 147 GLY A N   1 
ATOM   1166 C  CA  . GLY A 1 150 ? 7.170   -13.859 -5.480  1.00 34.94 ? 147 GLY A CA  1 
ATOM   1167 C  C   . GLY A 1 150 ? 8.049   -13.556 -6.676  1.00 38.57 ? 147 GLY A C   1 
ATOM   1168 O  O   . GLY A 1 150 ? 7.723   -13.938 -7.806  1.00 39.41 ? 147 GLY A O   1 
ATOM   1169 N  N   . TRP A 1 151 ? 9.156   -12.854 -6.427  1.00 41.13 ? 148 TRP A N   1 
ATOM   1170 C  CA  . TRP A 1 151 ? 10.177  -12.579 -7.435  1.00 46.91 ? 148 TRP A CA  1 
ATOM   1171 C  C   . TRP A 1 151 ? 11.275  -13.611 -7.339  1.00 56.28 ? 148 TRP A C   1 
ATOM   1172 O  O   . TRP A 1 151 ? 12.466  -13.277 -7.391  1.00 61.23 ? 148 TRP A O   1 
ATOM   1173 C  CB  . TRP A 1 151 ? 10.756  -11.178 -7.245  1.00 42.72 ? 148 TRP A CB  1 
ATOM   1174 C  CG  . TRP A 1 151 ? 9.895   -10.047 -7.761  1.00 40.23 ? 148 TRP A CG  1 
ATOM   1175 C  CD1 . TRP A 1 151 ? 10.048  -9.329  -8.951  1.00 38.39 ? 148 TRP A CD1 1 
ATOM   1176 C  CD2 . TRP A 1 151 ? 8.726   -9.452  -7.108  1.00 38.64 ? 148 TRP A CD2 1 
ATOM   1177 N  NE1 . TRP A 1 151 ? 9.076   -8.363  -9.070  1.00 38.93 ? 148 TRP A NE1 1 
ATOM   1178 C  CE2 . TRP A 1 151 ? 8.249   -8.383  -8.005  1.00 38.12 ? 148 TRP A CE2 1 
ATOM   1179 C  CE3 . TRP A 1 151 ? 8.042   -9.693  -5.928  1.00 36.71 ? 148 TRP A CE3 1 
ATOM   1180 C  CZ2 . TRP A 1 151 ? 7.148   -7.607  -7.699  1.00 37.66 ? 148 TRP A CZ2 1 
ATOM   1181 C  CZ3 . TRP A 1 151 ? 6.931   -8.894  -5.626  1.00 38.88 ? 148 TRP A CZ3 1 
ATOM   1182 C  CH2 . TRP A 1 151 ? 6.493   -7.877  -6.497  1.00 37.48 ? 148 TRP A CH2 1 
ATOM   1183 N  N   . ASP A 1 152 ? 10.875  -14.875 -7.181  1.00 63.91 ? 149 ASP A N   1 
ATOM   1184 C  CA  . ASP A 1 152 ? 11.789  -16.035 -7.087  1.00 72.81 ? 149 ASP A CA  1 
ATOM   1185 C  C   . ASP A 1 152 ? 12.556  -16.146 -5.774  1.00 79.02 ? 149 ASP A C   1 
ATOM   1186 O  O   . ASP A 1 152 ? 12.906  -17.250 -5.349  1.00 82.90 ? 149 ASP A O   1 
ATOM   1187 C  CB  . ASP A 1 152 ? 12.761  -16.099 -8.277  1.00 75.47 ? 149 ASP A CB  1 
ATOM   1188 C  CG  . ASP A 1 152 ? 12.100  -16.613 -9.542  1.00 78.28 ? 149 ASP A CG  1 
ATOM   1189 O  OD1 . ASP A 1 152 ? 11.029  -17.254 -9.441  1.00 81.19 ? 149 ASP A OD1 1 
ATOM   1190 O  OD2 . ASP A 1 152 ? 12.652  -16.379 -10.640 1.00 78.31 ? 149 ASP A OD2 1 
ATOM   1191 N  N   . GLY A 1 153 ? 12.819  -15.006 -5.140  1.00 80.67 ? 150 GLY A N   1 
ATOM   1192 C  CA  . GLY A 1 153 ? 13.509  -14.973 -3.857  1.00 81.97 ? 150 GLY A CA  1 
ATOM   1193 C  C   . GLY A 1 153 ? 13.621  -13.558 -3.328  1.00 85.08 ? 150 GLY A C   1 
ATOM   1194 O  O   . GLY A 1 153 ? 14.439  -13.286 -2.451  1.00 87.26 ? 150 GLY A O   1 
HETATM 1195 C  CHA . HEM B 2 .   ? -4.022  -6.659  -8.585  1.00 15.66 ? 201 HEM A CHA 1 
HETATM 1196 C  CHB . HEM B 2 .   ? -1.020  -3.072  -10.226 1.00 16.75 ? 201 HEM A CHB 1 
HETATM 1197 C  CHC . HEM B 2 .   ? 0.448   -2.292  -5.627  1.00 17.06 ? 201 HEM A CHC 1 
HETATM 1198 C  CHD . HEM B 2 .   ? -3.064  -5.359  -3.943  1.00 15.90 ? 201 HEM A CHD 1 
HETATM 1199 C  C1A . HEM B 2 .   ? -3.335  -5.710  -9.418  1.00 16.10 ? 201 HEM A C1A 1 
HETATM 1200 C  C2A . HEM B 2 .   ? -3.579  -5.662  -10.866 1.00 17.06 ? 201 HEM A C2A 1 
HETATM 1201 C  C3A . HEM B 2 .   ? -2.692  -4.605  -11.342 1.00 17.12 ? 201 HEM A C3A 1 
HETATM 1202 C  C4A . HEM B 2 .   ? -2.010  -4.115  -10.131 1.00 16.37 ? 201 HEM A C4A 1 
HETATM 1203 C  CMA . HEM B 2 .   ? -2.523  -4.107  -12.747 1.00 19.11 ? 201 HEM A CMA 1 
HETATM 1204 C  CAA . HEM B 2 .   ? -4.528  -6.485  -11.683 1.00 17.51 ? 201 HEM A CAA 1 
HETATM 1205 C  CBA . HEM B 2 .   ? -5.761  -5.666  -12.058 1.00 17.87 ? 201 HEM A CBA 1 
HETATM 1206 C  CGA . HEM B 2 .   ? -6.581  -5.395  -10.828 1.00 19.73 ? 201 HEM A CGA 1 
HETATM 1207 O  O1A . HEM B 2 .   ? -6.913  -6.367  -10.079 1.00 19.84 ? 201 HEM A O1A 1 
HETATM 1208 O  O2A . HEM B 2 .   ? -6.874  -4.209  -10.564 1.00 19.25 ? 201 HEM A O2A 1 
HETATM 1209 C  C1B . HEM B 2 .   ? -0.338  -2.560  -9.078  1.00 16.78 ? 201 HEM A C1B 1 
HETATM 1210 C  C2B . HEM B 2 .   ? 0.734   -1.555  -9.221  1.00 17.86 ? 201 HEM A C2B 1 
HETATM 1211 C  C3B . HEM B 2 .   ? 1.142   -1.367  -7.845  1.00 18.45 ? 201 HEM A C3B 1 
HETATM 1212 C  C4B . HEM B 2 .   ? 0.300   -2.239  -7.064  1.00 17.85 ? 201 HEM A C4B 1 
HETATM 1213 C  CMB . HEM B 2 .   ? 1.253   -0.951  -10.493 1.00 18.38 ? 201 HEM A CMB 1 
HETATM 1214 C  CAB . HEM B 2 .   ? 2.185   -0.443  -7.269  1.00 18.73 ? 201 HEM A CAB 1 
HETATM 1215 C  CBB . HEM B 2 .   ? 3.437   -0.580  -7.625  1.00 25.81 ? 201 HEM A CBB 1 
HETATM 1216 C  C1C . HEM B 2 .   ? -0.358  -3.083  -4.746  1.00 16.86 ? 201 HEM A C1C 1 
HETATM 1217 C  C2C . HEM B 2 .   ? -0.192  -3.079  -3.279  1.00 18.86 ? 201 HEM A C2C 1 
HETATM 1218 C  C3C . HEM B 2 .   ? -1.243  -3.985  -2.819  1.00 17.94 ? 201 HEM A C3C 1 
HETATM 1219 C  C4C . HEM B 2 .   ? -1.951  -4.456  -4.003  1.00 15.64 ? 201 HEM A C4C 1 
HETATM 1220 C  CMC . HEM B 2 .   ? 0.830   -2.305  -2.468  1.00 20.59 ? 201 HEM A CMC 1 
HETATM 1221 C  CAC . HEM B 2 .   ? -1.618  -4.391  -1.450  1.00 19.80 ? 201 HEM A CAC 1 
HETATM 1222 C  CBC . HEM B 2 .   ? -0.800  -4.247  -0.423  1.00 27.16 ? 201 HEM A CBC 1 
HETATM 1223 C  C1D . HEM B 2 .   ? -3.586  -5.960  -5.148  1.00 15.32 ? 201 HEM A C1D 1 
HETATM 1224 C  C2D . HEM B 2 .   ? -4.579  -7.042  -5.006  1.00 16.12 ? 201 HEM A C2D 1 
HETATM 1225 C  C3D . HEM B 2 .   ? -4.846  -7.422  -6.358  1.00 15.64 ? 201 HEM A C3D 1 
HETATM 1226 C  C4D . HEM B 2 .   ? -4.027  -6.542  -7.150  1.00 16.04 ? 201 HEM A C4D 1 
HETATM 1227 C  CMD . HEM B 2 .   ? -5.156  -7.552  -3.723  1.00 16.28 ? 201 HEM A CMD 1 
HETATM 1228 C  CAD . HEM B 2 .   ? -5.773  -8.518  -6.814  1.00 17.28 ? 201 HEM A CAD 1 
HETATM 1229 C  CBD . HEM B 2 .   ? -4.844  -9.746  -6.911  1.00 21.13 ? 201 HEM A CBD 1 
HETATM 1230 C  CGD . HEM B 2 .   ? -5.615  -10.974 -7.406  1.00 24.29 ? 201 HEM A CGD 1 
HETATM 1231 O  O1D . HEM B 2 .   ? -5.616  -11.241 -8.624  1.00 28.00 ? 201 HEM A O1D 1 
HETATM 1232 O  O2D . HEM B 2 .   ? -6.205  -11.629 -6.550  1.00 26.60 ? 201 HEM A O2D 1 
HETATM 1233 N  NA  . HEM B 2 .   ? -2.299  -4.835  -8.897  1.00 15.92 ? 201 HEM A NA  1 
HETATM 1234 N  NB  . HEM B 2 .   ? -0.586  -2.931  -7.831  1.00 15.27 ? 201 HEM A NB  1 
HETATM 1235 N  NC  . HEM B 2 .   ? -1.398  -4.001  -5.246  1.00 15.58 ? 201 HEM A NC  1 
HETATM 1236 N  ND  . HEM B 2 .   ? -3.268  -5.708  -6.418  1.00 14.34 ? 201 HEM A ND  1 
HETATM 1237 FE FE  . HEM B 2 .   ? -1.957  -4.271  -7.078  1.00 14.86 ? 201 HEM A FE  1 
HETATM 1238 S  S   . SO4 C 3 .   ? -14.610 5.807   1.336   0.60 28.96 ? 202 SO4 A S   1 
HETATM 1239 O  O1  . SO4 C 3 .   ? -15.323 6.059   2.626   0.60 31.65 ? 202 SO4 A O1  1 
HETATM 1240 O  O2  . SO4 C 3 .   ? -15.536 6.062   0.199   0.60 30.61 ? 202 SO4 A O2  1 
HETATM 1241 O  O3  . SO4 C 3 .   ? -14.125 4.427   1.237   0.60 27.46 ? 202 SO4 A O3  1 
HETATM 1242 O  O4  . SO4 C 3 .   ? -13.474 6.749   1.246   0.60 29.00 ? 202 SO4 A O4  1 
HETATM 1243 O  O3  . N2O D 4 .   ? -12.951 -5.681  -5.822  0.50 44.50 ? 203 N2O A O3  1 
HETATM 1244 N  N2  . N2O D 4 .   ? -12.893 -6.438  -6.770  0.50 43.55 ? 203 N2O A N2  1 
HETATM 1245 N  N1  . N2O D 4 .   ? -12.843 -7.146  -7.689  0.50 43.27 ? 203 N2O A N1  1 
HETATM 1246 O  O3  . N2O E 4 .   ? -3.792  10.186  -9.223  0.60 26.27 ? 204 N2O A O3  1 
HETATM 1247 N  N2  . N2O E 4 .   ? -4.045  9.116   -8.710  0.60 23.58 ? 204 N2O A N2  1 
HETATM 1248 N  N1  . N2O E 4 .   ? -4.286  8.114   -8.206  0.60 23.99 ? 204 N2O A N1  1 
HETATM 1249 O  O3  . N2O F 4 .   ? 0.792   -3.515  5.381   0.40 33.63 ? 205 N2O A O3  1 
HETATM 1250 N  N2  . N2O F 4 .   ? 1.500   -2.566  5.639   0.40 32.23 ? 205 N2O A N2  1 
HETATM 1251 N  N1  . N2O F 4 .   ? 2.178   -1.667  5.905   0.40 32.66 ? 205 N2O A N1  1 
HETATM 1252 O  O3  . N2O G 4 .   ? 0.387   0.624   0.074   0.25 27.66 ? 206 N2O A O3  1 
HETATM 1253 N  N2  . N2O G 4 .   ? 0.748   -0.465  0.479   0.25 27.85 ? 206 N2O A N2  1 
HETATM 1254 N  N1  . N2O G 4 .   ? 1.083   -1.506  0.860   0.25 28.16 ? 206 N2O A N1  1 
HETATM 1255 O  O3  . N2O H 4 .   ? -10.155 -1.344  3.977   0.60 45.79 ? 207 N2O A O3  1 
HETATM 1256 N  N2  . N2O H 4 .   ? -10.432 -1.105  5.134   0.60 47.05 ? 207 N2O A N2  1 
HETATM 1257 N  N1  . N2O H 4 .   ? -10.713 -0.838  6.226   0.60 47.20 ? 207 N2O A N1  1 
HETATM 1258 O  O   . HOH I 5 .   ? -2.340  2.966   -17.548 1.00 17.22 ? 301 HOH A O   1 
HETATM 1259 O  O   . HOH I 5 .   ? -8.896  12.063  -0.956  1.00 18.27 ? 302 HOH A O   1 
HETATM 1260 O  O   . HOH I 5 .   ? -5.238  1.666   -7.668  1.00 16.19 ? 303 HOH A O   1 
HETATM 1261 O  O   . HOH I 5 .   ? -11.447 8.840   -5.249  1.00 20.88 ? 304 HOH A O   1 
HETATM 1262 O  O   . HOH I 5 .   ? -9.116  -7.341  5.218   1.00 43.49 ? 305 HOH A O   1 
HETATM 1263 O  O   . HOH I 5 .   ? -0.308  12.475  -8.968  1.00 26.62 ? 306 HOH A O   1 
HETATM 1264 O  O   . HOH I 5 .   ? -9.536  -3.522  -10.130 1.00 20.86 ? 307 HOH A O   1 
HETATM 1265 O  O   . HOH I 5 .   ? 9.358   7.363   -13.099 1.00 25.25 ? 308 HOH A O   1 
HETATM 1266 O  O   . HOH I 5 .   ? 7.845   -0.990  -11.213 1.00 31.98 ? 309 HOH A O   1 
HETATM 1267 O  O   . HOH I 5 .   ? 1.925   12.261  -18.920 1.00 30.56 ? 310 HOH A O   1 
HETATM 1268 O  O   . HOH I 5 .   ? -13.046 10.085  -3.215  0.50 21.74 ? 311 HOH A O   1 
HETATM 1269 O  O   . HOH I 5 .   ? -6.982  -8.908  -10.496 1.00 30.59 ? 312 HOH A O   1 
HETATM 1270 O  O   . HOH I 5 .   ? -8.215  12.041  2.952   1.00 35.82 ? 313 HOH A O   1 
HETATM 1271 O  O   . HOH I 5 .   ? 13.852  -4.074  -8.872  1.00 34.74 ? 314 HOH A O   1 
HETATM 1272 O  O   . HOH I 5 .   ? -11.280 -1.130  1.155   1.00 42.03 ? 315 HOH A O   1 
HETATM 1273 O  O   . HOH I 5 .   ? -2.739  15.059  -11.658 1.00 47.08 ? 316 HOH A O   1 
HETATM 1274 O  O   . HOH I 5 .   ? -6.105  1.741   -18.028 1.00 27.95 ? 317 HOH A O   1 
HETATM 1275 O  O   . HOH I 5 .   ? -15.151 1.652   -8.510  1.00 35.15 ? 318 HOH A O   1 
HETATM 1276 O  O   . HOH I 5 .   ? -1.400  -17.027 3.724   1.00 33.36 ? 319 HOH A O   1 
HETATM 1277 O  O   . HOH I 5 .   ? 3.475   12.579  -12.028 1.00 38.54 ? 320 HOH A O   1 
HETATM 1278 O  O   . HOH I 5 .   ? 5.952   10.719  5.939   1.00 29.06 ? 321 HOH A O   1 
HETATM 1279 O  O   . HOH I 5 .   ? -10.627 1.918   -16.801 1.00 37.60 ? 322 HOH A O   1 
HETATM 1280 O  O   . HOH I 5 .   ? -3.656  13.202  -9.497  1.00 55.74 ? 323 HOH A O   1 
HETATM 1281 O  O   . HOH I 5 .   ? -2.185  14.503  1.291   1.00 32.14 ? 324 HOH A O   1 
HETATM 1282 O  O   . HOH I 5 .   ? 8.320   -7.333  -12.873 1.00 43.45 ? 325 HOH A O   1 
HETATM 1283 O  O   . HOH I 5 .   ? 10.345  -5.483  9.687   1.00 45.03 ? 326 HOH A O   1 
HETATM 1284 O  O   . HOH I 5 .   ? -3.709  -18.521 3.663   1.00 47.81 ? 327 HOH A O   1 
HETATM 1285 O  O   . HOH I 5 .   ? -6.711  -11.016 -3.665  1.00 37.05 ? 328 HOH A O   1 
HETATM 1286 O  O   . HOH I 5 .   ? 1.452   13.838  -10.673 1.00 40.66 ? 329 HOH A O   1 
HETATM 1287 O  O   . HOH I 5 .   ? 8.370   2.700   4.221   1.00 50.19 ? 330 HOH A O   1 
HETATM 1288 O  O   . HOH I 5 .   ? 12.658  -6.471  -10.212 1.00 43.04 ? 331 HOH A O   1 
HETATM 1289 O  O   . HOH I 5 .   ? 6.446   13.772  -11.111 1.00 40.20 ? 332 HOH A O   1 
HETATM 1290 O  O   . HOH I 5 .   ? -10.075 6.911   -17.262 1.00 42.25 ? 333 HOH A O   1 
HETATM 1291 O  O   . HOH I 5 .   ? 8.348   2.085   -12.387 1.00 36.98 ? 334 HOH A O   1 
HETATM 1292 O  O   . HOH I 5 .   ? -0.952  15.723  -14.559 1.00 40.92 ? 335 HOH A O   1 
HETATM 1293 O  O   . HOH I 5 .   ? 7.552   -11.436 6.593   1.00 41.66 ? 336 HOH A O   1 
HETATM 1294 O  O   . HOH I 5 .   ? 11.823  -2.846  -2.221  1.00 52.99 ? 337 HOH A O   1 
HETATM 1295 O  O   . HOH I 5 .   ? 3.238   12.976  -14.534 1.00 46.40 ? 338 HOH A O   1 
HETATM 1296 O  O   . HOH I 5 .   ? 0.485   -4.164  -16.787 1.00 32.60 ? 339 HOH A O   1 
HETATM 1297 O  O   . HOH I 5 .   ? 6.597   2.140   -17.668 1.00 41.59 ? 340 HOH A O   1 
HETATM 1298 O  O   . HOH I 5 .   ? -6.697  9.474   -21.464 1.00 41.93 ? 341 HOH A O   1 
HETATM 1299 O  O   . HOH I 5 .   ? -8.632  7.403   -19.458 1.00 45.13 ? 342 HOH A O   1 
HETATM 1300 O  O   . HOH I 5 .   ? 7.701   9.139   19.108  1.00 49.70 ? 343 HOH A O   1 
HETATM 1301 O  O   . HOH I 5 .   ? 3.855   7.847   19.996  1.00 57.72 ? 344 HOH A O   1 
HETATM 1302 O  O   . HOH I 5 .   ? 9.808   2.257   2.044   1.00 46.15 ? 345 HOH A O   1 
HETATM 1303 O  O   . HOH I 5 .   ? -8.751  2.176   -18.973 1.00 44.44 ? 346 HOH A O   1 
HETATM 1304 O  O   . HOH I 5 .   ? 5.703   2.185   5.456   1.00 39.71 ? 347 HOH A O   1 
HETATM 1305 O  O   . HOH I 5 .   ? -4.284  -3.933  -15.422 1.00 47.35 ? 348 HOH A O   1 
HETATM 1306 O  O   . HOH I 5 .   ? 11.350  -1.277  16.199  1.00 58.68 ? 349 HOH A O   1 
HETATM 1307 O  O   . HOH I 5 .   ? 4.207   -12.031 13.017  1.00 58.34 ? 350 HOH A O   1 
HETATM 1308 O  O   . HOH I 5 .   ? 0.532   14.272  -17.700 0.50 27.26 ? 351 HOH A O   1 
HETATM 1309 O  O   . HOH I 5 .   ? 8.737   13.041  -12.885 0.33 34.27 ? 352 HOH A O   1 
HETATM 1310 O  O   . HOH I 5 .   ? -15.244 9.132   -2.080  0.50 25.50 ? 353 HOH A O   1 
HETATM 1311 O  O   . HOH I 5 .   ? 5.301   -4.815  13.447  1.00 46.09 ? 354 HOH A O   1 
HETATM 1312 O  O   . HOH I 5 .   ? -4.067  11.264  3.995   1.00 37.36 ? 355 HOH A O   1 
HETATM 1313 O  O   . HOH I 5 .   ? -10.545 11.808  4.073   1.00 44.96 ? 356 HOH A O   1 
HETATM 1314 O  O   . HOH I 5 .   ? 14.622  -2.150  -11.161 1.00 57.74 ? 357 HOH A O   1 
HETATM 1315 O  O   . HOH I 5 .   ? -7.561  -0.502  13.850  1.00 47.49 ? 358 HOH A O   1 
HETATM 1316 O  O   . HOH I 5 .   ? -2.682  -9.475  15.775  1.00 48.25 ? 359 HOH A O   1 
HETATM 1317 O  O   . HOH I 5 .   ? 2.540   9.416   -14.740 1.00 42.03 ? 360 HOH A O   1 
HETATM 1318 O  O   . HOH I 5 .   ? 3.831   11.498  -16.797 1.00 42.58 ? 361 HOH A O   1 
HETATM 1319 O  O   . HOH I 5 .   ? -9.332  -5.401  -17.749 1.00 54.15 ? 362 HOH A O   1 
# 
loop_
_pdbx_poly_seq_scheme.asym_id 
_pdbx_poly_seq_scheme.entity_id 
_pdbx_poly_seq_scheme.seq_id 
_pdbx_poly_seq_scheme.mon_id 
_pdbx_poly_seq_scheme.ndb_seq_num 
_pdbx_poly_seq_scheme.pdb_seq_num 
_pdbx_poly_seq_scheme.auth_seq_num 
_pdbx_poly_seq_scheme.pdb_mon_id 
_pdbx_poly_seq_scheme.auth_mon_id 
_pdbx_poly_seq_scheme.pdb_strand_id 
_pdbx_poly_seq_scheme.pdb_ins_code 
_pdbx_poly_seq_scheme.hetero 
A 1 1   GLY 1   -2  ?   ?   ?   A . n 
A 1 2   SER 2   -1  ?   ?   ?   A . n 
A 1 3   HIS 3   0   ?   ?   ?   A . n 
A 1 4   MET 4   1   ?   ?   ?   A . n 
A 1 5   GLU 5   2   ?   ?   ?   A . n 
A 1 6   ARG 6   3   3   ARG ARG A . n 
A 1 7   PRO 7   4   4   PRO PRO A . n 
A 1 8   GLU 8   5   5   GLU GLU A . n 
A 1 9   SER 9   6   6   SER SER A . n 
A 1 10  GLU 10  7   7   GLU GLU A . n 
A 1 11  LEU 11  8   8   LEU LEU A . n 
A 1 12  ILE 12  9   9   ILE ILE A . n 
A 1 13  ARG 13  10  10  ARG ARG A . n 
A 1 14  GLN 14  11  11  GLN GLN A . n 
A 1 15  SER 15  12  12  SER SER A . n 
A 1 16  TRP 16  13  13  TRP TRP A . n 
A 1 17  ARG 17  14  14  ARG ARG A . n 
A 1 18  VAL 18  15  15  VAL VAL A . n 
A 1 19  VAL 19  16  16  VAL VAL A . n 
A 1 20  SER 20  17  17  SER SER A . n 
A 1 21  ARG 21  18  18  ARG ARG A . n 
A 1 22  SER 22  19  19  SER SER A . n 
A 1 23  PRO 23  20  20  PRO PRO A . n 
A 1 24  LEU 24  21  21  LEU LEU A . n 
A 1 25  GLU 25  22  22  GLU GLU A . n 
A 1 26  HIS 26  23  23  HIS HIS A . n 
A 1 27  GLY 27  24  24  GLY GLY A . n 
A 1 28  THR 28  25  25  THR THR A . n 
A 1 29  VAL 29  26  26  VAL VAL A . n 
A 1 30  LEU 30  27  27  LEU LEU A . n 
A 1 31  PHE 31  28  28  PHE PHE A . n 
A 1 32  ALA 32  29  29  ALA ALA A . n 
A 1 33  ARG 33  30  30  ARG ARG A . n 
A 1 34  LEU 34  31  31  LEU LEU A . n 
A 1 35  PHE 35  32  32  PHE PHE A . n 
A 1 36  ALA 36  33  33  ALA ALA A . n 
A 1 37  LEU 37  34  34  LEU LEU A . n 
A 1 38  GLU 38  35  35  GLU GLU A . n 
A 1 39  PRO 39  36  36  PRO PRO A . n 
A 1 40  SER 40  37  37  SER SER A . n 
A 1 41  LEU 41  38  38  LEU LEU A . n 
A 1 42  LEU 42  39  39  LEU LEU A . n 
A 1 43  PRO 43  40  40  PRO PRO A . n 
A 1 44  LEU 44  41  41  LEU LEU A . n 
A 1 45  PHE 45  42  42  PHE PHE A . n 
A 1 46  GLN 46  43  43  GLN GLN A . n 
A 1 47  TYR 47  44  44  TYR TYR A . n 
A 1 48  ASN 48  45  45  ASN ASN A . n 
A 1 49  GLY 49  46  46  GLY GLY A . n 
A 1 50  ARG 50  47  47  ARG ARG A . n 
A 1 51  GLN 51  48  48  GLN GLN A . n 
A 1 52  PHE 52  49  49  PHE PHE A . n 
A 1 53  SER 53  50  50  SER SER A . n 
A 1 54  SER 54  51  51  SER SER A . n 
A 1 55  PRO 55  52  52  PRO PRO A . n 
A 1 56  GLU 56  53  53  GLU GLU A . n 
A 1 57  ASP 57  54  54  ASP ASP A . n 
A 1 58  SER 58  55  55  SER SER A . n 
A 1 59  LEU 59  56  56  LEU LEU A . n 
A 1 60  SER 60  57  57  SER SER A . n 
A 1 61  SER 61  58  58  SER SER A . n 
A 1 62  PRO 62  59  59  PRO PRO A . n 
A 1 63  GLU 63  60  60  GLU GLU A . n 
A 1 64  PHE 64  61  61  PHE PHE A . n 
A 1 65  LEU 65  62  62  LEU LEU A . n 
A 1 66  ASP 66  63  63  ASP ASP A . n 
A 1 67  HIS 67  64  64  HIS HIS A . n 
A 1 68  ILE 68  65  65  ILE ILE A . n 
A 1 69  ARG 69  66  66  ARG ARG A . n 
A 1 70  LYS 70  67  67  LYS LYS A . n 
A 1 71  VAL 71  68  68  VAL VAL A . n 
A 1 72  MET 72  69  69  MET MET A . n 
A 1 73  LEU 73  70  70  LEU LEU A . n 
A 1 74  VAL 74  71  71  VAL VAL A . n 
A 1 75  ILE 75  72  72  ILE ILE A . n 
A 1 76  ASP 76  73  73  ASP ASP A . n 
A 1 77  ALA 77  74  74  ALA ALA A . n 
A 1 78  ALA 78  75  75  ALA ALA A . n 
A 1 79  VAL 79  76  76  VAL VAL A . n 
A 1 80  THR 80  77  77  THR THR A . n 
A 1 81  ASN 81  78  78  ASN ASN A . n 
A 1 82  VAL 82  79  79  VAL VAL A . n 
A 1 83  GLU 83  80  80  GLU GLU A . n 
A 1 84  ASP 84  81  81  ASP ASP A . n 
A 1 85  LEU 85  82  82  LEU LEU A . n 
A 1 86  SER 86  83  83  SER SER A . n 
A 1 87  SER 87  84  84  SER SER A . n 
A 1 88  LEU 88  85  85  LEU LEU A . n 
A 1 89  GLU 89  86  86  GLU GLU A . n 
A 1 90  GLU 90  87  87  GLU GLU A . n 
A 1 91  TYR 91  88  88  TYR TYR A . n 
A 1 92  LEU 92  89  89  LEU LEU A . n 
A 1 93  THR 93  90  90  THR THR A . n 
A 1 94  SER 94  91  91  SER SER A . n 
A 1 95  LEU 95  92  92  LEU LEU A . n 
A 1 96  GLY 96  93  93  GLY GLY A . n 
A 1 97  ARG 97  94  94  ARG ARG A . n 
A 1 98  LYS 98  95  95  LYS LYS A . n 
A 1 99  HIS 99  96  96  HIS HIS A . n 
A 1 100 ARG 100 97  97  ARG ARG A . n 
A 1 101 ALA 101 98  98  ALA ALA A . n 
A 1 102 VAL 102 99  99  VAL VAL A . n 
A 1 103 GLY 103 100 100 GLY GLY A . n 
A 1 104 VAL 104 101 101 VAL VAL A . n 
A 1 105 ARG 105 102 102 ARG ARG A . n 
A 1 106 LEU 106 103 103 LEU LEU A . n 
A 1 107 SER 107 104 104 SER SER A . n 
A 1 108 SER 108 105 105 SER SER A . n 
A 1 109 PHE 109 106 106 PHE PHE A . n 
A 1 110 SER 110 107 107 SER SER A . n 
A 1 111 THR 111 108 108 THR THR A . n 
A 1 112 VAL 112 109 109 VAL VAL A . n 
A 1 113 GLY 113 110 110 GLY GLY A . n 
A 1 114 GLU 114 111 111 GLU GLU A . n 
A 1 115 SER 115 112 112 SER SER A . n 
A 1 116 LEU 116 113 113 LEU LEU A . n 
A 1 117 LEU 117 114 114 LEU LEU A . n 
A 1 118 TYR 118 115 115 TYR TYR A . n 
A 1 119 MET 119 116 116 MET MET A . n 
A 1 120 LEU 120 117 117 LEU LEU A . n 
A 1 121 GLU 121 118 118 GLU GLU A . n 
A 1 122 LYS 122 119 119 LYS LYS A . n 
A 1 123 SER 123 120 120 SER SER A . n 
A 1 124 LEU 124 121 121 LEU LEU A . n 
A 1 125 GLY 125 122 122 GLY GLY A . n 
A 1 126 PRO 126 123 123 PRO PRO A . n 
A 1 127 ASP 127 124 124 ASP ASP A . n 
A 1 128 PHE 128 125 125 PHE PHE A . n 
A 1 129 THR 129 126 126 THR THR A . n 
A 1 130 PRO 130 127 127 PRO PRO A . n 
A 1 131 ALA 131 128 128 ALA ALA A . n 
A 1 132 THR 132 129 129 THR THR A . n 
A 1 133 ARG 133 130 130 ARG ARG A . n 
A 1 134 THR 134 131 131 THR THR A . n 
A 1 135 ALA 135 132 132 ALA ALA A . n 
A 1 136 TRP 136 133 133 TRP TRP A . n 
A 1 137 SER 137 134 134 SER SER A . n 
A 1 138 ARG 138 135 135 ARG ARG A . n 
A 1 139 LEU 139 136 136 LEU LEU A . n 
A 1 140 TYR 140 137 137 TYR TYR A . n 
A 1 141 GLY 141 138 138 GLY GLY A . n 
A 1 142 ALA 142 139 139 ALA ALA A . n 
A 1 143 VAL 143 140 140 VAL VAL A . n 
A 1 144 VAL 144 141 141 VAL VAL A . n 
A 1 145 GLN 145 142 142 GLN GLN A . n 
A 1 146 ALA 146 143 143 ALA ALA A . n 
A 1 147 MET 147 144 144 MET MET A . n 
A 1 148 SER 148 145 145 SER SER A . n 
A 1 149 ARG 149 146 146 ARG ARG A . n 
A 1 150 GLY 150 147 147 GLY GLY A . n 
A 1 151 TRP 151 148 148 TRP TRP A . n 
A 1 152 ASP 152 149 149 ASP ASP A . n 
A 1 153 GLY 153 150 150 GLY GLY A . n 
A 1 154 GLU 154 151 ?   ?   ?   A . n 
# 
loop_
_pdbx_nonpoly_scheme.asym_id 
_pdbx_nonpoly_scheme.entity_id 
_pdbx_nonpoly_scheme.mon_id 
_pdbx_nonpoly_scheme.ndb_seq_num 
_pdbx_nonpoly_scheme.pdb_seq_num 
_pdbx_nonpoly_scheme.auth_seq_num 
_pdbx_nonpoly_scheme.pdb_mon_id 
_pdbx_nonpoly_scheme.auth_mon_id 
_pdbx_nonpoly_scheme.pdb_strand_id 
_pdbx_nonpoly_scheme.pdb_ins_code 
B 2 HEM 1  201 160 HEM HEM A . 
C 3 SO4 1  202 170 SO4 SO4 A . 
D 4 N2O 1  203 181 N2O N2O A . 
E 4 N2O 1  204 182 N2O N2O A . 
F 4 N2O 1  205 183 N2O N2O A . 
G 4 N2O 1  206 184 N2O N2O A . 
H 4 N2O 1  207 186 N2O N2O A . 
I 5 HOH 1  301 201 HOH HOH A . 
I 5 HOH 2  302 202 HOH HOH A . 
I 5 HOH 3  303 203 HOH HOH A . 
I 5 HOH 4  304 204 HOH HOH A . 
I 5 HOH 5  305 205 HOH HOH A . 
I 5 HOH 6  306 206 HOH HOH A . 
I 5 HOH 7  307 207 HOH HOH A . 
I 5 HOH 8  308 208 HOH HOH A . 
I 5 HOH 9  309 209 HOH HOH A . 
I 5 HOH 10 310 210 HOH HOH A . 
I 5 HOH 11 311 211 HOH HOH A . 
I 5 HOH 12 312 212 HOH HOH A . 
I 5 HOH 13 313 213 HOH HOH A . 
I 5 HOH 14 314 214 HOH HOH A . 
I 5 HOH 15 315 215 HOH HOH A . 
I 5 HOH 16 316 216 HOH HOH A . 
I 5 HOH 17 317 217 HOH HOH A . 
I 5 HOH 18 318 218 HOH HOH A . 
I 5 HOH 19 319 219 HOH HOH A . 
I 5 HOH 20 320 220 HOH HOH A . 
I 5 HOH 21 321 221 HOH HOH A . 
I 5 HOH 22 322 222 HOH HOH A . 
I 5 HOH 23 323 223 HOH HOH A . 
I 5 HOH 24 324 224 HOH HOH A . 
I 5 HOH 25 325 225 HOH HOH A . 
I 5 HOH 26 326 226 HOH HOH A . 
I 5 HOH 27 327 227 HOH HOH A . 
I 5 HOH 28 328 228 HOH HOH A . 
I 5 HOH 29 329 229 HOH HOH A . 
I 5 HOH 30 330 230 HOH HOH A . 
I 5 HOH 31 331 231 HOH HOH A . 
I 5 HOH 32 332 232 HOH HOH A . 
I 5 HOH 33 333 233 HOH HOH A . 
I 5 HOH 34 334 234 HOH HOH A . 
I 5 HOH 35 335 235 HOH HOH A . 
I 5 HOH 36 336 236 HOH HOH A . 
I 5 HOH 37 337 237 HOH HOH A . 
I 5 HOH 38 338 238 HOH HOH A . 
I 5 HOH 39 339 240 HOH HOH A . 
I 5 HOH 40 340 241 HOH HOH A . 
I 5 HOH 41 341 242 HOH HOH A . 
I 5 HOH 42 342 245 HOH HOH A . 
I 5 HOH 43 343 246 HOH HOH A . 
I 5 HOH 44 344 247 HOH HOH A . 
I 5 HOH 45 345 248 HOH HOH A . 
I 5 HOH 46 346 252 HOH HOH A . 
I 5 HOH 47 347 253 HOH HOH A . 
I 5 HOH 48 348 255 HOH HOH A . 
I 5 HOH 49 349 256 HOH HOH A . 
I 5 HOH 50 350 257 HOH HOH A . 
I 5 HOH 51 351 258 HOH HOH A . 
I 5 HOH 52 352 259 HOH HOH A . 
I 5 HOH 53 353 260 HOH HOH A . 
I 5 HOH 54 354 261 HOH HOH A . 
I 5 HOH 55 355 263 HOH HOH A . 
I 5 HOH 56 356 264 HOH HOH A . 
I 5 HOH 57 357 265 HOH HOH A . 
I 5 HOH 58 358 266 HOH HOH A . 
I 5 HOH 59 359 270 HOH HOH A . 
I 5 HOH 60 360 272 HOH HOH A . 
I 5 HOH 61 361 275 HOH HOH A . 
I 5 HOH 62 362 281 HOH HOH A . 
# 
_pdbx_struct_assembly.id                   1 
_pdbx_struct_assembly.details              author_defined_assembly 
_pdbx_struct_assembly.method_details       ? 
_pdbx_struct_assembly.oligomeric_details   monomeric 
_pdbx_struct_assembly.oligomeric_count     1 
# 
_pdbx_struct_assembly_gen.assembly_id       1 
_pdbx_struct_assembly_gen.oper_expression   1 
_pdbx_struct_assembly_gen.asym_id_list      A,B,C,D,E,F,G,H,I 
# 
_pdbx_struct_oper_list.id                   1 
_pdbx_struct_oper_list.type                 'identity operation' 
_pdbx_struct_oper_list.name                 1_555 
_pdbx_struct_oper_list.symmetry_operation   x,y,z 
_pdbx_struct_oper_list.matrix[1][1]         1.0000000000 
_pdbx_struct_oper_list.matrix[1][2]         0.0000000000 
_pdbx_struct_oper_list.matrix[1][3]         0.0000000000 
_pdbx_struct_oper_list.vector[1]            0.0000000000 
_pdbx_struct_oper_list.matrix[2][1]         0.0000000000 
_pdbx_struct_oper_list.matrix[2][2]         1.0000000000 
_pdbx_struct_oper_list.matrix[2][3]         0.0000000000 
_pdbx_struct_oper_list.vector[2]            0.0000000000 
_pdbx_struct_oper_list.matrix[3][1]         0.0000000000 
_pdbx_struct_oper_list.matrix[3][2]         0.0000000000 
_pdbx_struct_oper_list.matrix[3][3]         1.0000000000 
_pdbx_struct_oper_list.vector[3]            0.0000000000 
# 
_pdbx_struct_special_symmetry.id              1 
_pdbx_struct_special_symmetry.PDB_model_num   1 
_pdbx_struct_special_symmetry.auth_asym_id    A 
_pdbx_struct_special_symmetry.auth_comp_id    HOH 
_pdbx_struct_special_symmetry.auth_seq_id     352 
_pdbx_struct_special_symmetry.PDB_ins_code    ? 
_pdbx_struct_special_symmetry.label_asym_id   I 
_pdbx_struct_special_symmetry.label_comp_id   HOH 
_pdbx_struct_special_symmetry.label_seq_id    . 
# 
loop_
_pdbx_struct_conn_angle.id 
_pdbx_struct_conn_angle.ptnr1_label_atom_id 
_pdbx_struct_conn_angle.ptnr1_label_alt_id 
_pdbx_struct_conn_angle.ptnr1_label_asym_id 
_pdbx_struct_conn_angle.ptnr1_label_comp_id 
_pdbx_struct_conn_angle.ptnr1_label_seq_id 
_pdbx_struct_conn_angle.ptnr1_auth_atom_id 
_pdbx_struct_conn_angle.ptnr1_auth_asym_id 
_pdbx_struct_conn_angle.ptnr1_auth_comp_id 
_pdbx_struct_conn_angle.ptnr1_auth_seq_id 
_pdbx_struct_conn_angle.ptnr1_PDB_ins_code 
_pdbx_struct_conn_angle.ptnr1_symmetry 
_pdbx_struct_conn_angle.ptnr2_label_atom_id 
_pdbx_struct_conn_angle.ptnr2_label_alt_id 
_pdbx_struct_conn_angle.ptnr2_label_asym_id 
_pdbx_struct_conn_angle.ptnr2_label_comp_id 
_pdbx_struct_conn_angle.ptnr2_label_seq_id 
_pdbx_struct_conn_angle.ptnr2_auth_atom_id 
_pdbx_struct_conn_angle.ptnr2_auth_asym_id 
_pdbx_struct_conn_angle.ptnr2_auth_comp_id 
_pdbx_struct_conn_angle.ptnr2_auth_seq_id 
_pdbx_struct_conn_angle.ptnr2_PDB_ins_code 
_pdbx_struct_conn_angle.ptnr2_symmetry 
_pdbx_struct_conn_angle.ptnr3_label_atom_id 
_pdbx_struct_conn_angle.ptnr3_label_alt_id 
_pdbx_struct_conn_angle.ptnr3_label_asym_id 
_pdbx_struct_conn_angle.ptnr3_label_comp_id 
_pdbx_struct_conn_angle.ptnr3_label_seq_id 
_pdbx_struct_conn_angle.ptnr3_auth_atom_id 
_pdbx_struct_conn_angle.ptnr3_auth_asym_id 
_pdbx_struct_conn_angle.ptnr3_auth_comp_id 
_pdbx_struct_conn_angle.ptnr3_auth_seq_id 
_pdbx_struct_conn_angle.ptnr3_PDB_ins_code 
_pdbx_struct_conn_angle.ptnr3_symmetry 
_pdbx_struct_conn_angle.value 
_pdbx_struct_conn_angle.value_esd 
1  NE2 ? A HIS 67 ? A HIS 64  ? 1_555 FE ? B HEM . ? A HEM 201 ? 1_555 NA  ? B HEM .  ? A HEM 201 ? 1_555 93.9  ? 
2  NE2 ? A HIS 67 ? A HIS 64  ? 1_555 FE ? B HEM . ? A HEM 201 ? 1_555 NB  ? B HEM .  ? A HEM 201 ? 1_555 92.3  ? 
3  NA  ? B HEM .  ? A HEM 201 ? 1_555 FE ? B HEM . ? A HEM 201 ? 1_555 NB  ? B HEM .  ? A HEM 201 ? 1_555 87.9  ? 
4  NE2 ? A HIS 67 ? A HIS 64  ? 1_555 FE ? B HEM . ? A HEM 201 ? 1_555 NC  ? B HEM .  ? A HEM 201 ? 1_555 96.8  ? 
5  NA  ? B HEM .  ? A HEM 201 ? 1_555 FE ? B HEM . ? A HEM 201 ? 1_555 NC  ? B HEM .  ? A HEM 201 ? 1_555 169.2 ? 
6  NB  ? B HEM .  ? A HEM 201 ? 1_555 FE ? B HEM . ? A HEM 201 ? 1_555 NC  ? B HEM .  ? A HEM 201 ? 1_555 93.6  ? 
7  NE2 ? A HIS 67 ? A HIS 64  ? 1_555 FE ? B HEM . ? A HEM 201 ? 1_555 ND  ? B HEM .  ? A HEM 201 ? 1_555 90.8  ? 
8  NA  ? B HEM .  ? A HEM 201 ? 1_555 FE ? B HEM . ? A HEM 201 ? 1_555 ND  ? B HEM .  ? A HEM 201 ? 1_555 89.2  ? 
9  NB  ? B HEM .  ? A HEM 201 ? 1_555 FE ? B HEM . ? A HEM 201 ? 1_555 ND  ? B HEM .  ? A HEM 201 ? 1_555 175.9 ? 
10 NC  ? B HEM .  ? A HEM 201 ? 1_555 FE ? B HEM . ? A HEM 201 ? 1_555 ND  ? B HEM .  ? A HEM 201 ? 1_555 88.7  ? 
11 NE2 ? A HIS 67 ? A HIS 64  ? 1_555 FE ? B HEM . ? A HEM 201 ? 1_555 NE2 ? A HIS 99 ? A HIS 96  ? 1_555 177.5 ? 
12 NA  ? B HEM .  ? A HEM 201 ? 1_555 FE ? B HEM . ? A HEM 201 ? 1_555 NE2 ? A HIS 99 ? A HIS 96  ? 1_555 84.2  ? 
13 NB  ? B HEM .  ? A HEM 201 ? 1_555 FE ? B HEM . ? A HEM 201 ? 1_555 NE2 ? A HIS 99 ? A HIS 96  ? 1_555 89.3  ? 
14 NC  ? B HEM .  ? A HEM 201 ? 1_555 FE ? B HEM . ? A HEM 201 ? 1_555 NE2 ? A HIS 99 ? A HIS 96  ? 1_555 85.0  ? 
15 ND  ? B HEM .  ? A HEM 201 ? 1_555 FE ? B HEM . ? A HEM 201 ? 1_555 NE2 ? A HIS 99 ? A HIS 96  ? 1_555 87.5  ? 
# 
loop_
_pdbx_audit_revision_history.ordinal 
_pdbx_audit_revision_history.data_content_type 
_pdbx_audit_revision_history.major_revision 
_pdbx_audit_revision_history.minor_revision 
_pdbx_audit_revision_history.revision_date 
1 'Structure model' 1 0 2014-09-24 
2 'Structure model' 1 1 2014-12-17 
3 'Structure model' 1 2 2023-11-08 
# 
_pdbx_audit_revision_details.ordinal             1 
_pdbx_audit_revision_details.revision_ordinal    1 
_pdbx_audit_revision_details.data_content_type   'Structure model' 
_pdbx_audit_revision_details.provider            repository 
_pdbx_audit_revision_details.type                'Initial release' 
_pdbx_audit_revision_details.description         ? 
_pdbx_audit_revision_details.details             ? 
# 
loop_
_pdbx_audit_revision_group.ordinal 
_pdbx_audit_revision_group.revision_ordinal 
_pdbx_audit_revision_group.data_content_type 
_pdbx_audit_revision_group.group 
1 2 'Structure model' 'Database references'    
2 3 'Structure model' 'Data collection'        
3 3 'Structure model' 'Database references'    
4 3 'Structure model' 'Derived calculations'   
5 3 'Structure model' 'Refinement description' 
# 
loop_
_pdbx_audit_revision_category.ordinal 
_pdbx_audit_revision_category.revision_ordinal 
_pdbx_audit_revision_category.data_content_type 
_pdbx_audit_revision_category.category 
1 3 'Structure model' chem_comp_atom                
2 3 'Structure model' chem_comp_bond                
3 3 'Structure model' database_2                    
4 3 'Structure model' pdbx_initial_refinement_model 
5 3 'Structure model' struct_ref_seq_dif            
6 3 'Structure model' struct_site                   
# 
loop_
_pdbx_audit_revision_item.ordinal 
_pdbx_audit_revision_item.revision_ordinal 
_pdbx_audit_revision_item.data_content_type 
_pdbx_audit_revision_item.item 
1 3 'Structure model' '_database_2.pdbx_DOI'                
2 3 'Structure model' '_database_2.pdbx_database_accession' 
3 3 'Structure model' '_struct_ref_seq_dif.details'         
4 3 'Structure model' '_struct_site.pdbx_auth_asym_id'      
5 3 'Structure model' '_struct_site.pdbx_auth_comp_id'      
6 3 'Structure model' '_struct_site.pdbx_auth_seq_id'       
# 
loop_
_software.name 
_software.classification 
_software.version 
_software.citation_id 
_software.pdbx_ordinal 
MxCuBE   'data collection' . ? 1 
REFMAC   refinement        . ? 2 
HKL-2000 'data reduction'  . ? 3 
HKL-2000 'data scaling'    . ? 4 
REFMAC   phasing           . ? 5 
# 
loop_
_pdbx_validate_torsion.id 
_pdbx_validate_torsion.PDB_model_num 
_pdbx_validate_torsion.auth_comp_id 
_pdbx_validate_torsion.auth_asym_id 
_pdbx_validate_torsion.auth_seq_id 
_pdbx_validate_torsion.PDB_ins_code 
_pdbx_validate_torsion.label_alt_id 
_pdbx_validate_torsion.phi 
_pdbx_validate_torsion.psi 
1 1 TRP A 148 ? ? -95.17 43.40  
2 1 ASP A 149 ? ? 73.00  -29.11 
# 
loop_
_pdbx_unobs_or_zero_occ_residues.id 
_pdbx_unobs_or_zero_occ_residues.PDB_model_num 
_pdbx_unobs_or_zero_occ_residues.polymer_flag 
_pdbx_unobs_or_zero_occ_residues.occupancy_flag 
_pdbx_unobs_or_zero_occ_residues.auth_asym_id 
_pdbx_unobs_or_zero_occ_residues.auth_comp_id 
_pdbx_unobs_or_zero_occ_residues.auth_seq_id 
_pdbx_unobs_or_zero_occ_residues.PDB_ins_code 
_pdbx_unobs_or_zero_occ_residues.label_asym_id 
_pdbx_unobs_or_zero_occ_residues.label_comp_id 
_pdbx_unobs_or_zero_occ_residues.label_seq_id 
1 1 Y 1 A GLY -2  ? A GLY 1   
2 1 Y 1 A SER -1  ? A SER 2   
3 1 Y 1 A HIS 0   ? A HIS 3   
4 1 Y 1 A MET 1   ? A MET 4   
5 1 Y 1 A GLU 2   ? A GLU 5   
6 1 Y 1 A GLU 151 ? A GLU 154 
# 
loop_
_chem_comp_atom.comp_id 
_chem_comp_atom.atom_id 
_chem_comp_atom.type_symbol 
_chem_comp_atom.pdbx_aromatic_flag 
_chem_comp_atom.pdbx_stereo_config 
_chem_comp_atom.pdbx_ordinal 
ALA N    N  N N 1   
ALA CA   C  N S 2   
ALA C    C  N N 3   
ALA O    O  N N 4   
ALA CB   C  N N 5   
ALA OXT  O  N N 6   
ALA H    H  N N 7   
ALA H2   H  N N 8   
ALA HA   H  N N 9   
ALA HB1  H  N N 10  
ALA HB2  H  N N 11  
ALA HB3  H  N N 12  
ALA HXT  H  N N 13  
ARG N    N  N N 14  
ARG CA   C  N S 15  
ARG C    C  N N 16  
ARG O    O  N N 17  
ARG CB   C  N N 18  
ARG CG   C  N N 19  
ARG CD   C  N N 20  
ARG NE   N  N N 21  
ARG CZ   C  N N 22  
ARG NH1  N  N N 23  
ARG NH2  N  N N 24  
ARG OXT  O  N N 25  
ARG H    H  N N 26  
ARG H2   H  N N 27  
ARG HA   H  N N 28  
ARG HB2  H  N N 29  
ARG HB3  H  N N 30  
ARG HG2  H  N N 31  
ARG HG3  H  N N 32  
ARG HD2  H  N N 33  
ARG HD3  H  N N 34  
ARG HE   H  N N 35  
ARG HH11 H  N N 36  
ARG HH12 H  N N 37  
ARG HH21 H  N N 38  
ARG HH22 H  N N 39  
ARG HXT  H  N N 40  
ASN N    N  N N 41  
ASN CA   C  N S 42  
ASN C    C  N N 43  
ASN O    O  N N 44  
ASN CB   C  N N 45  
ASN CG   C  N N 46  
ASN OD1  O  N N 47  
ASN ND2  N  N N 48  
ASN OXT  O  N N 49  
ASN H    H  N N 50  
ASN H2   H  N N 51  
ASN HA   H  N N 52  
ASN HB2  H  N N 53  
ASN HB3  H  N N 54  
ASN HD21 H  N N 55  
ASN HD22 H  N N 56  
ASN HXT  H  N N 57  
ASP N    N  N N 58  
ASP CA   C  N S 59  
ASP C    C  N N 60  
ASP O    O  N N 61  
ASP CB   C  N N 62  
ASP CG   C  N N 63  
ASP OD1  O  N N 64  
ASP OD2  O  N N 65  
ASP OXT  O  N N 66  
ASP H    H  N N 67  
ASP H2   H  N N 68  
ASP HA   H  N N 69  
ASP HB2  H  N N 70  
ASP HB3  H  N N 71  
ASP HD2  H  N N 72  
ASP HXT  H  N N 73  
CYS N    N  N N 74  
CYS CA   C  N R 75  
CYS C    C  N N 76  
CYS O    O  N N 77  
CYS CB   C  N N 78  
CYS SG   S  N N 79  
CYS OXT  O  N N 80  
CYS H    H  N N 81  
CYS H2   H  N N 82  
CYS HA   H  N N 83  
CYS HB2  H  N N 84  
CYS HB3  H  N N 85  
CYS HG   H  N N 86  
CYS HXT  H  N N 87  
GLN N    N  N N 88  
GLN CA   C  N S 89  
GLN C    C  N N 90  
GLN O    O  N N 91  
GLN CB   C  N N 92  
GLN CG   C  N N 93  
GLN CD   C  N N 94  
GLN OE1  O  N N 95  
GLN NE2  N  N N 96  
GLN OXT  O  N N 97  
GLN H    H  N N 98  
GLN H2   H  N N 99  
GLN HA   H  N N 100 
GLN HB2  H  N N 101 
GLN HB3  H  N N 102 
GLN HG2  H  N N 103 
GLN HG3  H  N N 104 
GLN HE21 H  N N 105 
GLN HE22 H  N N 106 
GLN HXT  H  N N 107 
GLU N    N  N N 108 
GLU CA   C  N S 109 
GLU C    C  N N 110 
GLU O    O  N N 111 
GLU CB   C  N N 112 
GLU CG   C  N N 113 
GLU CD   C  N N 114 
GLU OE1  O  N N 115 
GLU OE2  O  N N 116 
GLU OXT  O  N N 117 
GLU H    H  N N 118 
GLU H2   H  N N 119 
GLU HA   H  N N 120 
GLU HB2  H  N N 121 
GLU HB3  H  N N 122 
GLU HG2  H  N N 123 
GLU HG3  H  N N 124 
GLU HE2  H  N N 125 
GLU HXT  H  N N 126 
GLY N    N  N N 127 
GLY CA   C  N N 128 
GLY C    C  N N 129 
GLY O    O  N N 130 
GLY OXT  O  N N 131 
GLY H    H  N N 132 
GLY H2   H  N N 133 
GLY HA2  H  N N 134 
GLY HA3  H  N N 135 
GLY HXT  H  N N 136 
HEM CHA  C  N N 137 
HEM CHB  C  N N 138 
HEM CHC  C  N N 139 
HEM CHD  C  N N 140 
HEM C1A  C  Y N 141 
HEM C2A  C  Y N 142 
HEM C3A  C  Y N 143 
HEM C4A  C  Y N 144 
HEM CMA  C  N N 145 
HEM CAA  C  N N 146 
HEM CBA  C  N N 147 
HEM CGA  C  N N 148 
HEM O1A  O  N N 149 
HEM O2A  O  N N 150 
HEM C1B  C  N N 151 
HEM C2B  C  N N 152 
HEM C3B  C  N N 153 
HEM C4B  C  N N 154 
HEM CMB  C  N N 155 
HEM CAB  C  N N 156 
HEM CBB  C  N N 157 
HEM C1C  C  Y N 158 
HEM C2C  C  Y N 159 
HEM C3C  C  Y N 160 
HEM C4C  C  Y N 161 
HEM CMC  C  N N 162 
HEM CAC  C  N N 163 
HEM CBC  C  N N 164 
HEM C1D  C  N N 165 
HEM C2D  C  N N 166 
HEM C3D  C  N N 167 
HEM C4D  C  N N 168 
HEM CMD  C  N N 169 
HEM CAD  C  N N 170 
HEM CBD  C  N N 171 
HEM CGD  C  N N 172 
HEM O1D  O  N N 173 
HEM O2D  O  N N 174 
HEM NA   N  Y N 175 
HEM NB   N  N N 176 
HEM NC   N  Y N 177 
HEM ND   N  N N 178 
HEM FE   FE N N 179 
HEM HHB  H  N N 180 
HEM HHC  H  N N 181 
HEM HHD  H  N N 182 
HEM HMA  H  N N 183 
HEM HMAA H  N N 184 
HEM HMAB H  N N 185 
HEM HAA  H  N N 186 
HEM HAAA H  N N 187 
HEM HBA  H  N N 188 
HEM HBAA H  N N 189 
HEM HMB  H  N N 190 
HEM HMBA H  N N 191 
HEM HMBB H  N N 192 
HEM HAB  H  N N 193 
HEM HBB  H  N N 194 
HEM HBBA H  N N 195 
HEM HMC  H  N N 196 
HEM HMCA H  N N 197 
HEM HMCB H  N N 198 
HEM HAC  H  N N 199 
HEM HBC  H  N N 200 
HEM HBCA H  N N 201 
HEM HMD  H  N N 202 
HEM HMDA H  N N 203 
HEM HMDB H  N N 204 
HEM HAD  H  N N 205 
HEM HADA H  N N 206 
HEM HBD  H  N N 207 
HEM HBDA H  N N 208 
HEM H2A  H  N N 209 
HEM H2D  H  N N 210 
HEM HHA  H  N N 211 
HIS N    N  N N 212 
HIS CA   C  N S 213 
HIS C    C  N N 214 
HIS O    O  N N 215 
HIS CB   C  N N 216 
HIS CG   C  Y N 217 
HIS ND1  N  Y N 218 
HIS CD2  C  Y N 219 
HIS CE1  C  Y N 220 
HIS NE2  N  Y N 221 
HIS OXT  O  N N 222 
HIS H    H  N N 223 
HIS H2   H  N N 224 
HIS HA   H  N N 225 
HIS HB2  H  N N 226 
HIS HB3  H  N N 227 
HIS HD1  H  N N 228 
HIS HD2  H  N N 229 
HIS HE1  H  N N 230 
HIS HE2  H  N N 231 
HIS HXT  H  N N 232 
HOH O    O  N N 233 
HOH H1   H  N N 234 
HOH H2   H  N N 235 
ILE N    N  N N 236 
ILE CA   C  N S 237 
ILE C    C  N N 238 
ILE O    O  N N 239 
ILE CB   C  N S 240 
ILE CG1  C  N N 241 
ILE CG2  C  N N 242 
ILE CD1  C  N N 243 
ILE OXT  O  N N 244 
ILE H    H  N N 245 
ILE H2   H  N N 246 
ILE HA   H  N N 247 
ILE HB   H  N N 248 
ILE HG12 H  N N 249 
ILE HG13 H  N N 250 
ILE HG21 H  N N 251 
ILE HG22 H  N N 252 
ILE HG23 H  N N 253 
ILE HD11 H  N N 254 
ILE HD12 H  N N 255 
ILE HD13 H  N N 256 
ILE HXT  H  N N 257 
LEU N    N  N N 258 
LEU CA   C  N S 259 
LEU C    C  N N 260 
LEU O    O  N N 261 
LEU CB   C  N N 262 
LEU CG   C  N N 263 
LEU CD1  C  N N 264 
LEU CD2  C  N N 265 
LEU OXT  O  N N 266 
LEU H    H  N N 267 
LEU H2   H  N N 268 
LEU HA   H  N N 269 
LEU HB2  H  N N 270 
LEU HB3  H  N N 271 
LEU HG   H  N N 272 
LEU HD11 H  N N 273 
LEU HD12 H  N N 274 
LEU HD13 H  N N 275 
LEU HD21 H  N N 276 
LEU HD22 H  N N 277 
LEU HD23 H  N N 278 
LEU HXT  H  N N 279 
LYS N    N  N N 280 
LYS CA   C  N S 281 
LYS C    C  N N 282 
LYS O    O  N N 283 
LYS CB   C  N N 284 
LYS CG   C  N N 285 
LYS CD   C  N N 286 
LYS CE   C  N N 287 
LYS NZ   N  N N 288 
LYS OXT  O  N N 289 
LYS H    H  N N 290 
LYS H2   H  N N 291 
LYS HA   H  N N 292 
LYS HB2  H  N N 293 
LYS HB3  H  N N 294 
LYS HG2  H  N N 295 
LYS HG3  H  N N 296 
LYS HD2  H  N N 297 
LYS HD3  H  N N 298 
LYS HE2  H  N N 299 
LYS HE3  H  N N 300 
LYS HZ1  H  N N 301 
LYS HZ2  H  N N 302 
LYS HZ3  H  N N 303 
LYS HXT  H  N N 304 
MET N    N  N N 305 
MET CA   C  N S 306 
MET C    C  N N 307 
MET O    O  N N 308 
MET CB   C  N N 309 
MET CG   C  N N 310 
MET SD   S  N N 311 
MET CE   C  N N 312 
MET OXT  O  N N 313 
MET H    H  N N 314 
MET H2   H  N N 315 
MET HA   H  N N 316 
MET HB2  H  N N 317 
MET HB3  H  N N 318 
MET HG2  H  N N 319 
MET HG3  H  N N 320 
MET HE1  H  N N 321 
MET HE2  H  N N 322 
MET HE3  H  N N 323 
MET HXT  H  N N 324 
N2O O3   O  N N 325 
N2O N2   N  N N 326 
N2O N1   N  N N 327 
PHE N    N  N N 328 
PHE CA   C  N S 329 
PHE C    C  N N 330 
PHE O    O  N N 331 
PHE CB   C  N N 332 
PHE CG   C  Y N 333 
PHE CD1  C  Y N 334 
PHE CD2  C  Y N 335 
PHE CE1  C  Y N 336 
PHE CE2  C  Y N 337 
PHE CZ   C  Y N 338 
PHE OXT  O  N N 339 
PHE H    H  N N 340 
PHE H2   H  N N 341 
PHE HA   H  N N 342 
PHE HB2  H  N N 343 
PHE HB3  H  N N 344 
PHE HD1  H  N N 345 
PHE HD2  H  N N 346 
PHE HE1  H  N N 347 
PHE HE2  H  N N 348 
PHE HZ   H  N N 349 
PHE HXT  H  N N 350 
PRO N    N  N N 351 
PRO CA   C  N S 352 
PRO C    C  N N 353 
PRO O    O  N N 354 
PRO CB   C  N N 355 
PRO CG   C  N N 356 
PRO CD   C  N N 357 
PRO OXT  O  N N 358 
PRO H    H  N N 359 
PRO HA   H  N N 360 
PRO HB2  H  N N 361 
PRO HB3  H  N N 362 
PRO HG2  H  N N 363 
PRO HG3  H  N N 364 
PRO HD2  H  N N 365 
PRO HD3  H  N N 366 
PRO HXT  H  N N 367 
SER N    N  N N 368 
SER CA   C  N S 369 
SER C    C  N N 370 
SER O    O  N N 371 
SER CB   C  N N 372 
SER OG   O  N N 373 
SER OXT  O  N N 374 
SER H    H  N N 375 
SER H2   H  N N 376 
SER HA   H  N N 377 
SER HB2  H  N N 378 
SER HB3  H  N N 379 
SER HG   H  N N 380 
SER HXT  H  N N 381 
SO4 S    S  N N 382 
SO4 O1   O  N N 383 
SO4 O2   O  N N 384 
SO4 O3   O  N N 385 
SO4 O4   O  N N 386 
THR N    N  N N 387 
THR CA   C  N S 388 
THR C    C  N N 389 
THR O    O  N N 390 
THR CB   C  N R 391 
THR OG1  O  N N 392 
THR CG2  C  N N 393 
THR OXT  O  N N 394 
THR H    H  N N 395 
THR H2   H  N N 396 
THR HA   H  N N 397 
THR HB   H  N N 398 
THR HG1  H  N N 399 
THR HG21 H  N N 400 
THR HG22 H  N N 401 
THR HG23 H  N N 402 
THR HXT  H  N N 403 
TRP N    N  N N 404 
TRP CA   C  N S 405 
TRP C    C  N N 406 
TRP O    O  N N 407 
TRP CB   C  N N 408 
TRP CG   C  Y N 409 
TRP CD1  C  Y N 410 
TRP CD2  C  Y N 411 
TRP NE1  N  Y N 412 
TRP CE2  C  Y N 413 
TRP CE3  C  Y N 414 
TRP CZ2  C  Y N 415 
TRP CZ3  C  Y N 416 
TRP CH2  C  Y N 417 
TRP OXT  O  N N 418 
TRP H    H  N N 419 
TRP H2   H  N N 420 
TRP HA   H  N N 421 
TRP HB2  H  N N 422 
TRP HB3  H  N N 423 
TRP HD1  H  N N 424 
TRP HE1  H  N N 425 
TRP HE3  H  N N 426 
TRP HZ2  H  N N 427 
TRP HZ3  H  N N 428 
TRP HH2  H  N N 429 
TRP HXT  H  N N 430 
TYR N    N  N N 431 
TYR CA   C  N S 432 
TYR C    C  N N 433 
TYR O    O  N N 434 
TYR CB   C  N N 435 
TYR CG   C  Y N 436 
TYR CD1  C  Y N 437 
TYR CD2  C  Y N 438 
TYR CE1  C  Y N 439 
TYR CE2  C  Y N 440 
TYR CZ   C  Y N 441 
TYR OH   O  N N 442 
TYR OXT  O  N N 443 
TYR H    H  N N 444 
TYR H2   H  N N 445 
TYR HA   H  N N 446 
TYR HB2  H  N N 447 
TYR HB3  H  N N 448 
TYR HD1  H  N N 449 
TYR HD2  H  N N 450 
TYR HE1  H  N N 451 
TYR HE2  H  N N 452 
TYR HH   H  N N 453 
TYR HXT  H  N N 454 
VAL N    N  N N 455 
VAL CA   C  N S 456 
VAL C    C  N N 457 
VAL O    O  N N 458 
VAL CB   C  N N 459 
VAL CG1  C  N N 460 
VAL CG2  C  N N 461 
VAL OXT  O  N N 462 
VAL H    H  N N 463 
VAL H2   H  N N 464 
VAL HA   H  N N 465 
VAL HB   H  N N 466 
VAL HG11 H  N N 467 
VAL HG12 H  N N 468 
VAL HG13 H  N N 469 
VAL HG21 H  N N 470 
VAL HG22 H  N N 471 
VAL HG23 H  N N 472 
VAL HXT  H  N N 473 
# 
loop_
_chem_comp_bond.comp_id 
_chem_comp_bond.atom_id_1 
_chem_comp_bond.atom_id_2 
_chem_comp_bond.value_order 
_chem_comp_bond.pdbx_aromatic_flag 
_chem_comp_bond.pdbx_stereo_config 
_chem_comp_bond.pdbx_ordinal 
ALA N   CA   sing N N 1   
ALA N   H    sing N N 2   
ALA N   H2   sing N N 3   
ALA CA  C    sing N N 4   
ALA CA  CB   sing N N 5   
ALA CA  HA   sing N N 6   
ALA C   O    doub N N 7   
ALA C   OXT  sing N N 8   
ALA CB  HB1  sing N N 9   
ALA CB  HB2  sing N N 10  
ALA CB  HB3  sing N N 11  
ALA OXT HXT  sing N N 12  
ARG N   CA   sing N N 13  
ARG N   H    sing N N 14  
ARG N   H2   sing N N 15  
ARG CA  C    sing N N 16  
ARG CA  CB   sing N N 17  
ARG CA  HA   sing N N 18  
ARG C   O    doub N N 19  
ARG C   OXT  sing N N 20  
ARG CB  CG   sing N N 21  
ARG CB  HB2  sing N N 22  
ARG CB  HB3  sing N N 23  
ARG CG  CD   sing N N 24  
ARG CG  HG2  sing N N 25  
ARG CG  HG3  sing N N 26  
ARG CD  NE   sing N N 27  
ARG CD  HD2  sing N N 28  
ARG CD  HD3  sing N N 29  
ARG NE  CZ   sing N N 30  
ARG NE  HE   sing N N 31  
ARG CZ  NH1  sing N N 32  
ARG CZ  NH2  doub N N 33  
ARG NH1 HH11 sing N N 34  
ARG NH1 HH12 sing N N 35  
ARG NH2 HH21 sing N N 36  
ARG NH2 HH22 sing N N 37  
ARG OXT HXT  sing N N 38  
ASN N   CA   sing N N 39  
ASN N   H    sing N N 40  
ASN N   H2   sing N N 41  
ASN CA  C    sing N N 42  
ASN CA  CB   sing N N 43  
ASN CA  HA   sing N N 44  
ASN C   O    doub N N 45  
ASN C   OXT  sing N N 46  
ASN CB  CG   sing N N 47  
ASN CB  HB2  sing N N 48  
ASN CB  HB3  sing N N 49  
ASN CG  OD1  doub N N 50  
ASN CG  ND2  sing N N 51  
ASN ND2 HD21 sing N N 52  
ASN ND2 HD22 sing N N 53  
ASN OXT HXT  sing N N 54  
ASP N   CA   sing N N 55  
ASP N   H    sing N N 56  
ASP N   H2   sing N N 57  
ASP CA  C    sing N N 58  
ASP CA  CB   sing N N 59  
ASP CA  HA   sing N N 60  
ASP C   O    doub N N 61  
ASP C   OXT  sing N N 62  
ASP CB  CG   sing N N 63  
ASP CB  HB2  sing N N 64  
ASP CB  HB3  sing N N 65  
ASP CG  OD1  doub N N 66  
ASP CG  OD2  sing N N 67  
ASP OD2 HD2  sing N N 68  
ASP OXT HXT  sing N N 69  
CYS N   CA   sing N N 70  
CYS N   H    sing N N 71  
CYS N   H2   sing N N 72  
CYS CA  C    sing N N 73  
CYS CA  CB   sing N N 74  
CYS CA  HA   sing N N 75  
CYS C   O    doub N N 76  
CYS C   OXT  sing N N 77  
CYS CB  SG   sing N N 78  
CYS CB  HB2  sing N N 79  
CYS CB  HB3  sing N N 80  
CYS SG  HG   sing N N 81  
CYS OXT HXT  sing N N 82  
GLN N   CA   sing N N 83  
GLN N   H    sing N N 84  
GLN N   H2   sing N N 85  
GLN CA  C    sing N N 86  
GLN CA  CB   sing N N 87  
GLN CA  HA   sing N N 88  
GLN C   O    doub N N 89  
GLN C   OXT  sing N N 90  
GLN CB  CG   sing N N 91  
GLN CB  HB2  sing N N 92  
GLN CB  HB3  sing N N 93  
GLN CG  CD   sing N N 94  
GLN CG  HG2  sing N N 95  
GLN CG  HG3  sing N N 96  
GLN CD  OE1  doub N N 97  
GLN CD  NE2  sing N N 98  
GLN NE2 HE21 sing N N 99  
GLN NE2 HE22 sing N N 100 
GLN OXT HXT  sing N N 101 
GLU N   CA   sing N N 102 
GLU N   H    sing N N 103 
GLU N   H2   sing N N 104 
GLU CA  C    sing N N 105 
GLU CA  CB   sing N N 106 
GLU CA  HA   sing N N 107 
GLU C   O    doub N N 108 
GLU C   OXT  sing N N 109 
GLU CB  CG   sing N N 110 
GLU CB  HB2  sing N N 111 
GLU CB  HB3  sing N N 112 
GLU CG  CD   sing N N 113 
GLU CG  HG2  sing N N 114 
GLU CG  HG3  sing N N 115 
GLU CD  OE1  doub N N 116 
GLU CD  OE2  sing N N 117 
GLU OE2 HE2  sing N N 118 
GLU OXT HXT  sing N N 119 
GLY N   CA   sing N N 120 
GLY N   H    sing N N 121 
GLY N   H2   sing N N 122 
GLY CA  C    sing N N 123 
GLY CA  HA2  sing N N 124 
GLY CA  HA3  sing N N 125 
GLY C   O    doub N N 126 
GLY C   OXT  sing N N 127 
GLY OXT HXT  sing N N 128 
HEM CHA C1A  sing N N 129 
HEM CHA C4D  doub N N 130 
HEM CHA HHA  sing N N 131 
HEM CHB C4A  sing N N 132 
HEM CHB C1B  doub N N 133 
HEM CHB HHB  sing N N 134 
HEM CHC C4B  sing N N 135 
HEM CHC C1C  doub N N 136 
HEM CHC HHC  sing N N 137 
HEM CHD C4C  doub N N 138 
HEM CHD C1D  sing N N 139 
HEM CHD HHD  sing N N 140 
HEM C1A C2A  doub Y N 141 
HEM C1A NA   sing Y N 142 
HEM C2A C3A  sing Y N 143 
HEM C2A CAA  sing N N 144 
HEM C3A C4A  doub Y N 145 
HEM C3A CMA  sing N N 146 
HEM C4A NA   sing Y N 147 
HEM CMA HMA  sing N N 148 
HEM CMA HMAA sing N N 149 
HEM CMA HMAB sing N N 150 
HEM CAA CBA  sing N N 151 
HEM CAA HAA  sing N N 152 
HEM CAA HAAA sing N N 153 
HEM CBA CGA  sing N N 154 
HEM CBA HBA  sing N N 155 
HEM CBA HBAA sing N N 156 
HEM CGA O1A  doub N N 157 
HEM CGA O2A  sing N N 158 
HEM C1B C2B  sing N N 159 
HEM C1B NB   sing N N 160 
HEM C2B C3B  doub N N 161 
HEM C2B CMB  sing N N 162 
HEM C3B C4B  sing N N 163 
HEM C3B CAB  sing N N 164 
HEM C4B NB   doub N N 165 
HEM CMB HMB  sing N N 166 
HEM CMB HMBA sing N N 167 
HEM CMB HMBB sing N N 168 
HEM CAB CBB  doub N N 169 
HEM CAB HAB  sing N N 170 
HEM CBB HBB  sing N N 171 
HEM CBB HBBA sing N N 172 
HEM C1C C2C  sing Y N 173 
HEM C1C NC   sing Y N 174 
HEM C2C C3C  doub Y N 175 
HEM C2C CMC  sing N N 176 
HEM C3C C4C  sing Y N 177 
HEM C3C CAC  sing N N 178 
HEM C4C NC   sing Y N 179 
HEM CMC HMC  sing N N 180 
HEM CMC HMCA sing N N 181 
HEM CMC HMCB sing N N 182 
HEM CAC CBC  doub N N 183 
HEM CAC HAC  sing N N 184 
HEM CBC HBC  sing N N 185 
HEM CBC HBCA sing N N 186 
HEM C1D C2D  sing N N 187 
HEM C1D ND   doub N N 188 
HEM C2D C3D  doub N N 189 
HEM C2D CMD  sing N N 190 
HEM C3D C4D  sing N N 191 
HEM C3D CAD  sing N N 192 
HEM C4D ND   sing N N 193 
HEM CMD HMD  sing N N 194 
HEM CMD HMDA sing N N 195 
HEM CMD HMDB sing N N 196 
HEM CAD CBD  sing N N 197 
HEM CAD HAD  sing N N 198 
HEM CAD HADA sing N N 199 
HEM CBD CGD  sing N N 200 
HEM CBD HBD  sing N N 201 
HEM CBD HBDA sing N N 202 
HEM CGD O1D  doub N N 203 
HEM CGD O2D  sing N N 204 
HEM O2A H2A  sing N N 205 
HEM O2D H2D  sing N N 206 
HEM FE  NA   sing N N 207 
HEM FE  NB   sing N N 208 
HEM FE  NC   sing N N 209 
HEM FE  ND   sing N N 210 
HIS N   CA   sing N N 211 
HIS N   H    sing N N 212 
HIS N   H2   sing N N 213 
HIS CA  C    sing N N 214 
HIS CA  CB   sing N N 215 
HIS CA  HA   sing N N 216 
HIS C   O    doub N N 217 
HIS C   OXT  sing N N 218 
HIS CB  CG   sing N N 219 
HIS CB  HB2  sing N N 220 
HIS CB  HB3  sing N N 221 
HIS CG  ND1  sing Y N 222 
HIS CG  CD2  doub Y N 223 
HIS ND1 CE1  doub Y N 224 
HIS ND1 HD1  sing N N 225 
HIS CD2 NE2  sing Y N 226 
HIS CD2 HD2  sing N N 227 
HIS CE1 NE2  sing Y N 228 
HIS CE1 HE1  sing N N 229 
HIS NE2 HE2  sing N N 230 
HIS OXT HXT  sing N N 231 
HOH O   H1   sing N N 232 
HOH O   H2   sing N N 233 
ILE N   CA   sing N N 234 
ILE N   H    sing N N 235 
ILE N   H2   sing N N 236 
ILE CA  C    sing N N 237 
ILE CA  CB   sing N N 238 
ILE CA  HA   sing N N 239 
ILE C   O    doub N N 240 
ILE C   OXT  sing N N 241 
ILE CB  CG1  sing N N 242 
ILE CB  CG2  sing N N 243 
ILE CB  HB   sing N N 244 
ILE CG1 CD1  sing N N 245 
ILE CG1 HG12 sing N N 246 
ILE CG1 HG13 sing N N 247 
ILE CG2 HG21 sing N N 248 
ILE CG2 HG22 sing N N 249 
ILE CG2 HG23 sing N N 250 
ILE CD1 HD11 sing N N 251 
ILE CD1 HD12 sing N N 252 
ILE CD1 HD13 sing N N 253 
ILE OXT HXT  sing N N 254 
LEU N   CA   sing N N 255 
LEU N   H    sing N N 256 
LEU N   H2   sing N N 257 
LEU CA  C    sing N N 258 
LEU CA  CB   sing N N 259 
LEU CA  HA   sing N N 260 
LEU C   O    doub N N 261 
LEU C   OXT  sing N N 262 
LEU CB  CG   sing N N 263 
LEU CB  HB2  sing N N 264 
LEU CB  HB3  sing N N 265 
LEU CG  CD1  sing N N 266 
LEU CG  CD2  sing N N 267 
LEU CG  HG   sing N N 268 
LEU CD1 HD11 sing N N 269 
LEU CD1 HD12 sing N N 270 
LEU CD1 HD13 sing N N 271 
LEU CD2 HD21 sing N N 272 
LEU CD2 HD22 sing N N 273 
LEU CD2 HD23 sing N N 274 
LEU OXT HXT  sing N N 275 
LYS N   CA   sing N N 276 
LYS N   H    sing N N 277 
LYS N   H2   sing N N 278 
LYS CA  C    sing N N 279 
LYS CA  CB   sing N N 280 
LYS CA  HA   sing N N 281 
LYS C   O    doub N N 282 
LYS C   OXT  sing N N 283 
LYS CB  CG   sing N N 284 
LYS CB  HB2  sing N N 285 
LYS CB  HB3  sing N N 286 
LYS CG  CD   sing N N 287 
LYS CG  HG2  sing N N 288 
LYS CG  HG3  sing N N 289 
LYS CD  CE   sing N N 290 
LYS CD  HD2  sing N N 291 
LYS CD  HD3  sing N N 292 
LYS CE  NZ   sing N N 293 
LYS CE  HE2  sing N N 294 
LYS CE  HE3  sing N N 295 
LYS NZ  HZ1  sing N N 296 
LYS NZ  HZ2  sing N N 297 
LYS NZ  HZ3  sing N N 298 
LYS OXT HXT  sing N N 299 
MET N   CA   sing N N 300 
MET N   H    sing N N 301 
MET N   H2   sing N N 302 
MET CA  C    sing N N 303 
MET CA  CB   sing N N 304 
MET CA  HA   sing N N 305 
MET C   O    doub N N 306 
MET C   OXT  sing N N 307 
MET CB  CG   sing N N 308 
MET CB  HB2  sing N N 309 
MET CB  HB3  sing N N 310 
MET CG  SD   sing N N 311 
MET CG  HG2  sing N N 312 
MET CG  HG3  sing N N 313 
MET SD  CE   sing N N 314 
MET CE  HE1  sing N N 315 
MET CE  HE2  sing N N 316 
MET CE  HE3  sing N N 317 
MET OXT HXT  sing N N 318 
N2O O3  N2   sing N N 319 
N2O N2  N1   trip N N 320 
PHE N   CA   sing N N 321 
PHE N   H    sing N N 322 
PHE N   H2   sing N N 323 
PHE CA  C    sing N N 324 
PHE CA  CB   sing N N 325 
PHE CA  HA   sing N N 326 
PHE C   O    doub N N 327 
PHE C   OXT  sing N N 328 
PHE CB  CG   sing N N 329 
PHE CB  HB2  sing N N 330 
PHE CB  HB3  sing N N 331 
PHE CG  CD1  doub Y N 332 
PHE CG  CD2  sing Y N 333 
PHE CD1 CE1  sing Y N 334 
PHE CD1 HD1  sing N N 335 
PHE CD2 CE2  doub Y N 336 
PHE CD2 HD2  sing N N 337 
PHE CE1 CZ   doub Y N 338 
PHE CE1 HE1  sing N N 339 
PHE CE2 CZ   sing Y N 340 
PHE CE2 HE2  sing N N 341 
PHE CZ  HZ   sing N N 342 
PHE OXT HXT  sing N N 343 
PRO N   CA   sing N N 344 
PRO N   CD   sing N N 345 
PRO N   H    sing N N 346 
PRO CA  C    sing N N 347 
PRO CA  CB   sing N N 348 
PRO CA  HA   sing N N 349 
PRO C   O    doub N N 350 
PRO C   OXT  sing N N 351 
PRO CB  CG   sing N N 352 
PRO CB  HB2  sing N N 353 
PRO CB  HB3  sing N N 354 
PRO CG  CD   sing N N 355 
PRO CG  HG2  sing N N 356 
PRO CG  HG3  sing N N 357 
PRO CD  HD2  sing N N 358 
PRO CD  HD3  sing N N 359 
PRO OXT HXT  sing N N 360 
SER N   CA   sing N N 361 
SER N   H    sing N N 362 
SER N   H2   sing N N 363 
SER CA  C    sing N N 364 
SER CA  CB   sing N N 365 
SER CA  HA   sing N N 366 
SER C   O    doub N N 367 
SER C   OXT  sing N N 368 
SER CB  OG   sing N N 369 
SER CB  HB2  sing N N 370 
SER CB  HB3  sing N N 371 
SER OG  HG   sing N N 372 
SER OXT HXT  sing N N 373 
SO4 S   O1   doub N N 374 
SO4 S   O2   doub N N 375 
SO4 S   O3   sing N N 376 
SO4 S   O4   sing N N 377 
THR N   CA   sing N N 378 
THR N   H    sing N N 379 
THR N   H2   sing N N 380 
THR CA  C    sing N N 381 
THR CA  CB   sing N N 382 
THR CA  HA   sing N N 383 
THR C   O    doub N N 384 
THR C   OXT  sing N N 385 
THR CB  OG1  sing N N 386 
THR CB  CG2  sing N N 387 
THR CB  HB   sing N N 388 
THR OG1 HG1  sing N N 389 
THR CG2 HG21 sing N N 390 
THR CG2 HG22 sing N N 391 
THR CG2 HG23 sing N N 392 
THR OXT HXT  sing N N 393 
TRP N   CA   sing N N 394 
TRP N   H    sing N N 395 
TRP N   H2   sing N N 396 
TRP CA  C    sing N N 397 
TRP CA  CB   sing N N 398 
TRP CA  HA   sing N N 399 
TRP C   O    doub N N 400 
TRP C   OXT  sing N N 401 
TRP CB  CG   sing N N 402 
TRP CB  HB2  sing N N 403 
TRP CB  HB3  sing N N 404 
TRP CG  CD1  doub Y N 405 
TRP CG  CD2  sing Y N 406 
TRP CD1 NE1  sing Y N 407 
TRP CD1 HD1  sing N N 408 
TRP CD2 CE2  doub Y N 409 
TRP CD2 CE3  sing Y N 410 
TRP NE1 CE2  sing Y N 411 
TRP NE1 HE1  sing N N 412 
TRP CE2 CZ2  sing Y N 413 
TRP CE3 CZ3  doub Y N 414 
TRP CE3 HE3  sing N N 415 
TRP CZ2 CH2  doub Y N 416 
TRP CZ2 HZ2  sing N N 417 
TRP CZ3 CH2  sing Y N 418 
TRP CZ3 HZ3  sing N N 419 
TRP CH2 HH2  sing N N 420 
TRP OXT HXT  sing N N 421 
TYR N   CA   sing N N 422 
TYR N   H    sing N N 423 
TYR N   H2   sing N N 424 
TYR CA  C    sing N N 425 
TYR CA  CB   sing N N 426 
TYR CA  HA   sing N N 427 
TYR C   O    doub N N 428 
TYR C   OXT  sing N N 429 
TYR CB  CG   sing N N 430 
TYR CB  HB2  sing N N 431 
TYR CB  HB3  sing N N 432 
TYR CG  CD1  doub Y N 433 
TYR CG  CD2  sing Y N 434 
TYR CD1 CE1  sing Y N 435 
TYR CD1 HD1  sing N N 436 
TYR CD2 CE2  doub Y N 437 
TYR CD2 HD2  sing N N 438 
TYR CE1 CZ   doub Y N 439 
TYR CE1 HE1  sing N N 440 
TYR CE2 CZ   sing Y N 441 
TYR CE2 HE2  sing N N 442 
TYR CZ  OH   sing N N 443 
TYR OH  HH   sing N N 444 
TYR OXT HXT  sing N N 445 
VAL N   CA   sing N N 446 
VAL N   H    sing N N 447 
VAL N   H2   sing N N 448 
VAL CA  C    sing N N 449 
VAL CA  CB   sing N N 450 
VAL CA  HA   sing N N 451 
VAL C   O    doub N N 452 
VAL C   OXT  sing N N 453 
VAL CB  CG1  sing N N 454 
VAL CB  CG2  sing N N 455 
VAL CB  HB   sing N N 456 
VAL CG1 HG11 sing N N 457 
VAL CG1 HG12 sing N N 458 
VAL CG1 HG13 sing N N 459 
VAL CG2 HG21 sing N N 460 
VAL CG2 HG22 sing N N 461 
VAL CG2 HG23 sing N N 462 
VAL OXT HXT  sing N N 463 
# 
loop_
_pdbx_entity_nonpoly.entity_id 
_pdbx_entity_nonpoly.name 
_pdbx_entity_nonpoly.comp_id 
2 'PROTOPORPHYRIN IX CONTAINING FE' HEM 
3 'SULFATE ION'                     SO4 
4 'NITROUS OXIDE'                   N2O 
5 water                             HOH 
# 
_pdbx_initial_refinement_model.id               1 
_pdbx_initial_refinement_model.entity_id_list   ? 
_pdbx_initial_refinement_model.type             'experimental model' 
_pdbx_initial_refinement_model.source_name      PDB 
_pdbx_initial_refinement_model.accession_code   3GKT 
_pdbx_initial_refinement_model.details          ? 
# 
